data_8JQ3
#
_entry.id   8JQ3
#
_cell.length_a   89.700
_cell.length_b   139.940
_cell.length_c   147.310
_cell.angle_alpha   90.00
_cell.angle_beta   90.00
_cell.angle_gamma   90.00
#
_symmetry.space_group_name_H-M   'P 21 21 21'
#
loop_
_entity.id
_entity.type
_entity.pdbx_description
1 polymer 'L-rhamnose isomerase'
2 non-polymer 'MANGANESE (II) ION'
3 water water
#
_entity_poly.entity_id   1
_entity_poly.type   'polypeptide(L)'
_entity_poly.pdbx_seq_one_letter_code
;MVKPEEVDKAYEVAKQRYAEIGVDTDAAMKELEKVPLSVHCWQGDDIHGFLFPNQELTGGIGVSGNYPGIARTPDELAGD
MHEALSLIPGKHRVQLHAIYAVTDKKRDLDTLEPEDFDYWIDWAKQEGVGLDFNGTFFSHPMVKDNMTVSSPDPKVRDFW
IRHGKISREISNYIGEKLGSQVVNNFWLPDGFKDNPIDKKTPRLRLLKALDEIIKDPLPEKNTIESFEGKLFGTGIESYT
TGSHEFYQNYAISRNKLWTIDAGHFHPTEDVSDKFSAFFPFGKGLFMHVSRPVRWDSDHVVIMDDALIRITRSLVRDGYL
DRTHIGLDFFDATINRVAAWVVGARATQKSLLQAMLAPIDQLKKDELNADFTTRLIETEELKSFPFGAVWDKFCQDHNTP
VGFDWMNNIHQYEKDVQFKRDAKLVHGSHHHHHH
;
_entity_poly.pdbx_strand_id   A,B,C,D
#
loop_
_chem_comp.id
_chem_comp.type
_chem_comp.name
_chem_comp.formula
MN non-polymer 'MANGANESE (II) ION' 'Mn 2'
#
# COMPACT_ATOMS: atom_id res chain seq x y z
N MET A 1 -21.10 38.53 -3.26
CA MET A 1 -21.08 38.09 -4.68
C MET A 1 -19.79 38.58 -5.35
N VAL A 2 -19.19 37.74 -6.20
CA VAL A 2 -18.02 38.13 -7.03
C VAL A 2 -18.48 39.19 -8.05
N LYS A 3 -17.68 40.24 -8.25
CA LYS A 3 -17.99 41.33 -9.22
C LYS A 3 -17.49 40.88 -10.59
N PRO A 4 -18.38 40.74 -11.60
CA PRO A 4 -17.97 40.33 -12.94
C PRO A 4 -16.80 41.11 -13.54
N GLU A 5 -16.71 42.42 -13.27
CA GLU A 5 -15.60 43.30 -13.71
C GLU A 5 -14.27 42.77 -13.15
N GLU A 6 -14.26 42.42 -11.86
CA GLU A 6 -13.13 41.79 -11.14
C GLU A 6 -12.65 40.57 -11.94
N VAL A 7 -13.56 39.64 -12.22
CA VAL A 7 -13.28 38.40 -13.00
C VAL A 7 -12.63 38.80 -14.33
N ASP A 8 -13.29 39.70 -15.07
CA ASP A 8 -12.82 40.17 -16.41
C ASP A 8 -11.41 40.77 -16.27
N LYS A 9 -11.21 41.62 -15.26
CA LYS A 9 -9.89 42.23 -14.92
C LYS A 9 -8.85 41.13 -14.74
N ALA A 10 -9.04 40.29 -13.70
CA ALA A 10 -8.09 39.23 -13.29
C ALA A 10 -7.80 38.31 -14.49
N TYR A 11 -8.79 38.06 -15.35
CA TYR A 11 -8.63 37.19 -16.55
C TYR A 11 -7.62 37.81 -17.52
N GLU A 12 -7.76 39.11 -17.80
CA GLU A 12 -6.89 39.85 -18.75
C GLU A 12 -5.44 39.78 -18.27
N VAL A 13 -5.21 39.90 -16.96
CA VAL A 13 -3.86 39.82 -16.32
C VAL A 13 -3.33 38.40 -16.49
N ALA A 14 -4.18 37.40 -16.24
CA ALA A 14 -3.85 35.96 -16.35
C ALA A 14 -3.52 35.64 -17.81
N LYS A 15 -4.37 36.09 -18.73
CA LYS A 15 -4.19 35.91 -20.19
C LYS A 15 -2.76 36.29 -20.58
N GLN A 16 -2.25 37.40 -20.04
CA GLN A 16 -0.92 37.96 -20.39
C GLN A 16 0.19 37.13 -19.73
N ARG A 17 0.05 36.79 -18.44
CA ARG A 17 1.03 35.94 -17.71
C ARG A 17 1.24 34.63 -18.50
N TYR A 18 0.16 34.03 -19.00
CA TYR A 18 0.18 32.75 -19.76
C TYR A 18 0.74 32.98 -21.16
N ALA A 19 0.33 34.07 -21.83
CA ALA A 19 0.84 34.47 -23.16
C ALA A 19 2.36 34.60 -23.11
N GLU A 20 2.89 35.19 -22.04
CA GLU A 20 4.35 35.41 -21.82
C GLU A 20 5.10 34.07 -21.87
N ILE A 21 4.44 32.96 -21.51
CA ILE A 21 5.09 31.60 -21.50
C ILE A 21 4.57 30.75 -22.67
N GLY A 22 3.88 31.38 -23.63
CA GLY A 22 3.43 30.72 -24.88
C GLY A 22 2.18 29.89 -24.68
N VAL A 23 1.29 30.29 -23.77
CA VAL A 23 -0.03 29.63 -23.56
C VAL A 23 -1.15 30.59 -23.97
N ASP A 24 -2.15 30.07 -24.69
CA ASP A 24 -3.35 30.82 -25.15
C ASP A 24 -4.55 30.45 -24.28
N THR A 25 -4.96 31.33 -23.36
CA THR A 25 -6.02 31.08 -22.36
C THR A 25 -7.37 30.96 -23.07
N ASP A 26 -7.61 31.76 -24.12
CA ASP A 26 -8.87 31.73 -24.90
C ASP A 26 -9.02 30.36 -25.54
N ALA A 27 -7.94 29.83 -26.13
CA ALA A 27 -7.88 28.50 -26.79
C ALA A 27 -8.11 27.38 -25.76
N ALA A 28 -7.51 27.49 -24.58
CA ALA A 28 -7.63 26.50 -23.48
C ALA A 28 -9.10 26.37 -23.07
N MET A 29 -9.83 27.48 -22.98
CA MET A 29 -11.25 27.48 -22.55
C MET A 29 -12.09 26.80 -23.63
N LYS A 30 -11.77 27.05 -24.91
CA LYS A 30 -12.45 26.42 -26.08
C LYS A 30 -12.26 24.90 -26.01
N GLU A 31 -11.06 24.44 -25.66
CA GLU A 31 -10.75 22.99 -25.53
C GLU A 31 -11.59 22.39 -24.39
N LEU A 32 -11.74 23.10 -23.27
CA LEU A 32 -12.47 22.59 -22.07
C LEU A 32 -13.95 22.39 -22.42
N GLU A 33 -14.56 23.28 -23.19
CA GLU A 33 -16.04 23.22 -23.42
C GLU A 33 -16.35 22.05 -24.35
N LYS A 34 -15.32 21.39 -24.92
CA LYS A 34 -15.47 20.20 -25.79
C LYS A 34 -15.34 18.91 -24.98
N VAL A 35 -15.25 18.98 -23.65
CA VAL A 35 -15.11 17.78 -22.77
C VAL A 35 -16.37 17.62 -21.93
N PRO A 36 -17.36 16.84 -22.40
CA PRO A 36 -18.55 16.56 -21.59
C PRO A 36 -18.25 15.55 -20.48
N LEU A 37 -18.79 15.79 -19.28
CA LEU A 37 -18.72 14.86 -18.13
C LEU A 37 -20.04 14.10 -18.03
N SER A 38 -19.99 12.78 -17.85
CA SER A 38 -21.18 11.91 -17.69
C SER A 38 -21.59 11.89 -16.22
N VAL A 39 -22.51 12.78 -15.85
CA VAL A 39 -23.04 12.93 -14.47
C VAL A 39 -23.92 11.71 -14.15
N HIS A 40 -23.55 10.94 -13.12
CA HIS A 40 -24.24 9.70 -12.69
C HIS A 40 -25.54 10.06 -11.98
N CYS A 41 -26.68 9.50 -12.43
CA CYS A 41 -28.02 9.82 -11.86
C CYS A 41 -28.15 9.32 -10.41
N TRP A 42 -27.42 8.26 -10.01
CA TRP A 42 -27.71 7.48 -8.78
C TRP A 42 -27.25 8.21 -7.51
N GLN A 43 -26.44 9.27 -7.62
CA GLN A 43 -26.01 10.10 -6.46
C GLN A 43 -27.23 10.83 -5.88
N GLY A 44 -28.26 11.04 -6.70
CA GLY A 44 -29.44 11.87 -6.37
C GLY A 44 -30.44 11.17 -5.47
N ASP A 45 -30.45 9.83 -5.46
CA ASP A 45 -31.48 9.03 -4.73
C ASP A 45 -30.82 7.79 -4.09
N ASP A 46 -29.53 7.86 -3.78
CA ASP A 46 -28.80 6.79 -3.05
C ASP A 46 -29.00 5.46 -3.79
N ILE A 47 -28.93 5.49 -5.12
CA ILE A 47 -28.99 4.28 -6.00
C ILE A 47 -30.25 3.45 -5.72
N HIS A 48 -31.35 4.07 -5.30
CA HIS A 48 -32.64 3.36 -5.07
C HIS A 48 -33.26 2.94 -6.41
N GLY A 49 -33.24 3.83 -7.41
CA GLY A 49 -33.95 3.63 -8.68
C GLY A 49 -35.45 3.64 -8.47
N PHE A 50 -36.22 3.16 -9.45
CA PHE A 50 -37.71 3.22 -9.45
C PHE A 50 -38.30 1.82 -9.63
N LEU A 51 -37.48 0.85 -10.06
CA LEU A 51 -37.94 -0.49 -10.50
C LEU A 51 -38.45 -1.30 -9.28
N PHE A 52 -37.68 -1.32 -8.20
CA PHE A 52 -37.96 -2.08 -6.95
C PHE A 52 -38.03 -1.13 -5.77
N PRO A 53 -39.23 -0.57 -5.48
CA PRO A 53 -39.38 0.45 -4.43
C PRO A 53 -38.76 0.09 -3.07
N SER A 64 -30.22 8.22 9.41
CA SER A 64 -29.06 8.34 10.33
C SER A 64 -27.95 9.09 9.58
N GLY A 65 -27.81 10.39 9.89
CA GLY A 65 -26.77 11.29 9.35
C GLY A 65 -26.82 11.36 7.84
N ASN A 66 -27.90 10.84 7.23
CA ASN A 66 -28.20 11.02 5.79
C ASN A 66 -28.81 12.40 5.58
N TYR A 67 -28.22 13.20 4.68
CA TYR A 67 -28.65 14.59 4.43
C TYR A 67 -30.10 14.60 3.96
N PRO A 68 -30.89 15.62 4.33
CA PRO A 68 -32.25 15.77 3.84
C PRO A 68 -32.35 15.98 2.32
N GLY A 69 -33.56 15.78 1.78
CA GLY A 69 -33.96 16.23 0.44
C GLY A 69 -33.73 15.19 -0.63
N ILE A 70 -33.53 13.92 -0.25
CA ILE A 70 -33.29 12.80 -1.21
C ILE A 70 -34.41 12.81 -2.24
N ALA A 71 -34.06 12.62 -3.52
CA ALA A 71 -35.04 12.45 -4.61
C ALA A 71 -35.75 11.10 -4.41
N ARG A 72 -37.05 11.04 -4.68
CA ARG A 72 -37.87 9.81 -4.46
C ARG A 72 -38.61 9.41 -5.74
N THR A 73 -38.69 10.33 -6.71
CA THR A 73 -39.44 10.11 -7.98
C THR A 73 -38.61 10.56 -9.17
N PRO A 74 -38.94 10.08 -10.40
CA PRO A 74 -38.27 10.54 -11.61
C PRO A 74 -38.25 12.08 -11.71
N ASP A 75 -39.40 12.72 -11.49
CA ASP A 75 -39.56 14.20 -11.60
C ASP A 75 -38.60 14.89 -10.61
N GLU A 76 -38.49 14.34 -9.41
CA GLU A 76 -37.61 14.89 -8.34
C GLU A 76 -36.15 14.69 -8.77
N LEU A 77 -35.80 13.51 -9.29
CA LEU A 77 -34.40 13.20 -9.70
C LEU A 77 -34.04 14.09 -10.89
N ALA A 78 -34.97 14.25 -11.84
CA ALA A 78 -34.80 15.06 -13.06
C ALA A 78 -34.50 16.50 -12.65
N GLY A 79 -35.32 17.08 -11.76
CA GLY A 79 -35.16 18.43 -11.23
C GLY A 79 -33.82 18.64 -10.53
N ASP A 80 -33.38 17.66 -9.74
CA ASP A 80 -32.09 17.70 -9.01
C ASP A 80 -30.93 17.73 -10.01
N MET A 81 -30.98 16.90 -11.05
CA MET A 81 -29.90 16.86 -12.08
C MET A 81 -29.92 18.17 -12.86
N HIS A 82 -31.10 18.72 -13.17
CA HIS A 82 -31.23 20.03 -13.85
C HIS A 82 -30.54 21.10 -13.01
N GLU A 83 -30.79 21.10 -11.70
CA GLU A 83 -30.21 22.08 -10.76
C GLU A 83 -28.69 21.97 -10.79
N ALA A 84 -28.16 20.75 -10.65
CA ALA A 84 -26.70 20.50 -10.60
C ALA A 84 -26.06 20.95 -11.91
N LEU A 85 -26.66 20.58 -13.05
CA LEU A 85 -26.13 20.94 -14.40
C LEU A 85 -26.16 22.46 -14.56
N SER A 86 -27.15 23.14 -13.99
CA SER A 86 -27.30 24.63 -14.08
C SER A 86 -26.10 25.32 -13.42
N LEU A 87 -25.39 24.62 -12.53
CA LEU A 87 -24.25 25.17 -11.74
C LEU A 87 -22.92 24.63 -12.27
N ILE A 88 -22.96 23.84 -13.33
CA ILE A 88 -21.75 23.24 -13.98
C ILE A 88 -21.62 23.87 -15.36
N PRO A 89 -20.54 24.65 -15.60
CA PRO A 89 -20.39 25.38 -16.85
C PRO A 89 -20.18 24.45 -18.05
N GLY A 90 -20.83 24.76 -19.17
CA GLY A 90 -20.73 24.01 -20.44
C GLY A 90 -21.83 22.99 -20.56
N LYS A 91 -21.72 22.10 -21.55
CA LYS A 91 -22.76 21.07 -21.85
C LYS A 91 -22.16 19.68 -21.58
N HIS A 92 -22.96 18.80 -20.99
CA HIS A 92 -22.49 17.53 -20.38
C HIS A 92 -23.46 16.41 -20.71
N ARG A 93 -23.33 15.29 -20.00
CA ARG A 93 -24.12 14.06 -20.26
C ARG A 93 -24.58 13.52 -18.90
N VAL A 94 -25.51 12.56 -18.93
CA VAL A 94 -26.04 11.85 -17.73
C VAL A 94 -25.92 10.35 -17.96
N GLN A 95 -25.40 9.62 -16.97
CA GLN A 95 -25.42 8.13 -16.92
C GLN A 95 -26.71 7.68 -16.22
N LEU A 96 -27.43 6.76 -16.84
CA LEU A 96 -28.59 6.07 -16.21
C LEU A 96 -28.14 4.68 -15.76
N HIS A 97 -28.80 4.14 -14.74
CA HIS A 97 -28.79 2.68 -14.41
C HIS A 97 -30.11 2.09 -14.84
N ALA A 98 -30.12 0.79 -15.13
CA ALA A 98 -31.31 0.05 -15.62
C ALA A 98 -32.48 0.22 -14.64
N ILE A 99 -32.19 0.32 -13.34
CA ILE A 99 -33.26 0.36 -12.29
C ILE A 99 -33.95 1.73 -12.32
N TYR A 100 -33.52 2.66 -13.19
CA TYR A 100 -34.10 4.02 -13.33
C TYR A 100 -35.13 4.04 -14.45
N ALA A 101 -35.53 2.86 -14.92
CA ALA A 101 -36.70 2.68 -15.81
C ALA A 101 -37.89 3.42 -15.22
N VAL A 102 -38.65 4.12 -16.08
CA VAL A 102 -39.91 4.82 -15.74
C VAL A 102 -41.06 4.19 -16.54
N THR A 103 -41.88 3.39 -15.87
CA THR A 103 -43.02 2.64 -16.47
C THR A 103 -44.01 2.27 -15.37
N ASP A 104 -45.29 2.14 -15.73
CA ASP A 104 -46.35 1.68 -14.80
C ASP A 104 -46.50 0.16 -14.96
N LYS A 105 -45.80 -0.45 -15.92
CA LYS A 105 -45.86 -1.91 -16.20
C LYS A 105 -45.03 -2.67 -15.16
N LYS A 106 -45.46 -3.89 -14.83
CA LYS A 106 -44.74 -4.84 -13.93
C LYS A 106 -43.47 -5.31 -14.65
N ARG A 107 -42.28 -4.97 -14.14
CA ARG A 107 -41.00 -5.31 -14.80
C ARG A 107 -40.05 -5.99 -13.81
N ASP A 108 -39.22 -6.89 -14.33
CA ASP A 108 -37.98 -7.37 -13.67
C ASP A 108 -36.82 -6.98 -14.58
N LEU A 109 -35.57 -7.24 -14.19
CA LEU A 109 -34.36 -6.83 -14.95
C LEU A 109 -34.30 -7.58 -16.29
N ASP A 110 -35.01 -8.71 -16.40
CA ASP A 110 -34.95 -9.58 -17.60
C ASP A 110 -36.16 -9.33 -18.50
N THR A 111 -37.00 -8.33 -18.19
CA THR A 111 -38.24 -8.02 -18.96
C THR A 111 -38.33 -6.52 -19.25
N LEU A 112 -37.29 -5.75 -18.94
CA LEU A 112 -37.24 -4.29 -19.23
C LEU A 112 -37.37 -4.09 -20.75
N GLU A 113 -38.06 -3.03 -21.17
CA GLU A 113 -38.22 -2.66 -22.60
C GLU A 113 -37.63 -1.27 -22.83
N PRO A 114 -37.09 -1.01 -24.03
CA PRO A 114 -36.54 0.31 -24.37
C PRO A 114 -37.48 1.48 -24.04
N GLU A 115 -38.79 1.32 -24.29
CA GLU A 115 -39.82 2.37 -24.08
C GLU A 115 -39.84 2.81 -22.60
N ASP A 116 -39.34 1.96 -21.71
CA ASP A 116 -39.30 2.25 -20.24
C ASP A 116 -38.32 3.39 -19.97
N PHE A 117 -37.60 3.84 -21.00
CA PHE A 117 -36.57 4.92 -20.89
C PHE A 117 -36.98 6.12 -21.73
N ASP A 118 -38.20 6.11 -22.29
CA ASP A 118 -38.78 7.26 -23.03
C ASP A 118 -38.74 8.50 -22.14
N TYR A 119 -39.07 8.35 -20.85
CA TYR A 119 -39.05 9.47 -19.88
C TYR A 119 -37.70 10.20 -19.97
N TRP A 120 -36.61 9.44 -19.90
CA TRP A 120 -35.22 9.96 -19.80
C TRP A 120 -34.76 10.54 -21.15
N ILE A 121 -35.14 9.90 -22.25
CA ILE A 121 -34.89 10.42 -23.63
C ILE A 121 -35.56 11.80 -23.77
N ASP A 122 -36.83 11.90 -23.41
CA ASP A 122 -37.61 13.17 -23.48
C ASP A 122 -36.89 14.22 -22.63
N TRP A 123 -36.52 13.86 -21.40
CA TRP A 123 -35.83 14.78 -20.46
C TRP A 123 -34.50 15.26 -21.05
N ALA A 124 -33.67 14.33 -21.52
CA ALA A 124 -32.30 14.62 -22.05
C ALA A 124 -32.38 15.55 -23.25
N LYS A 125 -33.38 15.40 -24.12
CA LYS A 125 -33.57 16.26 -25.32
C LYS A 125 -33.90 17.69 -24.87
N GLN A 126 -34.83 17.82 -23.92
CA GLN A 126 -35.26 19.12 -23.34
C GLN A 126 -34.08 19.74 -22.55
N GLU A 127 -33.35 18.92 -21.78
CA GLU A 127 -32.21 19.39 -20.95
C GLU A 127 -31.03 19.74 -21.86
N GLY A 128 -30.92 19.08 -23.03
CA GLY A 128 -29.85 19.30 -24.02
C GLY A 128 -28.58 18.52 -23.68
N VAL A 129 -28.72 17.29 -23.18
CA VAL A 129 -27.57 16.42 -22.79
C VAL A 129 -27.70 15.07 -23.48
N GLY A 130 -26.56 14.40 -23.69
CA GLY A 130 -26.48 12.99 -24.14
C GLY A 130 -26.66 12.07 -22.95
N LEU A 131 -26.91 10.78 -23.23
CA LEU A 131 -27.13 9.75 -22.19
C LEU A 131 -26.16 8.58 -22.39
N ASP A 132 -25.58 8.11 -21.29
CA ASP A 132 -24.81 6.85 -21.21
C ASP A 132 -25.63 5.90 -20.33
N PHE A 133 -25.31 4.60 -20.34
CA PHE A 133 -26.15 3.57 -19.68
C PHE A 133 -25.29 2.60 -18.87
N ASN A 134 -25.91 1.97 -17.90
CA ASN A 134 -25.34 0.87 -17.07
C ASN A 134 -26.43 -0.18 -16.85
N GLY A 135 -26.16 -1.44 -17.20
CA GLY A 135 -26.95 -2.58 -16.71
C GLY A 135 -26.82 -2.67 -15.20
N THR A 136 -27.85 -3.14 -14.50
CA THR A 136 -27.87 -3.23 -13.02
C THR A 136 -27.71 -4.68 -12.59
N PHE A 137 -26.49 -5.08 -12.24
CA PHE A 137 -26.10 -6.47 -11.87
C PHE A 137 -25.90 -6.59 -10.36
N PHE A 138 -26.71 -5.91 -9.55
CA PHE A 138 -26.60 -5.94 -8.07
C PHE A 138 -27.95 -5.67 -7.41
N SER A 139 -28.02 -5.86 -6.09
CA SER A 139 -29.21 -5.56 -5.24
C SER A 139 -30.43 -6.30 -5.81
N HIS A 140 -30.31 -7.61 -6.00
CA HIS A 140 -31.35 -8.46 -6.64
C HIS A 140 -31.25 -9.88 -6.11
N PRO A 141 -32.38 -10.55 -5.84
CA PRO A 141 -32.38 -11.91 -5.33
C PRO A 141 -31.65 -12.90 -6.25
N MET A 142 -31.48 -12.57 -7.53
CA MET A 142 -30.82 -13.45 -8.52
C MET A 142 -29.29 -13.26 -8.46
N VAL A 143 -28.80 -12.33 -7.63
CA VAL A 143 -27.37 -12.29 -7.23
C VAL A 143 -27.15 -13.43 -6.23
N LYS A 144 -26.56 -14.54 -6.69
CA LYS A 144 -26.34 -15.77 -5.89
C LYS A 144 -24.86 -15.86 -5.49
N ASP A 145 -24.58 -15.83 -4.19
CA ASP A 145 -23.19 -15.91 -3.66
C ASP A 145 -22.32 -14.89 -4.40
N ASN A 146 -22.83 -13.68 -4.61
CA ASN A 146 -22.08 -12.51 -5.16
C ASN A 146 -21.75 -12.72 -6.64
N MET A 147 -22.47 -13.60 -7.34
CA MET A 147 -22.20 -13.91 -8.76
C MET A 147 -23.49 -13.75 -9.60
N THR A 148 -23.33 -13.28 -10.83
CA THR A 148 -24.43 -12.92 -11.73
C THR A 148 -24.19 -13.63 -13.07
N VAL A 149 -23.55 -12.94 -14.01
CA VAL A 149 -23.24 -13.42 -15.38
C VAL A 149 -22.32 -14.66 -15.35
N SER A 150 -21.38 -14.70 -14.39
CA SER A 150 -20.32 -15.74 -14.32
C SER A 150 -20.63 -16.77 -13.22
N SER A 151 -21.86 -16.79 -12.72
CA SER A 151 -22.35 -17.76 -11.72
C SER A 151 -22.19 -19.18 -12.25
N PRO A 152 -21.81 -20.16 -11.42
CA PRO A 152 -21.77 -21.57 -11.84
C PRO A 152 -23.18 -22.14 -12.04
N ASP A 153 -24.20 -21.46 -11.51
CA ASP A 153 -25.63 -21.83 -11.61
C ASP A 153 -26.18 -21.32 -12.94
N PRO A 154 -26.52 -22.24 -13.89
CA PRO A 154 -26.90 -21.85 -15.25
C PRO A 154 -28.14 -20.93 -15.30
N LYS A 155 -29.10 -21.15 -14.40
CA LYS A 155 -30.34 -20.33 -14.29
C LYS A 155 -29.98 -18.87 -14.02
N VAL A 156 -28.99 -18.67 -13.15
CA VAL A 156 -28.52 -17.32 -12.73
C VAL A 156 -27.82 -16.66 -13.91
N ARG A 157 -26.86 -17.37 -14.52
CA ARG A 157 -26.21 -16.96 -15.80
C ARG A 157 -27.27 -16.45 -16.78
N ASP A 158 -28.21 -17.33 -17.15
CA ASP A 158 -29.19 -17.08 -18.24
C ASP A 158 -29.96 -15.79 -17.92
N PHE A 159 -30.42 -15.64 -16.67
CA PHE A 159 -31.19 -14.45 -16.21
C PHE A 159 -30.38 -13.19 -16.50
N TRP A 160 -29.12 -13.16 -16.07
CA TRP A 160 -28.23 -11.97 -16.15
C TRP A 160 -27.75 -11.77 -17.60
N ILE A 161 -27.59 -12.85 -18.36
CA ILE A 161 -27.31 -12.76 -19.81
C ILE A 161 -28.49 -12.05 -20.48
N ARG A 162 -29.72 -12.39 -20.12
CA ARG A 162 -30.95 -11.76 -20.69
C ARG A 162 -30.92 -10.26 -20.40
N HIS A 163 -30.55 -9.88 -19.17
CA HIS A 163 -30.45 -8.46 -18.75
C HIS A 163 -29.32 -7.76 -19.52
N GLY A 164 -28.18 -8.43 -19.70
CA GLY A 164 -27.06 -7.90 -20.50
C GLY A 164 -27.53 -7.52 -21.90
N LYS A 165 -28.18 -8.46 -22.59
CA LYS A 165 -28.68 -8.26 -23.97
C LYS A 165 -29.66 -7.08 -24.00
N ILE A 166 -30.54 -7.01 -23.00
CA ILE A 166 -31.58 -5.95 -22.87
C ILE A 166 -30.90 -4.59 -22.66
N SER A 167 -29.77 -4.54 -21.95
CA SER A 167 -29.02 -3.28 -21.71
C SER A 167 -28.55 -2.74 -23.06
N ARG A 168 -28.07 -3.62 -23.95
CA ARG A 168 -27.61 -3.24 -25.31
C ARG A 168 -28.80 -2.74 -26.14
N GLU A 169 -29.93 -3.45 -26.10
CA GLU A 169 -31.17 -3.08 -26.84
C GLU A 169 -31.64 -1.70 -26.38
N ILE A 170 -31.78 -1.50 -25.07
CA ILE A 170 -32.16 -0.17 -24.50
C ILE A 170 -31.18 0.87 -25.03
N SER A 171 -29.89 0.57 -24.93
CA SER A 171 -28.79 1.52 -25.27
C SER A 171 -28.91 1.91 -26.75
N ASN A 172 -29.15 0.91 -27.62
CA ASN A 172 -29.31 1.13 -29.08
C ASN A 172 -30.49 2.09 -29.32
N TYR A 173 -31.63 1.83 -28.69
CA TYR A 173 -32.88 2.63 -28.79
C TYR A 173 -32.61 4.08 -28.33
N ILE A 174 -31.99 4.27 -27.16
CA ILE A 174 -31.69 5.63 -26.63
C ILE A 174 -30.79 6.36 -27.64
N GLY A 175 -29.74 5.70 -28.12
CA GLY A 175 -28.76 6.27 -29.09
C GLY A 175 -29.43 6.68 -30.39
N GLU A 176 -30.33 5.85 -30.91
CA GLU A 176 -31.11 6.12 -32.14
C GLU A 176 -31.97 7.38 -31.93
N LYS A 177 -32.67 7.46 -30.80
CA LYS A 177 -33.62 8.54 -30.49
C LYS A 177 -32.88 9.87 -30.26
N LEU A 178 -31.74 9.83 -29.55
CA LEU A 178 -30.98 11.04 -29.13
C LEU A 178 -30.06 11.52 -30.24
N GLY A 179 -29.62 10.61 -31.12
CA GLY A 179 -28.64 10.91 -32.18
C GLY A 179 -27.26 11.13 -31.61
N SER A 180 -26.99 10.55 -30.44
CA SER A 180 -25.66 10.54 -29.76
C SER A 180 -25.37 9.13 -29.21
N GLN A 181 -24.16 8.61 -29.48
CA GLN A 181 -23.74 7.25 -29.08
C GLN A 181 -23.89 7.09 -27.56
N VAL A 182 -24.55 6.01 -27.14
CA VAL A 182 -24.73 5.60 -25.72
C VAL A 182 -23.60 4.62 -25.38
N VAL A 183 -22.70 5.00 -24.46
CA VAL A 183 -21.72 4.05 -23.86
C VAL A 183 -22.47 3.24 -22.80
N ASN A 184 -22.53 1.94 -23.01
CA ASN A 184 -23.25 0.94 -22.18
C ASN A 184 -22.19 0.26 -21.32
N ASN A 185 -22.09 0.67 -20.05
CA ASN A 185 -21.01 0.21 -19.13
C ASN A 185 -21.49 -1.04 -18.39
N PHE A 186 -20.67 -2.08 -18.41
CA PHE A 186 -20.89 -3.35 -17.67
C PHE A 186 -19.99 -3.40 -16.45
N TRP A 187 -20.60 -3.38 -15.27
CA TRP A 187 -19.92 -3.71 -13.99
C TRP A 187 -20.66 -4.87 -13.32
N LEU A 188 -19.92 -5.91 -12.92
CA LEU A 188 -20.44 -7.13 -12.24
C LEU A 188 -19.76 -7.25 -10.88
N PRO A 189 -20.50 -7.63 -9.82
CA PRO A 189 -19.90 -7.83 -8.50
C PRO A 189 -19.12 -9.14 -8.37
N ASP A 190 -19.27 -10.02 -9.37
CA ASP A 190 -18.85 -11.45 -9.35
C ASP A 190 -17.46 -11.61 -8.73
N GLY A 191 -17.37 -12.42 -7.69
CA GLY A 191 -16.11 -12.76 -6.99
C GLY A 191 -16.35 -13.60 -5.77
N PHE A 192 -15.31 -13.76 -4.94
CA PHE A 192 -15.37 -14.52 -3.66
C PHE A 192 -14.91 -13.63 -2.51
N LYS A 193 -15.63 -13.70 -1.39
CA LYS A 193 -15.21 -13.07 -0.11
C LYS A 193 -13.85 -13.64 0.32
N ASP A 194 -13.69 -14.97 0.33
CA ASP A 194 -12.45 -15.62 0.84
C ASP A 194 -11.68 -16.27 -0.32
N ASN A 195 -10.54 -16.88 -0.01
CA ASN A 195 -9.53 -17.33 -1.02
C ASN A 195 -10.11 -18.48 -1.86
N PRO A 196 -10.17 -18.31 -3.20
CA PRO A 196 -10.67 -19.37 -4.08
C PRO A 196 -9.67 -20.48 -4.41
N ILE A 197 -10.20 -21.66 -4.76
CA ILE A 197 -9.42 -22.82 -5.26
C ILE A 197 -9.23 -22.66 -6.78
N ASP A 198 -10.31 -22.35 -7.49
CA ASP A 198 -10.32 -22.28 -8.98
C ASP A 198 -10.51 -20.82 -9.41
N LYS A 199 -9.44 -20.18 -9.87
CA LYS A 199 -9.48 -18.82 -10.43
C LYS A 199 -9.75 -18.87 -11.93
N LYS A 200 -9.49 -20.01 -12.57
CA LYS A 200 -9.54 -20.14 -14.05
C LYS A 200 -11.00 -20.17 -14.54
N THR A 201 -11.80 -21.07 -13.98
CA THR A 201 -13.15 -21.44 -14.51
C THR A 201 -14.08 -20.25 -14.43
N PRO A 202 -14.12 -19.49 -13.29
CA PRO A 202 -15.01 -18.33 -13.22
C PRO A 202 -14.75 -17.35 -14.38
N ARG A 203 -13.49 -17.14 -14.73
CA ARG A 203 -13.09 -16.15 -15.77
C ARG A 203 -13.39 -16.72 -17.16
N LEU A 204 -13.38 -18.05 -17.30
CA LEU A 204 -13.82 -18.72 -18.56
C LEU A 204 -15.34 -18.61 -18.70
N ARG A 205 -16.08 -18.77 -17.60
CA ARG A 205 -17.55 -18.61 -17.58
C ARG A 205 -17.91 -17.17 -17.97
N LEU A 206 -17.14 -16.20 -17.48
CA LEU A 206 -17.35 -14.75 -17.75
C LEU A 206 -17.10 -14.49 -19.24
N LEU A 207 -15.99 -14.99 -19.77
CA LEU A 207 -15.61 -14.80 -21.20
C LEU A 207 -16.77 -15.30 -22.09
N LYS A 208 -17.27 -16.50 -21.83
CA LYS A 208 -18.34 -17.15 -22.64
C LYS A 208 -19.62 -16.31 -22.56
N ALA A 209 -19.98 -15.89 -21.34
CA ALA A 209 -21.23 -15.14 -21.05
C ALA A 209 -21.18 -13.77 -21.74
N LEU A 210 -20.06 -13.06 -21.64
CA LEU A 210 -19.90 -11.72 -22.26
C LEU A 210 -19.99 -11.86 -23.78
N ASP A 211 -19.31 -12.86 -24.35
CA ASP A 211 -19.33 -13.11 -25.82
C ASP A 211 -20.78 -13.31 -26.27
N GLU A 212 -21.59 -14.01 -25.46
CA GLU A 212 -23.02 -14.27 -25.78
C GLU A 212 -23.78 -12.95 -25.72
N ILE A 213 -23.51 -12.11 -24.71
CA ILE A 213 -24.25 -10.82 -24.49
C ILE A 213 -24.04 -9.90 -25.70
N ILE A 214 -22.83 -9.80 -26.23
CA ILE A 214 -22.47 -8.82 -27.30
C ILE A 214 -22.63 -9.44 -28.70
N LYS A 215 -23.17 -10.66 -28.79
CA LYS A 215 -23.23 -11.44 -30.08
C LYS A 215 -24.06 -10.69 -31.13
N ASP A 216 -25.33 -10.38 -30.83
CA ASP A 216 -26.29 -9.76 -31.78
C ASP A 216 -25.78 -8.36 -32.14
N PRO A 217 -25.49 -8.09 -33.44
CA PRO A 217 -24.92 -6.82 -33.86
C PRO A 217 -25.87 -5.64 -33.64
N LEU A 218 -25.35 -4.50 -33.20
CA LEU A 218 -26.11 -3.22 -33.07
C LEU A 218 -25.28 -2.08 -33.66
N PRO A 219 -25.92 -1.07 -34.30
CA PRO A 219 -25.19 0.04 -34.89
C PRO A 219 -24.30 0.77 -33.86
N GLU A 220 -23.01 0.91 -34.19
CA GLU A 220 -21.99 1.58 -33.34
C GLU A 220 -22.39 3.05 -33.14
N LYS A 221 -23.03 3.66 -34.15
CA LYS A 221 -23.45 5.09 -34.08
C LYS A 221 -24.41 5.29 -32.90
N ASN A 222 -25.08 4.23 -32.47
CA ASN A 222 -26.15 4.25 -31.42
C ASN A 222 -25.54 3.93 -30.06
N THR A 223 -24.71 2.89 -29.98
CA THR A 223 -24.15 2.38 -28.71
C THR A 223 -22.88 1.57 -28.95
N ILE A 224 -21.99 1.58 -27.96
CA ILE A 224 -20.85 0.63 -27.82
C ILE A 224 -20.72 0.27 -26.34
N GLU A 225 -20.25 -0.94 -26.03
CA GLU A 225 -20.15 -1.46 -24.65
C GLU A 225 -18.80 -1.09 -24.06
N SER A 226 -18.76 -0.77 -22.77
CA SER A 226 -17.51 -0.64 -21.98
C SER A 226 -17.57 -1.65 -20.83
N PHE A 227 -16.40 -2.11 -20.35
CA PHE A 227 -16.28 -3.19 -19.33
C PHE A 227 -15.43 -2.71 -18.16
N GLU A 228 -16.01 -2.77 -16.96
CA GLU A 228 -15.45 -2.12 -15.75
C GLU A 228 -14.97 -3.19 -14.76
N GLY A 229 -13.65 -3.23 -14.55
CA GLY A 229 -13.00 -4.11 -13.58
C GLY A 229 -12.99 -3.47 -12.20
N LYS A 230 -12.65 -4.27 -11.19
CA LYS A 230 -12.52 -3.87 -9.77
C LYS A 230 -11.47 -4.80 -9.15
N LEU A 231 -10.69 -4.32 -8.19
CA LEU A 231 -9.72 -5.16 -7.44
C LEU A 231 -10.48 -5.92 -6.34
N PHE A 232 -11.30 -5.21 -5.56
CA PHE A 232 -12.00 -5.78 -4.39
C PHE A 232 -13.19 -4.90 -3.99
N GLY A 233 -14.22 -5.54 -3.44
CA GLY A 233 -15.43 -4.89 -2.92
C GLY A 233 -15.78 -5.44 -1.56
N THR A 234 -16.63 -4.72 -0.82
CA THR A 234 -17.14 -5.13 0.52
C THR A 234 -17.81 -6.49 0.39
N GLY A 235 -17.38 -7.48 1.18
CA GLY A 235 -17.98 -8.82 1.24
C GLY A 235 -17.53 -9.68 0.07
N ILE A 236 -16.71 -9.14 -0.84
CA ILE A 236 -16.13 -9.85 -2.03
C ILE A 236 -14.65 -9.47 -2.15
N GLU A 237 -13.91 -9.51 -1.03
CA GLU A 237 -12.56 -8.88 -0.91
C GLU A 237 -11.47 -9.70 -1.63
N SER A 238 -11.56 -11.03 -1.70
CA SER A 238 -10.38 -11.91 -1.96
C SER A 238 -10.17 -12.13 -3.47
N TYR A 239 -11.25 -12.08 -4.24
CA TYR A 239 -11.20 -12.45 -5.68
C TYR A 239 -12.35 -11.75 -6.41
N THR A 240 -12.00 -11.02 -7.47
CA THR A 240 -12.94 -10.40 -8.43
C THR A 240 -12.79 -11.10 -9.79
N THR A 241 -13.86 -11.77 -10.26
CA THR A 241 -13.87 -12.51 -11.56
C THR A 241 -13.45 -11.54 -12.66
N GLY A 242 -14.19 -10.44 -12.82
CA GLY A 242 -13.89 -9.37 -13.79
C GLY A 242 -12.78 -8.45 -13.31
N SER A 243 -11.53 -8.89 -13.46
CA SER A 243 -10.30 -8.12 -13.08
C SER A 243 -9.99 -7.07 -14.14
N HIS A 244 -9.10 -6.13 -13.81
CA HIS A 244 -8.62 -5.06 -14.73
C HIS A 244 -7.88 -5.70 -15.92
N GLU A 245 -7.08 -6.73 -15.63
CA GLU A 245 -6.28 -7.46 -16.64
C GLU A 245 -7.24 -8.17 -17.58
N PHE A 246 -8.26 -8.83 -17.03
CA PHE A 246 -9.29 -9.56 -17.79
C PHE A 246 -9.99 -8.60 -18.75
N TYR A 247 -10.46 -7.45 -18.26
CA TYR A 247 -11.31 -6.53 -19.04
C TYR A 247 -10.47 -5.74 -20.05
N GLN A 248 -9.22 -5.38 -19.74
CA GLN A 248 -8.36 -4.72 -20.76
C GLN A 248 -8.16 -5.72 -21.91
N ASN A 249 -7.87 -6.98 -21.59
CA ASN A 249 -7.65 -8.06 -22.58
C ASN A 249 -8.94 -8.27 -23.39
N TYR A 250 -10.09 -8.27 -22.71
CA TYR A 250 -11.41 -8.51 -23.34
C TYR A 250 -11.75 -7.35 -24.27
N ALA A 251 -11.60 -6.11 -23.79
CA ALA A 251 -11.91 -4.88 -24.56
C ALA A 251 -11.11 -4.87 -25.86
N ILE A 252 -9.79 -5.10 -25.75
CA ILE A 252 -8.84 -5.00 -26.89
C ILE A 252 -9.20 -6.11 -27.90
N SER A 253 -9.50 -7.30 -27.41
CA SER A 253 -9.69 -8.52 -28.24
C SER A 253 -11.08 -8.53 -28.88
N ARG A 254 -12.08 -7.94 -28.23
CA ARG A 254 -13.49 -7.88 -28.74
C ARG A 254 -13.80 -6.47 -29.26
N ASN A 255 -12.77 -5.63 -29.39
CA ASN A 255 -12.85 -4.26 -29.96
C ASN A 255 -13.97 -3.47 -29.26
N LYS A 256 -13.98 -3.49 -27.93
CA LYS A 256 -14.92 -2.69 -27.10
C LYS A 256 -14.12 -1.72 -26.25
N LEU A 257 -14.81 -0.85 -25.51
CA LEU A 257 -14.20 0.14 -24.60
C LEU A 257 -13.81 -0.54 -23.28
N TRP A 258 -12.80 0.01 -22.61
CA TRP A 258 -12.33 -0.43 -21.27
C TRP A 258 -12.62 0.69 -20.27
N THR A 259 -13.32 0.36 -19.18
CA THR A 259 -13.69 1.32 -18.10
C THR A 259 -12.65 1.27 -16.98
N ILE A 260 -12.01 2.43 -16.73
CA ILE A 260 -11.04 2.64 -15.62
C ILE A 260 -11.72 3.50 -14.54
N ASP A 261 -12.05 2.91 -13.40
CA ASP A 261 -12.61 3.65 -12.24
C ASP A 261 -11.46 3.92 -11.27
N ALA A 262 -11.20 5.19 -10.99
CA ALA A 262 -10.01 5.67 -10.24
C ALA A 262 -10.03 5.16 -8.79
N GLY A 263 -11.15 4.60 -8.34
CA GLY A 263 -11.33 4.10 -6.96
C GLY A 263 -11.06 2.60 -6.83
N HIS A 264 -10.87 1.89 -7.94
CA HIS A 264 -10.99 0.40 -7.98
C HIS A 264 -9.62 -0.28 -8.13
N PHE A 265 -8.51 0.42 -7.85
CA PHE A 265 -7.14 -0.11 -8.05
C PHE A 265 -6.39 -0.26 -6.71
N HIS A 266 -5.12 -0.67 -6.78
CA HIS A 266 -4.26 -0.96 -5.61
C HIS A 266 -3.94 0.33 -4.87
N PRO A 267 -3.62 0.25 -3.57
CA PRO A 267 -2.99 1.37 -2.88
C PRO A 267 -1.77 1.84 -3.70
N THR A 268 -1.68 3.15 -3.93
CA THR A 268 -0.58 3.90 -4.60
C THR A 268 -0.67 3.75 -6.12
N GLU A 269 -1.57 2.93 -6.64
CA GLU A 269 -1.71 2.71 -8.10
C GLU A 269 -2.17 4.03 -8.76
N ASP A 270 -1.44 4.49 -9.76
CA ASP A 270 -1.74 5.70 -10.57
C ASP A 270 -2.43 5.30 -11.88
N VAL A 271 -3.76 5.44 -11.95
CA VAL A 271 -4.57 4.94 -13.11
C VAL A 271 -4.24 5.77 -14.36
N SER A 272 -3.62 6.93 -14.20
CA SER A 272 -3.20 7.83 -15.33
C SER A 272 -2.05 7.19 -16.12
N ASP A 273 -1.44 6.15 -15.55
CA ASP A 273 -0.32 5.41 -16.20
C ASP A 273 -0.89 4.50 -17.30
N LYS A 274 -2.14 4.06 -17.17
CA LYS A 274 -2.72 2.98 -18.01
C LYS A 274 -3.00 3.48 -19.43
N PHE A 275 -3.34 4.76 -19.61
CA PHE A 275 -3.87 5.29 -20.90
C PHE A 275 -2.89 4.96 -22.04
N SER A 276 -1.63 5.34 -21.86
CA SER A 276 -0.57 5.31 -22.90
C SER A 276 -0.10 3.87 -23.16
N ALA A 277 -0.49 2.92 -22.30
CA ALA A 277 -0.16 1.48 -22.44
C ALA A 277 -1.32 0.76 -23.11
N PHE A 278 -2.51 1.38 -23.13
CA PHE A 278 -3.74 0.81 -23.73
C PHE A 278 -3.86 1.22 -25.20
N PHE A 279 -3.63 2.49 -25.50
CA PHE A 279 -4.05 3.12 -26.78
C PHE A 279 -3.18 2.65 -27.94
N PRO A 280 -1.98 2.08 -27.73
CA PRO A 280 -1.27 1.44 -28.84
C PRO A 280 -2.00 0.19 -29.35
N PHE A 281 -3.00 -0.28 -28.61
CA PHE A 281 -3.66 -1.58 -28.85
C PHE A 281 -5.18 -1.44 -28.95
N GLY A 282 -5.77 -0.48 -28.25
CA GLY A 282 -7.21 -0.48 -27.94
C GLY A 282 -7.99 0.63 -28.63
N LYS A 283 -9.32 0.59 -28.50
CA LYS A 283 -10.28 1.46 -29.23
C LYS A 283 -10.54 2.75 -28.43
N GLY A 284 -11.00 2.61 -27.18
CA GLY A 284 -11.45 3.76 -26.36
C GLY A 284 -11.57 3.41 -24.90
N LEU A 285 -11.68 4.44 -24.05
CA LEU A 285 -11.76 4.33 -22.58
C LEU A 285 -13.02 5.02 -22.07
N PHE A 286 -13.58 4.50 -20.98
CA PHE A 286 -14.55 5.19 -20.10
C PHE A 286 -13.80 5.46 -18.79
N MET A 287 -13.35 6.69 -18.58
CA MET A 287 -12.61 7.09 -17.35
C MET A 287 -13.62 7.56 -16.30
N HIS A 288 -13.81 6.74 -15.26
CA HIS A 288 -14.70 7.01 -14.10
C HIS A 288 -13.87 7.65 -12.99
N VAL A 289 -13.95 8.97 -12.84
CA VAL A 289 -13.30 9.70 -11.72
C VAL A 289 -14.13 9.45 -10.46
N SER A 290 -13.44 9.05 -9.40
CA SER A 290 -13.99 8.65 -8.09
C SER A 290 -12.86 8.75 -7.08
N ARG A 291 -13.14 9.19 -5.85
CA ARG A 291 -12.07 9.31 -4.82
C ARG A 291 -12.16 8.10 -3.90
N PRO A 292 -11.15 7.21 -3.91
CA PRO A 292 -11.03 6.17 -2.90
C PRO A 292 -10.32 6.74 -1.66
N VAL A 293 -10.87 6.53 -0.48
CA VAL A 293 -10.18 6.87 0.80
C VAL A 293 -9.90 5.56 1.53
N ARG A 294 -8.79 4.92 1.14
CA ARG A 294 -8.20 3.70 1.76
C ARG A 294 -8.97 2.45 1.36
N TRP A 295 -10.12 2.61 0.68
CA TRP A 295 -10.83 1.50 0.00
C TRP A 295 -11.73 2.11 -1.08
N ASP A 296 -12.53 1.29 -1.76
CA ASP A 296 -13.50 1.78 -2.78
C ASP A 296 -14.66 2.46 -2.05
N SER A 297 -14.43 3.68 -1.54
CA SER A 297 -15.35 4.41 -0.63
C SER A 297 -16.25 5.36 -1.43
N ASP A 298 -15.94 5.57 -2.71
CA ASP A 298 -16.80 6.36 -3.64
C ASP A 298 -17.03 7.77 -3.07
N HIS A 299 -15.98 8.40 -2.53
CA HIS A 299 -16.02 9.81 -2.08
C HIS A 299 -16.18 10.73 -3.29
N VAL A 300 -16.79 11.89 -3.09
CA VAL A 300 -16.89 12.95 -4.11
C VAL A 300 -15.48 13.24 -4.64
N VAL A 301 -15.35 13.38 -5.96
CA VAL A 301 -14.08 13.75 -6.65
C VAL A 301 -13.68 15.16 -6.19
N ILE A 302 -12.41 15.33 -5.82
CA ILE A 302 -11.83 16.64 -5.43
C ILE A 302 -10.54 16.85 -6.22
N MET A 303 -10.02 18.07 -6.22
CA MET A 303 -8.74 18.39 -6.90
C MET A 303 -7.59 17.86 -6.03
N ASP A 304 -7.12 16.66 -6.36
CA ASP A 304 -6.02 15.95 -5.65
C ASP A 304 -5.07 15.38 -6.71
N ASP A 305 -3.95 14.78 -6.26
CA ASP A 305 -2.89 14.24 -7.15
C ASP A 305 -3.52 13.34 -8.22
N ALA A 306 -4.45 12.45 -7.82
CA ALA A 306 -5.05 11.46 -8.74
C ALA A 306 -5.80 12.20 -9.85
N LEU A 307 -6.69 13.14 -9.49
CA LEU A 307 -7.51 13.85 -10.51
C LEU A 307 -6.58 14.68 -11.42
N ILE A 308 -5.58 15.32 -10.82
CA ILE A 308 -4.61 16.18 -11.56
C ILE A 308 -3.86 15.31 -12.58
N ARG A 309 -3.42 14.13 -12.15
CA ARG A 309 -2.64 13.19 -13.00
C ARG A 309 -3.53 12.59 -14.09
N ILE A 310 -4.77 12.23 -13.74
CA ILE A 310 -5.76 11.66 -14.70
C ILE A 310 -6.00 12.68 -15.82
N THR A 311 -6.30 13.93 -15.44
CA THR A 311 -6.71 15.01 -16.36
C THR A 311 -5.50 15.44 -17.21
N ARG A 312 -4.33 15.68 -16.59
CA ARG A 312 -3.15 16.17 -17.34
C ARG A 312 -2.63 15.06 -18.27
N SER A 313 -2.78 13.79 -17.89
CA SER A 313 -2.29 12.64 -18.69
C SER A 313 -3.15 12.51 -19.97
N LEU A 314 -4.46 12.72 -19.85
CA LEU A 314 -5.40 12.71 -21.00
C LEU A 314 -5.11 13.93 -21.91
N VAL A 315 -4.92 15.11 -21.31
CA VAL A 315 -4.70 16.39 -22.06
C VAL A 315 -3.34 16.34 -22.76
N ARG A 316 -2.26 16.06 -22.04
CA ARG A 316 -0.87 16.13 -22.57
C ARG A 316 -0.70 15.15 -23.74
N ASP A 317 -1.33 13.98 -23.67
CA ASP A 317 -1.07 12.88 -24.64
C ASP A 317 -2.21 12.81 -25.66
N GLY A 318 -3.13 13.77 -25.63
CA GLY A 318 -4.16 13.97 -26.66
C GLY A 318 -5.14 12.81 -26.75
N TYR A 319 -5.65 12.33 -25.62
CA TYR A 319 -6.48 11.10 -25.55
C TYR A 319 -7.95 11.44 -25.30
N LEU A 320 -8.30 12.74 -25.22
CA LEU A 320 -9.67 13.16 -24.83
C LEU A 320 -10.70 12.66 -25.86
N ASP A 321 -10.36 12.71 -27.14
CA ASP A 321 -11.31 12.38 -28.25
C ASP A 321 -11.65 10.88 -28.23
N ARG A 322 -10.88 10.07 -27.49
CA ARG A 322 -11.11 8.61 -27.39
C ARG A 322 -11.44 8.21 -25.94
N THR A 323 -11.53 9.19 -25.03
CA THR A 323 -11.79 8.94 -23.59
C THR A 323 -13.09 9.64 -23.18
N HIS A 324 -14.10 8.85 -22.79
CA HIS A 324 -15.35 9.34 -22.15
C HIS A 324 -15.04 9.55 -20.66
N ILE A 325 -15.32 10.73 -20.14
CA ILE A 325 -15.09 11.00 -18.68
C ILE A 325 -16.46 10.95 -18.00
N GLY A 326 -16.61 10.01 -17.05
CA GLY A 326 -17.81 9.88 -16.20
C GLY A 326 -17.50 10.17 -14.73
N LEU A 327 -18.48 10.68 -13.99
CA LEU A 327 -18.43 10.79 -12.51
C LEU A 327 -18.99 9.48 -11.94
N ASP A 328 -18.35 8.94 -10.91
CA ASP A 328 -18.86 7.75 -10.17
C ASP A 328 -18.49 7.88 -8.69
N PHE A 329 -19.44 8.31 -7.89
CA PHE A 329 -19.25 8.46 -6.43
C PHE A 329 -20.64 8.51 -5.80
N PHE A 330 -20.69 8.29 -4.49
CA PHE A 330 -21.94 8.23 -3.72
C PHE A 330 -21.62 8.73 -2.30
N ASP A 331 -22.01 9.98 -2.02
CA ASP A 331 -21.91 10.61 -0.67
C ASP A 331 -23.28 11.19 -0.29
N ALA A 332 -23.99 10.50 0.61
CA ALA A 332 -25.33 10.89 1.10
C ALA A 332 -25.21 11.73 2.38
N THR A 333 -24.00 11.99 2.86
CA THR A 333 -23.74 12.74 4.13
C THR A 333 -23.84 14.25 3.89
N ILE A 334 -23.83 14.68 2.63
CA ILE A 334 -23.84 16.13 2.24
C ILE A 334 -24.99 16.37 1.25
N ASN A 335 -25.28 17.63 0.94
CA ASN A 335 -26.32 18.00 -0.07
C ASN A 335 -25.99 17.25 -1.36
N ARG A 336 -26.88 16.36 -1.81
CA ARG A 336 -26.58 15.42 -2.93
C ARG A 336 -26.36 16.19 -4.22
N VAL A 337 -27.03 17.34 -4.40
CA VAL A 337 -26.89 18.18 -5.63
C VAL A 337 -25.50 18.85 -5.61
N ALA A 338 -25.09 19.35 -4.45
CA ALA A 338 -23.74 19.94 -4.21
C ALA A 338 -22.66 18.90 -4.59
N ALA A 339 -22.86 17.64 -4.23
CA ALA A 339 -21.87 16.57 -4.46
C ALA A 339 -21.51 16.55 -5.96
N TRP A 340 -22.53 16.58 -6.82
CA TRP A 340 -22.37 16.58 -8.30
C TRP A 340 -21.49 17.76 -8.71
N VAL A 341 -21.81 18.95 -8.20
CA VAL A 341 -21.21 20.22 -8.67
C VAL A 341 -19.75 20.26 -8.20
N VAL A 342 -19.48 19.84 -6.96
CA VAL A 342 -18.09 19.79 -6.42
C VAL A 342 -17.26 18.90 -7.36
N GLY A 343 -17.70 17.67 -7.58
CA GLY A 343 -16.98 16.67 -8.40
C GLY A 343 -16.76 17.15 -9.81
N ALA A 344 -17.80 17.69 -10.46
CA ALA A 344 -17.75 18.14 -11.87
C ALA A 344 -16.77 19.32 -11.98
N ARG A 345 -16.91 20.31 -11.10
CA ARG A 345 -16.05 21.52 -11.13
C ARG A 345 -14.60 21.12 -10.88
N ALA A 346 -14.32 20.20 -9.94
CA ALA A 346 -12.96 19.72 -9.64
C ALA A 346 -12.34 19.13 -10.91
N THR A 347 -13.10 18.33 -11.64
CA THR A 347 -12.63 17.65 -12.88
C THR A 347 -12.31 18.70 -13.95
N GLN A 348 -13.20 19.67 -14.15
CA GLN A 348 -13.08 20.73 -15.19
C GLN A 348 -11.88 21.63 -14.85
N LYS A 349 -11.79 22.08 -13.59
CA LYS A 349 -10.64 22.84 -13.03
C LYS A 349 -9.33 22.17 -13.43
N SER A 350 -9.25 20.88 -13.16
CA SER A 350 -8.02 20.05 -13.31
C SER A 350 -7.73 19.86 -14.80
N LEU A 351 -8.77 19.64 -15.61
CA LEU A 351 -8.60 19.60 -17.10
C LEU A 351 -8.02 20.94 -17.54
N LEU A 352 -8.58 22.05 -17.06
CA LEU A 352 -8.23 23.41 -17.54
C LEU A 352 -6.78 23.73 -17.15
N GLN A 353 -6.35 23.40 -15.94
CA GLN A 353 -4.95 23.63 -15.51
C GLN A 353 -4.00 22.87 -16.44
N ALA A 354 -4.33 21.63 -16.80
CA ALA A 354 -3.53 20.79 -17.72
C ALA A 354 -3.42 21.50 -19.08
N MET A 355 -4.53 22.08 -19.53
CA MET A 355 -4.64 22.74 -20.85
C MET A 355 -3.89 24.09 -20.82
N LEU A 356 -3.54 24.59 -19.65
CA LEU A 356 -2.92 25.94 -19.50
C LEU A 356 -1.40 25.83 -19.37
N ALA A 357 -0.81 24.69 -19.75
CA ALA A 357 0.65 24.46 -19.71
C ALA A 357 1.21 24.57 -21.12
N PRO A 358 2.46 25.05 -21.29
CA PRO A 358 3.10 25.11 -22.60
C PRO A 358 3.54 23.71 -23.05
N ILE A 359 2.58 22.83 -23.36
CA ILE A 359 2.82 21.37 -23.48
C ILE A 359 3.87 21.10 -24.57
N ASP A 360 3.78 21.74 -25.73
CA ASP A 360 4.69 21.46 -26.88
C ASP A 360 6.13 21.78 -26.46
N GLN A 361 6.37 22.92 -25.81
CA GLN A 361 7.71 23.37 -25.37
C GLN A 361 8.24 22.43 -24.27
N LEU A 362 7.38 22.05 -23.33
CA LEU A 362 7.75 21.14 -22.21
C LEU A 362 8.16 19.78 -22.78
N LYS A 363 7.45 19.29 -23.79
CA LYS A 363 7.74 17.99 -24.46
C LYS A 363 9.15 18.04 -25.08
N LYS A 364 9.48 19.13 -25.77
CA LYS A 364 10.82 19.35 -26.38
C LYS A 364 11.89 19.37 -25.29
N ASP A 365 11.67 20.13 -24.22
CA ASP A 365 12.62 20.20 -23.08
C ASP A 365 12.88 18.76 -22.62
N GLU A 366 11.82 17.97 -22.48
CA GLU A 366 11.87 16.57 -21.98
C GLU A 366 12.61 15.68 -22.99
N LEU A 367 12.33 15.82 -24.28
CA LEU A 367 13.01 15.05 -25.36
C LEU A 367 14.52 15.30 -25.31
N ASN A 368 14.93 16.51 -24.91
CA ASN A 368 16.35 16.94 -24.79
C ASN A 368 16.87 16.66 -23.37
N ALA A 369 16.08 15.98 -22.53
CA ALA A 369 16.47 15.52 -21.17
C ALA A 369 16.76 16.73 -20.26
N ASP A 370 16.14 17.87 -20.53
CA ASP A 370 16.26 19.08 -19.66
C ASP A 370 15.28 18.93 -18.48
N PHE A 371 15.59 18.01 -17.57
CA PHE A 371 14.72 17.64 -16.43
C PHE A 371 14.69 18.80 -15.42
N THR A 372 15.70 19.67 -15.44
CA THR A 372 15.77 20.86 -14.55
C THR A 372 14.61 21.80 -14.91
N THR A 373 14.55 22.21 -16.18
CA THR A 373 13.51 23.13 -16.70
C THR A 373 12.13 22.51 -16.45
N ARG A 374 11.96 21.22 -16.72
CA ARG A 374 10.65 20.53 -16.58
C ARG A 374 10.17 20.63 -15.13
N LEU A 375 11.03 20.32 -14.15
CA LEU A 375 10.65 20.37 -12.71
C LEU A 375 10.28 21.80 -12.33
N ILE A 376 11.14 22.76 -12.66
CA ILE A 376 10.94 24.19 -12.27
C ILE A 376 9.60 24.65 -12.81
N GLU A 377 9.35 24.41 -14.10
CA GLU A 377 8.18 24.97 -14.82
C GLU A 377 6.89 24.30 -14.34
N THR A 378 6.84 22.96 -14.28
CA THR A 378 5.63 22.23 -13.85
C THR A 378 5.23 22.72 -12.45
N GLU A 379 6.22 22.94 -11.57
CA GLU A 379 5.98 23.44 -10.19
C GLU A 379 5.49 24.89 -10.23
N GLU A 380 6.09 25.75 -11.05
CA GLU A 380 5.67 27.17 -11.14
C GLU A 380 4.22 27.23 -11.63
N LEU A 381 3.86 26.39 -12.61
CA LEU A 381 2.51 26.40 -13.24
C LEU A 381 1.43 26.12 -12.18
N LYS A 382 1.78 25.44 -11.08
CA LYS A 382 0.82 25.05 -10.02
C LYS A 382 0.33 26.31 -9.30
N SER A 383 1.07 27.41 -9.37
CA SER A 383 0.74 28.69 -8.68
C SER A 383 0.52 29.82 -9.69
N PHE A 384 0.46 29.50 -10.99
CA PHE A 384 0.01 30.44 -12.05
C PHE A 384 -1.49 30.70 -11.85
N PRO A 385 -2.02 31.82 -12.38
CA PRO A 385 -3.41 32.20 -12.12
C PRO A 385 -4.44 31.38 -12.91
N PHE A 386 -4.42 30.06 -12.77
CA PHE A 386 -5.36 29.14 -13.48
C PHE A 386 -6.77 29.40 -12.96
N GLY A 387 -6.88 29.82 -11.70
CA GLY A 387 -8.14 30.19 -11.06
C GLY A 387 -8.85 31.30 -11.81
N ALA A 388 -8.10 32.28 -12.31
CA ALA A 388 -8.64 33.46 -13.04
C ALA A 388 -9.27 32.99 -14.36
N VAL A 389 -8.66 32.01 -15.00
CA VAL A 389 -9.17 31.41 -16.26
C VAL A 389 -10.41 30.57 -15.95
N TRP A 390 -10.36 29.77 -14.89
CA TRP A 390 -11.50 28.91 -14.46
C TRP A 390 -12.71 29.81 -14.16
N ASP A 391 -12.49 30.89 -13.40
CA ASP A 391 -13.52 31.88 -13.02
C ASP A 391 -14.14 32.49 -14.28
N LYS A 392 -13.31 32.84 -15.26
CA LYS A 392 -13.74 33.39 -16.57
C LYS A 392 -14.63 32.35 -17.27
N PHE A 393 -14.20 31.09 -17.33
CA PHE A 393 -14.97 29.98 -17.95
C PHE A 393 -16.37 29.91 -17.31
N CYS A 394 -16.42 29.91 -15.97
CA CYS A 394 -17.66 29.80 -15.17
C CYS A 394 -18.62 30.94 -15.55
N GLN A 395 -18.11 32.17 -15.55
CA GLN A 395 -18.90 33.42 -15.82
C GLN A 395 -19.37 33.43 -17.28
N ASP A 396 -18.49 33.14 -18.24
CA ASP A 396 -18.80 33.08 -19.70
C ASP A 396 -19.98 32.12 -19.95
N HIS A 397 -20.10 31.06 -19.14
CA HIS A 397 -21.10 29.97 -19.32
C HIS A 397 -22.24 30.12 -18.30
N ASN A 398 -22.42 31.32 -17.74
CA ASN A 398 -23.59 31.70 -16.91
C ASN A 398 -23.72 30.78 -15.70
N THR A 399 -22.60 30.49 -15.02
CA THR A 399 -22.57 29.76 -13.71
C THR A 399 -21.89 30.64 -12.67
N PRO A 400 -22.29 30.52 -11.39
CA PRO A 400 -21.70 31.33 -10.33
C PRO A 400 -20.19 31.07 -10.18
N VAL A 401 -19.48 32.07 -9.67
CA VAL A 401 -17.99 32.07 -9.50
C VAL A 401 -17.67 31.72 -8.04
N GLY A 402 -16.72 30.81 -7.82
CA GLY A 402 -16.14 30.48 -6.50
C GLY A 402 -17.19 30.08 -5.48
N PHE A 403 -17.22 30.73 -4.33
CA PHE A 403 -18.14 30.40 -3.21
C PHE A 403 -19.59 30.67 -3.62
N ASP A 404 -19.80 31.50 -4.64
CA ASP A 404 -21.14 32.12 -4.92
C ASP A 404 -22.19 31.02 -5.13
N TRP A 405 -21.86 29.87 -5.74
CA TRP A 405 -22.89 28.84 -6.09
C TRP A 405 -23.44 28.20 -4.82
N MET A 406 -22.87 28.47 -3.65
CA MET A 406 -23.43 28.00 -2.36
C MET A 406 -24.80 28.67 -2.12
N ASN A 407 -24.96 29.91 -2.61
CA ASN A 407 -26.25 30.66 -2.52
C ASN A 407 -27.33 29.85 -3.25
N ASN A 408 -27.01 29.34 -4.42
CA ASN A 408 -27.96 28.56 -5.27
C ASN A 408 -28.37 27.29 -4.51
N ILE A 409 -27.42 26.63 -3.87
CA ILE A 409 -27.68 25.39 -3.09
C ILE A 409 -28.60 25.72 -1.91
N HIS A 410 -28.33 26.81 -1.19
CA HIS A 410 -29.15 27.24 -0.01
C HIS A 410 -30.57 27.55 -0.49
N GLN A 411 -30.72 28.22 -1.65
CA GLN A 411 -32.04 28.56 -2.23
C GLN A 411 -32.77 27.27 -2.64
N TYR A 412 -32.06 26.31 -3.22
CA TYR A 412 -32.66 25.04 -3.69
C TYR A 412 -33.07 24.19 -2.48
N GLU A 413 -32.30 24.26 -1.39
CA GLU A 413 -32.60 23.57 -0.11
C GLU A 413 -33.91 24.13 0.46
N LYS A 414 -34.02 25.46 0.52
CA LYS A 414 -35.19 26.17 1.10
C LYS A 414 -36.42 25.89 0.24
N ASP A 415 -36.29 26.00 -1.09
CA ASP A 415 -37.44 26.02 -2.03
C ASP A 415 -37.87 24.59 -2.39
N VAL A 416 -36.96 23.62 -2.39
CA VAL A 416 -37.26 22.24 -2.90
C VAL A 416 -36.83 21.16 -1.92
N GLN A 417 -35.53 21.00 -1.68
CA GLN A 417 -34.96 19.82 -0.97
C GLN A 417 -35.54 19.72 0.45
N PHE A 418 -35.56 20.82 1.22
CA PHE A 418 -35.95 20.80 2.65
C PHE A 418 -37.47 20.65 2.78
N LYS A 419 -38.21 20.78 1.68
CA LYS A 419 -39.69 20.72 1.68
C LYS A 419 -40.15 19.28 1.44
N ARG A 420 -39.27 18.42 0.92
CA ARG A 420 -39.59 16.98 0.73
C ARG A 420 -39.54 16.29 2.09
N MET B 1 10.06 38.42 -18.34
CA MET B 1 10.25 39.09 -17.03
C MET B 1 8.93 39.72 -16.57
N VAL B 2 8.36 39.21 -15.49
CA VAL B 2 7.08 39.69 -14.90
C VAL B 2 7.26 41.15 -14.45
N LYS B 3 6.29 42.01 -14.76
CA LYS B 3 6.28 43.45 -14.41
C LYS B 3 5.79 43.62 -12.97
N PRO B 4 6.55 44.31 -12.10
CA PRO B 4 6.12 44.51 -10.71
C PRO B 4 4.68 45.05 -10.59
N GLU B 5 4.28 45.95 -11.48
CA GLU B 5 2.94 46.60 -11.44
C GLU B 5 1.86 45.55 -11.71
N GLU B 6 2.17 44.54 -12.53
CA GLU B 6 1.24 43.40 -12.82
C GLU B 6 1.05 42.58 -11.54
N VAL B 7 2.15 42.27 -10.84
CA VAL B 7 2.14 41.56 -9.53
C VAL B 7 1.26 42.37 -8.56
N ASP B 8 1.50 43.68 -8.47
CA ASP B 8 0.77 44.59 -7.55
C ASP B 8 -0.73 44.58 -7.91
N LYS B 9 -1.06 44.68 -9.20
CA LYS B 9 -2.46 44.68 -9.72
C LYS B 9 -3.17 43.38 -9.31
N ALA B 10 -2.57 42.23 -9.65
CA ALA B 10 -3.10 40.88 -9.33
C ALA B 10 -3.26 40.77 -7.81
N TYR B 11 -2.32 41.29 -7.04
CA TYR B 11 -2.35 41.19 -5.55
C TYR B 11 -3.57 41.95 -5.02
N GLU B 12 -3.81 43.17 -5.50
CA GLU B 12 -4.94 44.02 -5.02
C GLU B 12 -6.26 43.28 -5.28
N VAL B 13 -6.42 42.69 -6.47
CA VAL B 13 -7.64 41.93 -6.85
C VAL B 13 -7.78 40.72 -5.90
N ALA B 14 -6.71 39.95 -5.69
CA ALA B 14 -6.69 38.77 -4.80
C ALA B 14 -7.04 39.20 -3.37
N LYS B 15 -6.40 40.28 -2.91
CA LYS B 15 -6.60 40.82 -1.55
C LYS B 15 -8.11 40.99 -1.31
N GLN B 16 -8.82 41.52 -2.30
CA GLN B 16 -10.29 41.79 -2.23
C GLN B 16 -11.07 40.47 -2.28
N ARG B 17 -10.68 39.52 -3.15
CA ARG B 17 -11.34 38.19 -3.24
C ARG B 17 -11.30 37.54 -1.85
N TYR B 18 -10.13 37.59 -1.21
CA TYR B 18 -9.89 36.94 0.10
C TYR B 18 -10.61 37.71 1.22
N ALA B 19 -10.60 39.05 1.17
CA ALA B 19 -11.26 39.89 2.19
C ALA B 19 -12.77 39.59 2.16
N GLU B 20 -13.32 39.31 0.98
CA GLU B 20 -14.78 39.05 0.81
C GLU B 20 -15.18 37.77 1.55
N ILE B 21 -14.24 36.85 1.81
CA ILE B 21 -14.50 35.58 2.56
C ILE B 21 -13.83 35.63 3.94
N GLY B 22 -13.46 36.81 4.43
CA GLY B 22 -12.94 37.00 5.80
C GLY B 22 -11.50 36.52 5.95
N VAL B 23 -10.70 36.64 4.89
CA VAL B 23 -9.25 36.29 4.90
C VAL B 23 -8.43 37.56 4.63
N ASP B 24 -7.43 37.81 5.47
CA ASP B 24 -6.49 38.96 5.39
C ASP B 24 -5.19 38.50 4.70
N THR B 25 -4.97 38.90 3.44
CA THR B 25 -3.80 38.45 2.65
C THR B 25 -2.51 39.05 3.24
N ASP B 26 -2.58 40.29 3.74
CA ASP B 26 -1.41 40.97 4.34
C ASP B 26 -0.96 40.14 5.56
N ALA B 27 -1.89 39.76 6.44
CA ALA B 27 -1.62 38.99 7.68
C ALA B 27 -1.07 37.60 7.32
N ALA B 28 -1.63 36.97 6.28
CA ALA B 28 -1.17 35.64 5.81
C ALA B 28 0.31 35.70 5.47
N MET B 29 0.75 36.78 4.81
CA MET B 29 2.15 36.93 4.35
C MET B 29 3.06 37.16 5.58
N LYS B 30 2.59 37.93 6.56
CA LYS B 30 3.29 38.14 7.85
C LYS B 30 3.48 36.78 8.53
N GLU B 31 2.47 35.91 8.46
CA GLU B 31 2.52 34.57 9.12
C GLU B 31 3.61 33.73 8.43
N LEU B 32 3.69 33.79 7.10
CA LEU B 32 4.65 32.99 6.30
C LEU B 32 6.08 33.45 6.62
N GLU B 33 6.27 34.74 6.85
CA GLU B 33 7.61 35.32 7.18
C GLU B 33 8.20 34.60 8.39
N LYS B 34 7.35 34.09 9.29
CA LYS B 34 7.78 33.56 10.61
C LYS B 34 8.15 32.08 10.51
N VAL B 35 8.17 31.51 9.30
CA VAL B 35 8.47 30.06 9.12
C VAL B 35 9.80 29.92 8.39
N PRO B 36 10.93 29.78 9.11
CA PRO B 36 12.20 29.49 8.48
C PRO B 36 12.26 28.02 8.05
N LEU B 37 12.72 27.75 6.82
CA LEU B 37 13.03 26.39 6.36
C LEU B 37 14.52 26.12 6.60
N SER B 38 14.84 24.95 7.15
CA SER B 38 16.23 24.50 7.35
C SER B 38 16.71 23.81 6.08
N VAL B 39 17.43 24.55 5.24
CA VAL B 39 17.99 24.08 3.93
C VAL B 39 19.20 23.16 4.23
N HIS B 40 19.13 21.91 3.77
CA HIS B 40 20.15 20.86 3.97
C HIS B 40 21.36 21.11 3.06
N CYS B 41 22.56 21.21 3.63
CA CYS B 41 23.80 21.53 2.89
C CYS B 41 24.15 20.41 1.90
N TRP B 42 23.76 19.16 2.17
CA TRP B 42 24.32 17.96 1.50
C TRP B 42 23.77 17.78 0.08
N GLN B 43 22.68 18.48 -0.29
CA GLN B 43 22.16 18.46 -1.68
C GLN B 43 23.20 19.11 -2.60
N GLY B 44 24.07 19.96 -2.04
CA GLY B 44 25.03 20.77 -2.82
C GLY B 44 26.17 19.97 -3.38
N ASP B 45 26.58 18.89 -2.70
CA ASP B 45 27.82 18.13 -3.03
C ASP B 45 27.56 16.63 -2.90
N ASP B 46 26.32 16.20 -3.14
CA ASP B 46 25.90 14.78 -3.17
C ASP B 46 26.40 14.09 -1.90
N ILE B 47 26.32 14.77 -0.76
CA ILE B 47 26.58 14.19 0.59
C ILE B 47 28.03 13.72 0.70
N HIS B 48 28.96 14.30 -0.05
CA HIS B 48 30.41 13.95 -0.01
C HIS B 48 31.02 14.47 1.30
N GLY B 49 30.66 15.69 1.71
CA GLY B 49 31.31 16.39 2.82
C GLY B 49 32.78 16.65 2.53
N PHE B 50 33.58 16.98 3.54
CA PHE B 50 34.99 17.38 3.39
C PHE B 50 35.92 16.50 4.24
N LEU B 51 35.36 15.64 5.06
CA LEU B 51 36.15 14.86 6.06
C LEU B 51 36.90 13.73 5.36
N PHE B 52 36.21 12.95 4.53
CA PHE B 52 36.76 11.74 3.87
C PHE B 52 36.61 11.87 2.36
N PRO B 53 37.60 12.46 1.66
CA PRO B 53 37.51 12.69 0.21
C PRO B 53 37.00 11.49 -0.61
N GLY B 65 25.49 9.62 -14.77
CA GLY B 65 25.13 10.82 -15.55
C GLY B 65 24.51 11.89 -14.68
N ASN B 66 25.30 12.45 -13.75
CA ASN B 66 24.83 13.49 -12.81
C ASN B 66 25.04 14.87 -13.44
N TYR B 67 24.24 15.86 -13.01
CA TYR B 67 24.25 17.25 -13.53
C TYR B 67 25.60 17.90 -13.21
N PRO B 68 26.13 18.73 -14.13
CA PRO B 68 27.41 19.42 -13.89
C PRO B 68 27.41 20.42 -12.72
N GLY B 69 28.61 20.78 -12.28
CA GLY B 69 28.85 21.94 -11.38
C GLY B 69 28.71 21.60 -9.91
N ILE B 70 28.86 20.32 -9.54
CA ILE B 70 28.83 19.89 -8.12
C ILE B 70 29.82 20.77 -7.33
N ALA B 71 29.46 21.16 -6.10
CA ALA B 71 30.36 21.84 -5.15
C ALA B 71 31.39 20.83 -4.64
N ARG B 72 32.66 21.23 -4.54
CA ARG B 72 33.80 20.34 -4.19
C ARG B 72 34.52 20.87 -2.95
N THR B 73 34.24 22.11 -2.53
CA THR B 73 34.95 22.78 -1.40
C THR B 73 33.97 23.55 -0.53
N PRO B 74 34.36 23.87 0.71
CA PRO B 74 33.53 24.69 1.60
C PRO B 74 33.04 25.97 0.91
N ASP B 75 33.95 26.76 0.34
CA ASP B 75 33.64 28.05 -0.34
C ASP B 75 32.61 27.81 -1.45
N GLU B 76 32.79 26.78 -2.29
CA GLU B 76 31.85 26.46 -3.40
C GLU B 76 30.47 26.13 -2.81
N LEU B 77 30.41 25.25 -1.82
CA LEU B 77 29.13 24.84 -1.18
C LEU B 77 28.49 26.06 -0.51
N ALA B 78 29.26 26.89 0.19
CA ALA B 78 28.77 28.13 0.83
C ALA B 78 28.18 29.04 -0.25
N GLY B 79 28.89 29.21 -1.37
CA GLY B 79 28.46 30.04 -2.51
C GLY B 79 27.15 29.55 -3.12
N ASP B 80 26.98 28.23 -3.23
CA ASP B 80 25.78 27.62 -3.85
C ASP B 80 24.58 27.82 -2.93
N MET B 81 24.77 27.68 -1.61
CA MET B 81 23.69 27.86 -0.60
C MET B 81 23.28 29.33 -0.58
N HIS B 82 24.24 30.24 -0.66
CA HIS B 82 23.97 31.70 -0.76
C HIS B 82 23.10 31.99 -1.99
N GLU B 83 23.46 31.42 -3.15
CA GLU B 83 22.70 31.59 -4.42
C GLU B 83 21.26 31.11 -4.21
N ALA B 84 21.07 29.88 -3.76
CA ALA B 84 19.74 29.28 -3.50
C ALA B 84 18.94 30.20 -2.56
N LEU B 85 19.52 30.57 -1.42
CA LEU B 85 18.83 31.42 -0.41
C LEU B 85 18.41 32.74 -1.05
N SER B 86 19.22 33.29 -1.96
CA SER B 86 18.96 34.58 -2.66
C SER B 86 17.69 34.47 -3.52
N LEU B 87 17.24 33.24 -3.84
CA LEU B 87 16.07 33.00 -4.71
C LEU B 87 14.89 32.45 -3.88
N ILE B 88 15.09 32.31 -2.57
CA ILE B 88 14.05 31.85 -1.60
C ILE B 88 13.67 33.04 -0.72
N PRO B 89 12.42 33.55 -0.82
CA PRO B 89 12.03 34.76 -0.11
C PRO B 89 11.95 34.57 1.41
N GLY B 90 12.38 35.57 2.17
CA GLY B 90 12.31 35.56 3.64
C GLY B 90 13.61 35.10 4.26
N LYS B 91 13.59 34.81 5.56
CA LYS B 91 14.79 34.39 6.33
C LYS B 91 14.64 32.92 6.68
N HIS B 92 15.72 32.16 6.50
CA HIS B 92 15.72 30.67 6.64
C HIS B 92 16.93 30.25 7.46
N ARG B 93 17.17 28.94 7.52
CA ARG B 93 18.26 28.30 8.27
C ARG B 93 18.99 27.32 7.33
N VAL B 94 20.14 26.81 7.76
CA VAL B 94 20.90 25.76 7.02
C VAL B 94 21.15 24.59 7.98
N GLN B 95 20.99 23.36 7.47
CA GLN B 95 21.34 22.08 8.17
C GLN B 95 22.74 21.67 7.75
N LEU B 96 23.61 21.36 8.71
CA LEU B 96 24.96 20.81 8.45
C LEU B 96 24.95 19.32 8.79
N HIS B 97 25.79 18.53 8.14
CA HIS B 97 26.19 17.17 8.61
C HIS B 97 27.58 17.29 9.24
N ALA B 98 27.91 16.39 10.18
CA ALA B 98 29.21 16.39 10.89
C ALA B 98 30.35 16.32 9.87
N ILE B 99 30.15 15.62 8.74
CA ILE B 99 31.23 15.40 7.73
C ILE B 99 31.51 16.70 6.96
N TYR B 100 30.77 17.77 7.23
CA TYR B 100 30.99 19.10 6.59
C TYR B 100 31.90 19.97 7.49
N ALA B 101 32.55 19.34 8.48
CA ALA B 101 33.61 19.96 9.30
C ALA B 101 34.64 20.61 8.37
N VAL B 102 35.11 21.82 8.71
CA VAL B 102 36.15 22.54 7.92
C VAL B 102 37.38 22.75 8.81
N THR B 103 38.44 21.98 8.57
CA THR B 103 39.70 22.01 9.35
C THR B 103 40.85 21.45 8.51
N ASP B 104 42.08 21.93 8.75
CA ASP B 104 43.32 21.40 8.13
C ASP B 104 43.80 20.18 8.93
N LYS B 105 43.17 19.94 10.08
CA LYS B 105 43.55 18.85 11.02
C LYS B 105 43.00 17.51 10.51
N LYS B 106 43.70 16.42 10.79
CA LYS B 106 43.27 15.03 10.49
C LYS B 106 42.19 14.63 11.50
N ARG B 107 40.94 14.48 11.04
CA ARG B 107 39.78 14.18 11.92
C ARG B 107 39.18 12.83 11.54
N ASP B 108 38.61 12.14 12.53
CA ASP B 108 37.61 11.06 12.35
C ASP B 108 36.36 11.51 13.11
N LEU B 109 35.25 10.78 12.95
CA LEU B 109 33.95 11.17 13.55
C LEU B 109 34.04 11.21 15.07
N ASP B 110 35.01 10.52 15.67
CA ASP B 110 35.15 10.44 17.15
C ASP B 110 36.21 11.44 17.64
N THR B 111 36.79 12.26 16.75
CA THR B 111 37.84 13.24 17.13
C THR B 111 37.48 14.65 16.65
N LEU B 112 36.29 14.84 16.07
CA LEU B 112 35.77 16.18 15.69
C LEU B 112 35.75 17.08 16.92
N GLU B 113 36.01 18.37 16.74
CA GLU B 113 35.92 19.40 17.82
C GLU B 113 35.02 20.53 17.36
N PRO B 114 34.35 21.20 18.31
CA PRO B 114 33.41 22.28 17.98
C PRO B 114 33.99 23.33 17.02
N GLU B 115 35.25 23.73 17.21
CA GLU B 115 35.88 24.82 16.41
C GLU B 115 36.06 24.38 14.95
N ASP B 116 35.91 23.09 14.66
CA ASP B 116 35.94 22.56 13.27
C ASP B 116 34.77 23.11 12.46
N PHE B 117 33.84 23.82 13.11
CA PHE B 117 32.62 24.39 12.47
C PHE B 117 32.60 25.92 12.60
N ASP B 118 33.73 26.50 13.01
CA ASP B 118 33.94 27.97 13.01
C ASP B 118 33.63 28.52 11.61
N TYR B 119 34.07 27.83 10.56
CA TYR B 119 33.83 28.24 9.15
C TYR B 119 32.33 28.50 8.96
N TRP B 120 31.50 27.56 9.40
CA TRP B 120 30.03 27.60 9.17
C TRP B 120 29.37 28.62 10.12
N ILE B 121 29.90 28.80 11.33
CA ILE B 121 29.40 29.82 12.29
C ILE B 121 29.60 31.21 11.66
N ASP B 122 30.80 31.46 11.14
CA ASP B 122 31.18 32.75 10.49
C ASP B 122 30.27 32.96 9.27
N TRP B 123 30.11 31.94 8.41
CA TRP B 123 29.28 32.02 7.18
C TRP B 123 27.83 32.32 7.54
N ALA B 124 27.29 31.62 8.55
CA ALA B 124 25.90 31.77 9.03
C ALA B 124 25.67 33.19 9.50
N LYS B 125 26.63 33.75 10.24
CA LYS B 125 26.54 35.13 10.79
C LYS B 125 26.48 36.15 9.64
N GLN B 126 27.35 36.00 8.64
CA GLN B 126 27.44 36.94 7.49
C GLN B 126 26.20 36.75 6.60
N GLU B 127 25.70 35.52 6.48
CA GLU B 127 24.51 35.19 5.65
C GLU B 127 23.23 35.60 6.38
N GLY B 128 23.26 35.64 7.71
CA GLY B 128 22.11 36.01 8.57
C GLY B 128 21.13 34.87 8.73
N VAL B 129 21.62 33.65 8.98
CA VAL B 129 20.77 32.43 9.13
C VAL B 129 21.20 31.67 10.38
N GLY B 130 20.26 30.93 10.98
CA GLY B 130 20.53 29.96 12.06
C GLY B 130 21.03 28.65 11.48
N LEU B 131 21.60 27.80 12.32
CA LEU B 131 22.16 26.49 11.90
C LEU B 131 21.48 25.37 12.70
N ASP B 132 21.13 24.30 12.02
CA ASP B 132 20.76 22.99 12.63
C ASP B 132 21.87 22.01 12.29
N PHE B 133 21.92 20.87 12.99
CA PHE B 133 23.05 19.92 12.92
C PHE B 133 22.53 18.49 12.79
N ASN B 134 23.34 17.64 12.17
CA ASN B 134 23.10 16.18 12.01
C ASN B 134 24.43 15.46 12.27
N GLY B 135 24.47 14.57 13.26
CA GLY B 135 25.54 13.57 13.39
C GLY B 135 25.54 12.68 12.16
N THR B 136 26.72 12.28 11.67
CA THR B 136 26.85 11.40 10.47
C THR B 136 27.13 9.95 10.91
N PHE B 137 26.12 9.08 10.83
CA PHE B 137 26.20 7.67 11.31
C PHE B 137 26.12 6.71 10.12
N PHE B 138 26.76 7.08 9.02
CA PHE B 138 26.70 6.30 7.76
C PHE B 138 27.95 6.60 6.92
N SER B 139 28.21 5.76 5.91
CA SER B 139 29.33 5.89 4.95
C SER B 139 30.66 5.89 5.70
N HIS B 140 30.93 4.84 6.48
CA HIS B 140 32.13 4.75 7.36
C HIS B 140 32.48 3.28 7.60
N PRO B 141 33.78 2.93 7.69
CA PRO B 141 34.17 1.55 7.97
C PRO B 141 33.59 1.01 9.28
N MET B 142 33.26 1.89 10.23
CA MET B 142 32.80 1.48 11.59
C MET B 142 31.29 1.20 11.55
N VAL B 143 30.63 1.41 10.41
CA VAL B 143 29.28 0.84 10.16
C VAL B 143 29.45 -0.65 9.92
N LYS B 144 29.11 -1.46 10.92
CA LYS B 144 29.31 -2.93 10.91
C LYS B 144 27.93 -3.60 10.79
N ASP B 145 27.71 -4.29 9.65
CA ASP B 145 26.44 -4.99 9.34
C ASP B 145 25.28 -3.99 9.52
N ASN B 146 25.44 -2.79 8.96
CA ASN B 146 24.40 -1.73 8.91
C ASN B 146 24.02 -1.26 10.33
N MET B 147 24.87 -1.49 11.31
CA MET B 147 24.57 -1.03 12.69
C MET B 147 25.71 -0.15 13.20
N THR B 148 25.37 0.75 14.15
CA THR B 148 26.28 1.78 14.69
C THR B 148 26.12 1.87 16.22
N VAL B 149 25.30 2.79 16.71
CA VAL B 149 25.12 3.01 18.18
C VAL B 149 24.49 1.76 18.81
N SER B 150 23.67 0.99 18.06
CA SER B 150 22.92 -0.19 18.61
C SER B 150 23.54 -1.50 18.13
N SER B 151 24.75 -1.46 17.57
CA SER B 151 25.55 -2.66 17.22
C SER B 151 25.71 -3.57 18.44
N PRO B 152 25.67 -4.91 18.26
CA PRO B 152 25.95 -5.85 19.34
C PRO B 152 27.43 -5.90 19.72
N ASP B 153 28.30 -5.23 18.95
CA ASP B 153 29.77 -5.13 19.19
C ASP B 153 30.06 -3.87 20.00
N PRO B 154 30.62 -4.00 21.22
CA PRO B 154 30.84 -2.85 22.10
C PRO B 154 31.83 -1.83 21.54
N LYS B 155 32.83 -2.27 20.77
CA LYS B 155 33.82 -1.37 20.10
C LYS B 155 33.09 -0.47 19.10
N VAL B 156 32.16 -1.02 18.35
CA VAL B 156 31.38 -0.26 17.33
C VAL B 156 30.47 0.73 18.07
N ARG B 157 29.74 0.22 19.06
CA ARG B 157 28.79 1.03 19.86
CA ARG B 157 28.80 1.03 19.87
C ARG B 157 29.52 2.23 20.51
N ASP B 158 30.68 1.98 21.11
CA ASP B 158 31.41 3.02 21.90
C ASP B 158 31.91 4.10 20.93
N PHE B 159 32.38 3.72 19.74
CA PHE B 159 32.84 4.65 18.69
C PHE B 159 31.70 5.62 18.33
N TRP B 160 30.51 5.09 18.08
CA TRP B 160 29.35 5.89 17.60
C TRP B 160 28.74 6.67 18.76
N ILE B 161 28.80 6.15 19.99
CA ILE B 161 28.40 6.90 21.20
C ILE B 161 29.31 8.13 21.35
N ARG B 162 30.63 7.98 21.13
CA ARG B 162 31.58 9.13 21.16
C ARG B 162 31.14 10.15 20.10
N HIS B 163 30.82 9.71 18.87
CA HIS B 163 30.39 10.64 17.80
C HIS B 163 29.11 11.37 18.22
N GLY B 164 28.14 10.64 18.79
CA GLY B 164 26.86 11.22 19.27
C GLY B 164 27.10 12.28 20.32
N LYS B 165 27.95 12.01 21.30
CA LYS B 165 28.28 12.97 22.38
C LYS B 165 28.90 14.22 21.74
N ILE B 166 29.81 14.02 20.79
CA ILE B 166 30.52 15.11 20.06
C ILE B 166 29.52 15.94 19.25
N SER B 167 28.49 15.31 18.68
CA SER B 167 27.44 16.02 17.88
C SER B 167 26.73 17.03 18.78
N ARG B 168 26.48 16.65 20.05
CA ARG B 168 25.83 17.52 21.07
C ARG B 168 26.79 18.67 21.45
N GLU B 169 28.06 18.36 21.71
CA GLU B 169 29.09 19.38 22.08
C GLU B 169 29.21 20.39 20.92
N ILE B 170 29.26 19.91 19.67
CA ILE B 170 29.35 20.80 18.46
C ILE B 170 28.10 21.69 18.41
N SER B 171 26.91 21.09 18.54
CA SER B 171 25.60 21.79 18.45
C SER B 171 25.50 22.83 19.56
N ASN B 172 25.96 22.51 20.77
CA ASN B 172 25.95 23.43 21.94
C ASN B 172 26.80 24.66 21.63
N TYR B 173 27.99 24.43 21.08
CA TYR B 173 29.01 25.47 20.76
C TYR B 173 28.46 26.40 19.68
N ILE B 174 27.89 25.83 18.60
CA ILE B 174 27.29 26.62 17.49
C ILE B 174 26.16 27.50 18.05
N GLY B 175 25.27 26.90 18.85
CA GLY B 175 24.14 27.59 19.49
C GLY B 175 24.62 28.75 20.36
N GLU B 176 25.68 28.55 21.15
CA GLU B 176 26.23 29.60 22.05
C GLU B 176 26.75 30.76 21.18
N LYS B 177 27.40 30.46 20.06
CA LYS B 177 28.06 31.50 19.21
C LYS B 177 27.01 32.26 18.39
N LEU B 178 25.96 31.60 17.92
CA LEU B 178 24.94 32.22 17.03
C LEU B 178 23.83 32.86 17.87
N GLY B 179 23.68 32.42 19.12
CA GLY B 179 22.56 32.83 19.98
C GLY B 179 21.23 32.39 19.40
N SER B 180 21.23 31.25 18.69
CA SER B 180 20.02 30.57 18.16
C SER B 180 20.15 29.07 18.44
N GLN B 181 19.11 28.48 19.04
CA GLN B 181 19.09 27.05 19.43
C GLN B 181 19.39 26.21 18.18
N VAL B 182 20.36 25.29 18.27
CA VAL B 182 20.70 24.33 17.19
C VAL B 182 19.90 23.05 17.45
N VAL B 183 19.03 22.67 16.50
CA VAL B 183 18.34 21.35 16.58
C VAL B 183 19.32 20.30 16.06
N ASN B 184 19.66 19.33 16.89
CA ASN B 184 20.66 18.27 16.63
C ASN B 184 19.91 16.98 16.30
N ASN B 185 19.79 16.67 15.01
CA ASN B 185 18.98 15.54 14.50
C ASN B 185 19.82 14.26 14.43
N PHE B 186 19.30 13.18 15.01
CA PHE B 186 19.92 11.83 15.05
C PHE B 186 19.16 10.93 14.08
N TRP B 187 19.85 10.49 13.03
CA TRP B 187 19.36 9.40 12.15
C TRP B 187 20.40 8.28 12.12
N LEU B 188 19.96 7.06 12.41
CA LEU B 188 20.81 5.84 12.43
C LEU B 188 20.30 4.87 11.36
N PRO B 189 21.21 4.24 10.58
CA PRO B 189 20.81 3.22 9.60
C PRO B 189 20.40 1.89 10.27
N ASP B 190 20.79 1.71 11.52
CA ASP B 190 20.72 0.45 12.30
C ASP B 190 19.49 -0.39 11.89
N GLY B 191 19.73 -1.64 11.50
CA GLY B 191 18.66 -2.61 11.18
C GLY B 191 19.19 -3.86 10.50
N PHE B 192 18.29 -4.65 9.91
CA PHE B 192 18.62 -5.92 9.21
C PHE B 192 18.07 -5.89 7.77
N LYS B 193 18.84 -6.45 6.85
CA LYS B 193 18.39 -6.67 5.44
C LYS B 193 17.26 -7.71 5.42
N ASP B 194 17.45 -8.82 6.13
CA ASP B 194 16.48 -9.95 6.16
C ASP B 194 15.83 -10.05 7.55
N ASN B 195 14.94 -11.03 7.71
CA ASN B 195 14.00 -11.15 8.86
C ASN B 195 14.78 -11.46 10.14
N PRO B 196 14.70 -10.62 11.19
CA PRO B 196 15.40 -10.91 12.43
C PRO B 196 14.68 -11.90 13.37
N ILE B 197 15.46 -12.63 14.16
CA ILE B 197 14.96 -13.51 15.26
C ILE B 197 14.67 -12.62 16.48
N ASP B 198 15.60 -11.75 16.84
CA ASP B 198 15.50 -10.91 18.07
C ASP B 198 15.23 -9.45 17.68
N LYS B 199 14.00 -8.98 17.87
CA LYS B 199 13.60 -7.57 17.60
C LYS B 199 13.77 -6.73 18.87
N LYS B 200 13.73 -7.38 20.04
CA LYS B 200 13.75 -6.72 21.38
C LYS B 200 15.13 -6.12 21.67
N THR B 201 16.17 -6.95 21.63
CA THR B 201 17.52 -6.63 22.17
C THR B 201 18.13 -5.46 21.41
N PRO B 202 18.05 -5.40 20.06
CA PRO B 202 18.57 -4.24 19.33
C PRO B 202 18.00 -2.92 19.84
N ARG B 203 16.70 -2.90 20.17
CA ARG B 203 15.99 -1.66 20.60
C ARG B 203 16.36 -1.34 22.06
N LEU B 204 16.68 -2.35 22.88
CA LEU B 204 17.16 -2.10 24.26
C LEU B 204 18.60 -1.55 24.19
N ARG B 205 19.43 -2.09 23.29
CA ARG B 205 20.81 -1.59 23.05
C ARG B 205 20.71 -0.14 22.58
N LEU B 206 19.77 0.17 21.68
CA LEU B 206 19.56 1.55 21.18
C LEU B 206 19.18 2.47 22.36
N LEU B 207 18.20 2.05 23.15
CA LEU B 207 17.69 2.84 24.31
C LEU B 207 18.86 3.21 25.22
N LYS B 208 19.69 2.23 25.58
CA LYS B 208 20.83 2.40 26.53
C LYS B 208 21.86 3.35 25.93
N ALA B 209 22.18 3.20 24.64
CA ALA B 209 23.20 4.00 23.91
C ALA B 209 22.76 5.46 23.81
N LEU B 210 21.51 5.70 23.39
CA LEU B 210 20.93 7.07 23.25
C LEU B 210 20.98 7.76 24.62
N ASP B 211 20.60 7.05 25.68
CA ASP B 211 20.56 7.59 27.07
C ASP B 211 21.98 8.04 27.45
N GLU B 212 23.00 7.25 27.10
CA GLU B 212 24.42 7.58 27.36
C GLU B 212 24.81 8.82 26.53
N ILE B 213 24.35 8.91 25.28
CA ILE B 213 24.68 10.04 24.38
C ILE B 213 24.18 11.35 24.99
N ILE B 214 22.97 11.38 25.58
CA ILE B 214 22.32 12.64 26.04
C ILE B 214 22.57 12.86 27.54
N LYS B 215 23.44 12.07 28.16
CA LYS B 215 23.63 12.03 29.65
C LYS B 215 24.15 13.38 30.16
N ASP B 216 25.23 13.89 29.56
CA ASP B 216 25.90 15.15 29.97
C ASP B 216 24.97 16.32 29.67
N PRO B 217 24.51 17.06 30.70
CA PRO B 217 23.58 18.16 30.50
C PRO B 217 24.20 19.29 29.66
N LEU B 218 23.46 19.79 28.67
CA LEU B 218 23.86 20.97 27.87
C LEU B 218 22.69 21.95 27.83
N PRO B 219 22.96 23.27 27.86
CA PRO B 219 21.90 24.28 27.91
C PRO B 219 20.91 24.17 26.74
N GLU B 220 19.60 24.13 27.05
CA GLU B 220 18.51 24.01 26.04
C GLU B 220 18.50 25.25 25.14
N LYS B 221 18.97 26.39 25.67
CA LYS B 221 19.01 27.68 24.92
C LYS B 221 20.01 27.55 23.76
N ASN B 222 20.97 26.62 23.85
CA ASN B 222 22.02 26.41 22.81
C ASN B 222 21.60 25.30 21.82
N THR B 223 21.04 24.20 22.31
CA THR B 223 20.73 23.00 21.48
C THR B 223 19.68 22.12 22.15
N ILE B 224 18.94 21.38 21.34
CA ILE B 224 18.10 20.23 21.77
C ILE B 224 18.19 19.15 20.70
N GLU B 225 18.03 17.89 21.10
CA GLU B 225 18.15 16.72 20.19
C GLU B 225 16.79 16.41 19.60
N SER B 226 16.78 15.96 18.34
CA SER B 226 15.62 15.34 17.67
C SER B 226 16.03 13.95 17.17
N PHE B 227 15.08 13.02 17.09
CA PHE B 227 15.33 11.58 16.76
C PHE B 227 14.45 11.16 15.59
N GLU B 228 15.08 10.64 14.53
CA GLU B 228 14.47 10.40 13.21
C GLU B 228 14.40 8.88 12.96
N GLY B 229 13.18 8.36 12.93
CA GLY B 229 12.88 6.96 12.60
C GLY B 229 12.73 6.79 11.10
N LYS B 230 12.71 5.54 10.66
CA LYS B 230 12.57 5.14 9.23
C LYS B 230 11.84 3.80 9.21
N LEU B 231 11.05 3.53 8.17
CA LEU B 231 10.38 2.20 8.02
C LEU B 231 11.36 1.20 7.42
N PHE B 232 12.06 1.59 6.35
CA PHE B 232 13.05 0.72 5.65
C PHE B 232 13.98 1.57 4.76
N GLY B 233 15.21 1.07 4.57
CA GLY B 233 16.17 1.62 3.60
C GLY B 233 16.76 0.52 2.72
N THR B 234 17.41 0.89 1.61
CA THR B 234 18.06 -0.07 0.67
C THR B 234 19.12 -0.86 1.43
N GLY B 235 19.10 -2.19 1.28
CA GLY B 235 20.06 -3.11 1.93
C GLY B 235 19.74 -3.32 3.41
N ILE B 236 18.68 -2.68 3.93
CA ILE B 236 18.26 -2.79 5.36
C ILE B 236 16.73 -2.83 5.41
N GLU B 237 16.12 -3.62 4.53
CA GLU B 237 14.68 -3.53 4.19
C GLU B 237 13.77 -4.13 5.27
N SER B 238 14.21 -5.17 5.98
CA SER B 238 13.32 -6.07 6.77
C SER B 238 13.10 -5.56 8.19
N TYR B 239 14.08 -4.87 8.79
CA TYR B 239 13.95 -4.37 10.18
C TYR B 239 14.79 -3.10 10.36
N THR B 240 14.20 -2.08 10.99
CA THR B 240 14.85 -0.80 11.38
C THR B 240 14.81 -0.70 12.91
N THR B 241 15.97 -0.74 13.55
CA THR B 241 16.07 -0.69 15.03
C THR B 241 15.33 0.57 15.51
N GLY B 242 15.70 1.72 14.97
CA GLY B 242 15.08 3.02 15.27
C GLY B 242 13.78 3.22 14.52
N SER B 243 12.69 2.64 15.02
CA SER B 243 11.34 2.73 14.40
C SER B 243 10.67 4.05 14.78
N HIS B 244 9.66 4.46 14.01
CA HIS B 244 8.86 5.68 14.31
C HIS B 244 8.26 5.56 15.72
N GLU B 245 7.76 4.39 16.10
CA GLU B 245 7.15 4.17 17.43
C GLU B 245 8.23 4.30 18.50
N PHE B 246 9.37 3.63 18.31
CA PHE B 246 10.50 3.70 19.26
C PHE B 246 10.83 5.17 19.54
N TYR B 247 11.01 6.00 18.50
CA TYR B 247 11.50 7.38 18.67
C TYR B 247 10.40 8.32 19.15
N GLN B 248 9.13 8.11 18.78
CA GLN B 248 8.05 8.97 19.35
C GLN B 248 8.04 8.71 20.87
N ASN B 249 8.08 7.44 21.27
CA ASN B 249 8.13 7.02 22.69
C ASN B 249 9.39 7.60 23.33
N TYR B 250 10.54 7.50 22.66
CA TYR B 250 11.84 7.98 23.21
C TYR B 250 11.78 9.49 23.44
N ALA B 251 11.31 10.24 22.43
CA ALA B 251 11.22 11.72 22.47
C ALA B 251 10.36 12.14 23.67
N ILE B 252 9.16 11.56 23.77
CA ILE B 252 8.18 11.94 24.83
C ILE B 252 8.80 11.64 26.19
N SER B 253 9.37 10.46 26.38
CA SER B 253 9.87 10.01 27.72
C SER B 253 11.13 10.77 28.11
N ARG B 254 12.00 11.13 27.14
CA ARG B 254 13.29 11.82 27.44
C ARG B 254 13.16 13.34 27.24
N ASN B 255 11.95 13.85 26.96
CA ASN B 255 11.67 15.29 26.77
C ASN B 255 12.59 15.85 25.66
N LYS B 256 12.61 15.19 24.50
CA LYS B 256 13.36 15.64 23.31
C LYS B 256 12.39 15.78 22.15
N LEU B 257 12.91 16.14 20.97
CA LEU B 257 12.11 16.40 19.75
C LEU B 257 12.01 15.09 18.97
N TRP B 258 10.92 14.94 18.21
CA TRP B 258 10.68 13.77 17.31
C TRP B 258 10.76 14.26 15.86
N THR B 259 11.53 13.57 15.02
CA THR B 259 11.71 13.91 13.59
C THR B 259 10.78 13.03 12.74
N ILE B 260 9.86 13.67 12.02
CA ILE B 260 8.95 13.06 11.01
C ILE B 260 9.49 13.41 9.61
N ASP B 261 10.06 12.42 8.92
CA ASP B 261 10.51 12.59 7.51
C ASP B 261 9.43 12.01 6.60
N ALA B 262 8.83 12.84 5.74
CA ALA B 262 7.64 12.52 4.91
C ALA B 262 7.94 11.36 3.97
N GLY B 263 9.20 10.99 3.78
CA GLY B 263 9.62 9.93 2.85
C GLY B 263 9.78 8.57 3.51
N HIS B 264 9.62 8.48 4.83
CA HIS B 264 10.13 7.31 5.60
C HIS B 264 9.00 6.45 6.17
N PHE B 265 7.77 6.57 5.68
CA PHE B 265 6.58 5.89 6.26
C PHE B 265 5.99 4.89 5.26
N HIS B 266 4.87 4.27 5.62
CA HIS B 266 4.21 3.21 4.82
C HIS B 266 3.58 3.81 3.58
N PRO B 267 3.36 2.99 2.53
CA PRO B 267 2.56 3.42 1.40
C PRO B 267 1.19 3.91 1.91
N THR B 268 0.75 5.09 1.43
CA THR B 268 -0.57 5.71 1.68
C THR B 268 -0.57 6.37 3.07
N GLU B 269 0.52 6.26 3.81
CA GLU B 269 0.62 6.84 5.18
C GLU B 269 0.60 8.37 5.07
N ASP B 270 -0.25 9.03 5.85
CA ASP B 270 -0.38 10.52 5.87
C ASP B 270 0.31 11.04 7.12
N VAL B 271 1.54 11.56 6.99
CA VAL B 271 2.38 11.95 8.16
C VAL B 271 1.74 13.18 8.84
N SER B 272 0.85 13.89 8.14
CA SER B 272 0.12 15.08 8.67
C SER B 272 -0.87 14.65 9.75
N ASP B 273 -1.20 13.35 9.80
CA ASP B 273 -2.07 12.76 10.86
C ASP B 273 -1.36 12.78 12.23
N LYS B 274 -0.02 12.80 12.26
CA LYS B 274 0.75 12.46 13.49
C LYS B 274 0.78 13.66 14.47
N PHE B 275 0.79 14.89 13.96
CA PHE B 275 1.07 16.11 14.76
C PHE B 275 0.11 16.16 15.96
N SER B 276 -1.19 16.05 15.69
CA SER B 276 -2.29 16.21 16.68
C SER B 276 -2.35 15.03 17.66
N ALA B 277 -1.67 13.92 17.36
CA ALA B 277 -1.60 12.73 18.24
C ALA B 277 -0.34 12.81 19.10
N PHE B 278 0.61 13.68 18.72
CA PHE B 278 1.92 13.83 19.39
C PHE B 278 1.84 14.94 20.45
N PHE B 279 1.27 16.10 20.09
CA PHE B 279 1.41 17.36 20.87
C PHE B 279 0.63 17.34 22.18
N PRO B 280 -0.39 16.48 22.41
CA PRO B 280 -0.96 16.36 23.75
C PRO B 280 0.02 15.75 24.75
N PHE B 281 1.13 15.19 24.27
CA PHE B 281 2.11 14.43 25.10
C PHE B 281 3.53 14.97 24.94
N GLY B 282 3.90 15.43 23.73
CA GLY B 282 5.31 15.72 23.39
C GLY B 282 5.65 17.20 23.38
N LYS B 283 6.94 17.51 23.18
CA LYS B 283 7.54 18.87 23.34
C LYS B 283 7.63 19.59 22.00
N GLY B 284 8.15 18.95 20.96
CA GLY B 284 8.40 19.61 19.66
C GLY B 284 8.65 18.59 18.57
N LEU B 285 8.50 19.02 17.32
CA LEU B 285 8.75 18.19 16.12
C LEU B 285 9.85 18.83 15.27
N PHE B 286 10.56 17.99 14.51
CA PHE B 286 11.39 18.38 13.36
C PHE B 286 10.75 17.69 12.14
N MET B 287 10.04 18.45 11.31
CA MET B 287 9.33 17.94 10.10
C MET B 287 10.26 18.08 8.91
N HIS B 288 10.77 16.95 8.41
CA HIS B 288 11.59 16.85 7.19
C HIS B 288 10.66 16.62 5.99
N VAL B 289 10.44 17.64 5.18
CA VAL B 289 9.69 17.49 3.89
C VAL B 289 10.65 16.85 2.89
N SER B 290 10.14 15.83 2.20
CA SER B 290 10.87 14.96 1.26
C SER B 290 9.83 14.19 0.45
N ARG B 291 10.08 13.92 -0.83
CA ARG B 291 9.08 13.24 -1.69
C ARG B 291 9.53 11.81 -1.92
N PRO B 292 8.80 10.82 -1.37
CA PRO B 292 9.03 9.42 -1.69
C PRO B 292 8.26 9.07 -2.97
N VAL B 293 8.94 8.48 -3.94
CA VAL B 293 8.28 7.89 -5.14
C VAL B 293 8.45 6.38 -5.05
N ARG B 294 7.52 5.74 -4.33
CA ARG B 294 7.29 4.27 -4.19
C ARG B 294 8.33 3.64 -3.24
N TRP B 295 9.35 4.40 -2.83
CA TRP B 295 10.27 4.06 -1.73
C TRP B 295 10.89 5.35 -1.19
N ASP B 296 11.85 5.23 -0.28
CA ASP B 296 12.55 6.41 0.30
C ASP B 296 13.55 6.95 -0.72
N SER B 297 13.04 7.61 -1.76
CA SER B 297 13.78 7.97 -3.01
C SER B 297 14.38 9.38 -2.89
N ASP B 298 13.93 10.17 -1.91
CA ASP B 298 14.51 11.50 -1.58
C ASP B 298 14.38 12.42 -2.79
N HIS B 299 13.24 12.37 -3.48
CA HIS B 299 12.90 13.31 -4.59
C HIS B 299 12.74 14.72 -4.03
N VAL B 300 13.01 15.72 -4.87
CA VAL B 300 12.79 17.15 -4.54
C VAL B 300 11.32 17.32 -4.17
N VAL B 301 11.06 18.02 -3.07
CA VAL B 301 9.71 18.36 -2.58
C VAL B 301 8.98 19.14 -3.67
N ILE B 302 7.73 18.76 -3.94
CA ILE B 302 6.84 19.47 -4.91
C ILE B 302 5.49 19.69 -4.23
N MET B 303 4.71 20.62 -4.78
CA MET B 303 3.34 20.88 -4.30
C MET B 303 2.44 19.70 -4.70
N ASP B 304 2.30 18.73 -3.80
CA ASP B 304 1.47 17.50 -3.99
C ASP B 304 0.59 17.33 -2.75
N ASP B 305 -0.24 16.28 -2.75
CA ASP B 305 -1.19 15.98 -1.66
C ASP B 305 -0.43 15.97 -0.33
N ALA B 306 0.70 15.28 -0.27
CA ALA B 306 1.47 15.08 0.97
C ALA B 306 1.91 16.46 1.51
N LEU B 307 2.57 17.28 0.70
CA LEU B 307 3.07 18.61 1.13
C LEU B 307 1.90 19.50 1.53
N ILE B 308 0.82 19.49 0.75
CA ILE B 308 -0.41 20.31 1.01
C ILE B 308 -0.98 19.92 2.38
N ARG B 309 -1.07 18.62 2.67
CA ARG B 309 -1.66 18.11 3.93
C ARG B 309 -0.73 18.43 5.10
N ILE B 310 0.58 18.18 4.97
CA ILE B 310 1.61 18.53 5.99
C ILE B 310 1.46 20.01 6.37
N THR B 311 1.51 20.90 5.38
CA THR B 311 1.55 22.37 5.61
C THR B 311 0.21 22.81 6.20
N ARG B 312 -0.92 22.37 5.66
CA ARG B 312 -2.24 22.88 6.11
C ARG B 312 -2.53 22.34 7.52
N SER B 313 -2.06 21.14 7.84
CA SER B 313 -2.25 20.51 9.18
C SER B 313 -1.46 21.30 10.22
N LEU B 314 -0.25 21.75 9.90
CA LEU B 314 0.56 22.58 10.84
C LEU B 314 -0.11 23.95 11.01
N VAL B 315 -0.61 24.54 9.92
CA VAL B 315 -1.21 25.90 9.91
C VAL B 315 -2.57 25.87 10.63
N ARG B 316 -3.47 24.96 10.26
CA ARG B 316 -4.86 24.95 10.78
C ARG B 316 -4.87 24.71 12.30
N ASP B 317 -3.95 23.89 12.83
CA ASP B 317 -3.96 23.45 14.25
C ASP B 317 -2.89 24.22 15.04
N GLY B 318 -2.27 25.21 14.40
CA GLY B 318 -1.35 26.20 15.01
C GLY B 318 -0.14 25.56 15.67
N TYR B 319 0.55 24.66 14.95
CA TYR B 319 1.71 23.88 15.46
C TYR B 319 3.05 24.41 14.93
N LEU B 320 3.06 25.46 14.09
CA LEU B 320 4.30 25.92 13.43
C LEU B 320 5.35 26.33 14.48
N ASP B 321 4.92 26.99 15.55
CA ASP B 321 5.82 27.56 16.58
C ASP B 321 6.50 26.41 17.36
N ARG B 322 6.03 25.18 17.18
CA ARG B 322 6.55 23.98 17.88
C ARG B 322 7.10 22.96 16.87
N THR B 323 7.06 23.29 15.58
CA THR B 323 7.53 22.42 14.48
C THR B 323 8.61 23.14 13.67
N HIS B 324 9.84 22.64 13.75
CA HIS B 324 10.97 23.05 12.88
C HIS B 324 10.74 22.35 11.53
N ILE B 325 10.74 23.10 10.44
CA ILE B 325 10.58 22.51 9.08
C ILE B 325 11.95 22.50 8.39
N GLY B 326 12.41 21.31 8.01
CA GLY B 326 13.68 21.14 7.26
C GLY B 326 13.40 20.49 5.92
N LEU B 327 14.23 20.79 4.92
CA LEU B 327 14.26 20.05 3.63
C LEU B 327 15.19 18.85 3.80
N ASP B 328 14.80 17.70 3.24
CA ASP B 328 15.64 16.48 3.21
C ASP B 328 15.30 15.73 1.92
N PHE B 329 16.10 15.99 0.88
CA PHE B 329 16.03 15.29 -0.41
C PHE B 329 17.44 15.32 -1.02
N PHE B 330 17.62 14.55 -2.08
CA PHE B 330 18.90 14.48 -2.82
C PHE B 330 18.60 14.10 -4.27
N ASP B 331 18.70 15.07 -5.17
CA ASP B 331 18.54 14.88 -6.63
C ASP B 331 19.75 15.50 -7.34
N ALA B 332 20.60 14.66 -7.92
CA ALA B 332 21.84 15.06 -8.63
C ALA B 332 21.64 15.04 -10.16
N THR B 333 20.43 14.72 -10.65
CA THR B 333 20.13 14.62 -12.10
C THR B 333 19.77 16.02 -12.62
N ILE B 334 19.59 16.98 -11.73
CA ILE B 334 19.15 18.36 -12.07
C ILE B 334 20.12 19.37 -11.43
N ASN B 335 20.03 20.63 -11.83
CA ASN B 335 20.82 21.73 -11.22
C ASN B 335 20.58 21.66 -9.70
N ARG B 336 21.64 21.40 -8.93
CA ARG B 336 21.53 21.11 -7.48
C ARG B 336 21.04 22.35 -6.74
N VAL B 337 21.39 23.55 -7.21
CA VAL B 337 20.93 24.83 -6.59
C VAL B 337 19.43 25.00 -6.85
N ALA B 338 18.99 24.74 -8.09
CA ALA B 338 17.56 24.75 -8.49
C ALA B 338 16.76 23.79 -7.59
N ALA B 339 17.34 22.67 -7.21
CA ALA B 339 16.66 21.62 -6.42
C ALA B 339 16.20 22.24 -5.08
N TRP B 340 17.10 22.96 -4.43
CA TRP B 340 16.82 23.70 -3.17
C TRP B 340 15.64 24.64 -3.37
N VAL B 341 15.66 25.44 -4.44
CA VAL B 341 14.67 26.54 -4.65
C VAL B 341 13.30 25.93 -4.96
N VAL B 342 13.24 24.89 -5.79
CA VAL B 342 11.96 24.21 -6.14
C VAL B 342 11.33 23.70 -4.82
N GLY B 343 12.10 22.96 -4.03
CA GLY B 343 11.64 22.35 -2.78
C GLY B 343 11.15 23.40 -1.80
N ALA B 344 11.95 24.47 -1.62
CA ALA B 344 11.68 25.55 -0.64
C ALA B 344 10.43 26.32 -1.05
N ARG B 345 10.32 26.73 -2.32
CA ARG B 345 9.16 27.48 -2.85
C ARG B 345 7.89 26.60 -2.79
N ALA B 346 7.97 25.31 -3.07
CA ALA B 346 6.81 24.38 -2.96
C ALA B 346 6.28 24.44 -1.52
N THR B 347 7.18 24.32 -0.54
CA THR B 347 6.82 24.31 0.90
C THR B 347 6.15 25.65 1.26
N GLN B 348 6.73 26.77 0.82
CA GLN B 348 6.28 28.14 1.21
C GLN B 348 4.89 28.41 0.63
N LYS B 349 4.68 28.13 -0.66
CA LYS B 349 3.41 28.45 -1.34
C LYS B 349 2.30 27.57 -0.75
N SER B 350 2.63 26.34 -0.37
CA SER B 350 1.70 25.39 0.29
C SER B 350 1.33 25.91 1.69
N LEU B 351 2.32 26.33 2.48
CA LEU B 351 2.06 27.01 3.77
C LEU B 351 1.12 28.20 3.53
N LEU B 352 1.45 29.05 2.55
CA LEU B 352 0.68 30.28 2.26
C LEU B 352 -0.75 29.93 1.83
N GLN B 353 -0.94 28.93 0.97
CA GLN B 353 -2.32 28.53 0.57
C GLN B 353 -3.12 28.18 1.84
N ALA B 354 -2.55 27.38 2.72
CA ALA B 354 -3.17 26.99 4.02
C ALA B 354 -3.50 28.25 4.84
N MET B 355 -2.62 29.25 4.83
CA MET B 355 -2.79 30.46 5.67
C MET B 355 -3.87 31.34 5.05
N LEU B 356 -4.22 31.11 3.79
CA LEU B 356 -5.19 31.95 3.05
C LEU B 356 -6.61 31.37 3.14
N ALA B 357 -6.87 30.49 4.09
CA ALA B 357 -8.23 29.92 4.32
C ALA B 357 -8.90 30.62 5.49
N PRO B 358 -10.24 30.77 5.46
CA PRO B 358 -10.98 31.34 6.59
C PRO B 358 -11.11 30.26 7.69
N ILE B 359 -9.99 29.99 8.36
CA ILE B 359 -9.82 28.77 9.22
C ILE B 359 -10.83 28.83 10.38
N ASP B 360 -11.01 29.99 11.02
CA ASP B 360 -11.90 30.08 12.22
C ASP B 360 -13.36 29.80 11.82
N GLN B 361 -13.81 30.31 10.67
CA GLN B 361 -15.20 30.07 10.19
C GLN B 361 -15.35 28.60 9.79
N LEU B 362 -14.36 28.07 9.08
CA LEU B 362 -14.37 26.64 8.63
C LEU B 362 -14.44 25.73 9.86
N LYS B 363 -13.68 26.05 10.90
CA LYS B 363 -13.71 25.28 12.18
C LYS B 363 -15.12 25.30 12.76
N LYS B 364 -15.77 26.47 12.78
CA LYS B 364 -17.15 26.63 13.29
C LYS B 364 -18.11 25.75 12.49
N ASP B 365 -18.03 25.85 11.16
CA ASP B 365 -18.86 25.05 10.23
C ASP B 365 -18.70 23.56 10.58
N GLU B 366 -17.47 23.14 10.80
CA GLU B 366 -17.12 21.73 11.09
C GLU B 366 -17.69 21.31 12.45
N LEU B 367 -17.55 22.15 13.48
CA LEU B 367 -18.11 21.87 14.83
C LEU B 367 -19.63 21.69 14.73
N ASN B 368 -20.27 22.32 13.76
CA ASN B 368 -21.74 22.29 13.55
C ASN B 368 -22.10 21.18 12.56
N ALA B 369 -21.11 20.39 12.13
CA ALA B 369 -21.27 19.20 11.25
C ALA B 369 -21.77 19.63 9.86
N ASP B 370 -21.50 20.87 9.46
CA ASP B 370 -21.84 21.37 8.10
C ASP B 370 -20.75 20.89 7.14
N PHE B 371 -20.78 19.61 6.81
CA PHE B 371 -19.75 18.94 5.96
C PHE B 371 -19.93 19.38 4.51
N THR B 372 -21.14 19.76 4.11
CA THR B 372 -21.43 20.33 2.77
C THR B 372 -20.59 21.60 2.57
N THR B 373 -20.75 22.59 3.43
CA THR B 373 -20.03 23.89 3.32
C THR B 373 -18.52 23.62 3.31
N ARG B 374 -18.05 22.73 4.18
CA ARG B 374 -16.59 22.44 4.32
C ARG B 374 -16.05 21.91 2.99
N LEU B 375 -16.73 20.93 2.39
CA LEU B 375 -16.29 20.34 1.10
C LEU B 375 -16.28 21.44 0.03
N ILE B 376 -17.38 22.18 -0.12
CA ILE B 376 -17.51 23.21 -1.20
C ILE B 376 -16.37 24.23 -1.04
N GLU B 377 -16.18 24.78 0.17
CA GLU B 377 -15.24 25.89 0.40
C GLU B 377 -13.79 25.42 0.23
N THR B 378 -13.39 24.30 0.84
CA THR B 378 -12.01 23.77 0.74
C THR B 378 -11.67 23.50 -0.74
N GLU B 379 -12.65 23.09 -1.54
CA GLU B 379 -12.43 22.80 -2.98
C GLU B 379 -12.30 24.12 -3.75
N GLU B 380 -13.15 25.12 -3.44
CA GLU B 380 -13.09 26.45 -4.10
C GLU B 380 -11.75 27.12 -3.79
N LEU B 381 -11.22 26.96 -2.57
CA LEU B 381 -10.00 27.69 -2.14
C LEU B 381 -8.80 27.20 -2.95
N LYS B 382 -8.87 25.97 -3.49
CA LYS B 382 -7.77 25.39 -4.29
C LYS B 382 -7.59 26.18 -5.59
N SER B 383 -8.63 26.89 -6.06
CA SER B 383 -8.57 27.72 -7.29
C SER B 383 -8.84 29.19 -7.00
N PHE B 384 -8.79 29.61 -5.73
CA PHE B 384 -8.69 31.04 -5.36
C PHE B 384 -7.33 31.55 -5.80
N PRO B 385 -7.10 32.89 -5.89
CA PRO B 385 -5.85 33.43 -6.41
C PRO B 385 -4.70 33.47 -5.40
N PHE B 386 -4.33 32.31 -4.86
CA PHE B 386 -3.23 32.14 -3.88
C PHE B 386 -1.88 32.42 -4.58
N GLY B 387 -1.80 32.15 -5.89
CA GLY B 387 -0.61 32.46 -6.70
C GLY B 387 -0.26 33.94 -6.65
N ALA B 388 -1.28 34.81 -6.63
CA ALA B 388 -1.12 36.29 -6.65
C ALA B 388 -0.53 36.77 -5.33
N VAL B 389 -0.87 36.08 -4.23
CA VAL B 389 -0.33 36.38 -2.87
C VAL B 389 1.10 35.86 -2.80
N TRP B 390 1.37 34.67 -3.34
CA TRP B 390 2.72 34.07 -3.40
C TRP B 390 3.67 35.00 -4.18
N ASP B 391 3.27 35.41 -5.38
CA ASP B 391 4.07 36.30 -6.26
C ASP B 391 4.41 37.60 -5.51
N LYS B 392 3.42 38.20 -4.85
CA LYS B 392 3.59 39.44 -4.06
C LYS B 392 4.64 39.15 -2.97
N PHE B 393 4.53 38.01 -2.28
CA PHE B 393 5.48 37.65 -1.20
C PHE B 393 6.89 37.55 -1.77
N CYS B 394 7.03 36.93 -2.94
CA CYS B 394 8.32 36.78 -3.65
C CYS B 394 8.91 38.18 -3.93
N GLN B 395 8.09 39.07 -4.50
CA GLN B 395 8.51 40.42 -4.93
C GLN B 395 8.85 41.28 -3.71
N ASP B 396 7.99 41.26 -2.69
CA ASP B 396 8.19 42.07 -1.45
C ASP B 396 9.54 41.70 -0.83
N HIS B 397 10.01 40.46 -1.05
CA HIS B 397 11.23 39.92 -0.39
C HIS B 397 12.38 39.84 -1.39
N ASN B 398 12.30 40.59 -2.49
CA ASN B 398 13.42 40.79 -3.44
C ASN B 398 13.87 39.46 -4.04
N THR B 399 12.94 38.64 -4.51
CA THR B 399 13.21 37.37 -5.25
C THR B 399 12.38 37.37 -6.52
N PRO B 400 12.87 36.72 -7.60
CA PRO B 400 12.15 36.70 -8.88
C PRO B 400 10.78 36.03 -8.81
N VAL B 401 9.86 36.43 -9.69
CA VAL B 401 8.45 35.92 -9.72
C VAL B 401 8.32 34.83 -10.78
N GLY B 402 7.69 33.70 -10.41
CA GLY B 402 7.33 32.60 -11.33
C GLY B 402 8.55 32.02 -12.02
N PHE B 403 8.46 31.86 -13.34
CA PHE B 403 9.52 31.32 -14.24
C PHE B 403 10.83 32.14 -14.12
N ASP B 404 10.74 33.39 -13.66
CA ASP B 404 11.82 34.39 -13.78
C ASP B 404 13.11 33.90 -13.12
N TRP B 405 13.05 33.09 -12.05
CA TRP B 405 14.26 32.73 -11.27
C TRP B 405 15.10 31.73 -12.06
N MET B 406 14.57 31.17 -13.14
CA MET B 406 15.35 30.31 -14.07
C MET B 406 16.47 31.14 -14.73
N ASN B 407 16.22 32.43 -14.94
CA ASN B 407 17.22 33.38 -15.47
C ASN B 407 18.44 33.36 -14.54
N ASN B 408 18.18 33.45 -13.23
CA ASN B 408 19.22 33.51 -12.18
C ASN B 408 20.03 32.21 -12.20
N ILE B 409 19.34 31.07 -12.37
CA ILE B 409 19.97 29.72 -12.44
C ILE B 409 20.87 29.65 -13.68
N HIS B 410 20.36 30.04 -14.86
CA HIS B 410 21.13 29.99 -16.13
C HIS B 410 22.36 30.89 -15.99
N GLN B 411 22.23 32.05 -15.35
CA GLN B 411 23.37 32.98 -15.17
C GLN B 411 24.40 32.35 -14.21
N TYR B 412 23.94 31.66 -13.16
CA TYR B 412 24.82 31.03 -12.15
C TYR B 412 25.53 29.83 -12.79
N GLU B 413 24.82 29.08 -13.62
CA GLU B 413 25.41 27.99 -14.43
C GLU B 413 26.56 28.54 -15.26
N LYS B 414 26.26 29.54 -16.10
CA LYS B 414 27.19 30.18 -17.05
C LYS B 414 28.42 30.70 -16.28
N ASP B 415 28.20 31.45 -15.20
CA ASP B 415 29.24 32.24 -14.49
C ASP B 415 30.02 31.37 -13.47
N VAL B 416 29.39 30.35 -12.89
CA VAL B 416 29.98 29.61 -11.73
C VAL B 416 29.98 28.09 -11.98
N GLN B 417 28.80 27.47 -12.07
CA GLN B 417 28.65 25.99 -11.99
C GLN B 417 29.35 25.31 -13.18
N PHE B 418 29.09 25.74 -14.41
CA PHE B 418 29.59 25.08 -15.64
C PHE B 418 31.09 25.34 -15.81
N LYS B 419 31.67 26.25 -15.04
CA LYS B 419 33.12 26.58 -15.12
C LYS B 419 33.91 25.66 -14.18
N ARG B 420 33.25 25.00 -13.23
CA ARG B 420 33.91 24.05 -12.28
C ARG B 420 34.33 22.81 -13.07
N MET C 1 22.82 -35.88 11.14
CA MET C 1 22.49 -36.42 9.79
C MET C 1 21.16 -37.18 9.87
N VAL C 2 20.22 -36.89 8.98
CA VAL C 2 18.92 -37.62 8.89
C VAL C 2 19.22 -39.06 8.45
N LYS C 3 18.43 -40.02 8.92
CA LYS C 3 18.60 -41.47 8.59
C LYS C 3 17.65 -41.83 7.46
N PRO C 4 18.16 -42.33 6.31
CA PRO C 4 17.31 -42.65 5.16
C PRO C 4 16.07 -43.48 5.53
N GLU C 5 16.24 -44.51 6.37
CA GLU C 5 15.13 -45.43 6.74
C GLU C 5 14.07 -44.62 7.53
N GLU C 6 14.50 -43.60 8.27
CA GLU C 6 13.61 -42.71 9.07
C GLU C 6 12.78 -41.85 8.12
N VAL C 7 13.41 -41.30 7.09
CA VAL C 7 12.73 -40.49 6.03
C VAL C 7 11.69 -41.38 5.34
N ASP C 8 12.07 -42.63 5.02
CA ASP C 8 11.22 -43.59 4.27
C ASP C 8 10.00 -43.96 5.11
N LYS C 9 10.19 -44.19 6.40
CA LYS C 9 9.10 -44.57 7.34
C LYS C 9 8.14 -43.39 7.51
N ALA C 10 8.66 -42.18 7.65
CA ALA C 10 7.85 -40.94 7.81
C ALA C 10 7.05 -40.70 6.51
N TYR C 11 7.67 -40.94 5.36
CA TYR C 11 6.99 -40.85 4.04
C TYR C 11 5.77 -41.79 4.00
N GLU C 12 5.95 -43.07 4.39
CA GLU C 12 4.86 -44.09 4.31
C GLU C 12 3.69 -43.66 5.19
N VAL C 13 3.96 -43.09 6.37
CA VAL C 13 2.93 -42.60 7.33
C VAL C 13 2.18 -41.43 6.68
N ALA C 14 2.91 -40.47 6.10
CA ALA C 14 2.34 -39.27 5.42
C ALA C 14 1.50 -39.74 4.21
N LYS C 15 2.04 -40.68 3.43
CA LYS C 15 1.32 -41.28 2.28
C LYS C 15 -0.08 -41.71 2.75
N GLN C 16 -0.15 -42.36 3.92
CA GLN C 16 -1.43 -42.88 4.48
C GLN C 16 -2.33 -41.72 4.88
N ARG C 17 -1.81 -40.71 5.60
CA ARG C 17 -2.60 -39.52 6.05
C ARG C 17 -3.24 -38.87 4.81
N TYR C 18 -2.50 -38.74 3.70
CA TYR C 18 -2.95 -38.05 2.47
C TYR C 18 -3.89 -38.95 1.66
N ALA C 19 -3.63 -40.26 1.64
CA ALA C 19 -4.48 -41.26 0.95
C ALA C 19 -5.90 -41.19 1.54
N GLU C 20 -6.00 -41.01 2.86
CA GLU C 20 -7.29 -41.00 3.60
C GLU C 20 -8.14 -39.78 3.18
N ILE C 21 -7.53 -38.72 2.63
CA ILE C 21 -8.27 -37.51 2.14
C ILE C 21 -8.23 -37.48 0.61
N GLY C 22 -7.83 -38.59 -0.02
CA GLY C 22 -7.94 -38.80 -1.49
C GLY C 22 -6.80 -38.16 -2.25
N VAL C 23 -5.62 -38.07 -1.63
CA VAL C 23 -4.39 -37.45 -2.24
C VAL C 23 -3.32 -38.54 -2.41
N ASP C 24 -2.75 -38.65 -3.61
CA ASP C 24 -1.68 -39.63 -3.97
C ASP C 24 -0.32 -38.92 -3.90
N THR C 25 0.45 -39.19 -2.83
CA THR C 25 1.77 -38.58 -2.57
C THR C 25 2.76 -38.98 -3.68
N ASP C 26 2.75 -40.24 -4.12
CA ASP C 26 3.65 -40.75 -5.20
C ASP C 26 3.42 -39.94 -6.49
N ALA C 27 2.16 -39.72 -6.87
CA ALA C 27 1.75 -38.91 -8.05
C ALA C 27 2.21 -37.46 -7.86
N ALA C 28 1.99 -36.87 -6.68
CA ALA C 28 2.35 -35.48 -6.33
C ALA C 28 3.85 -35.26 -6.58
N MET C 29 4.68 -36.20 -6.17
CA MET C 29 6.16 -36.13 -6.35
C MET C 29 6.50 -36.23 -7.84
N LYS C 30 5.77 -37.04 -8.60
CA LYS C 30 5.99 -37.17 -10.07
C LYS C 30 5.68 -35.82 -10.74
N GLU C 31 4.61 -35.16 -10.32
CA GLU C 31 4.21 -33.82 -10.84
C GLU C 31 5.31 -32.79 -10.54
N LEU C 32 5.92 -32.85 -9.37
CA LEU C 32 7.01 -31.91 -8.98
C LEU C 32 8.23 -32.11 -9.90
N GLU C 33 8.57 -33.37 -10.21
CA GLU C 33 9.73 -33.72 -11.09
C GLU C 33 9.63 -32.97 -12.42
N LYS C 34 8.41 -32.66 -12.87
CA LYS C 34 8.15 -32.12 -14.23
C LYS C 34 8.21 -30.60 -14.24
N VAL C 35 8.56 -29.97 -13.10
CA VAL C 35 8.69 -28.49 -13.02
C VAL C 35 10.16 -28.10 -12.87
N PRO C 36 10.85 -27.85 -14.00
CA PRO C 36 12.20 -27.27 -13.96
C PRO C 36 12.18 -25.79 -13.54
N LEU C 37 13.05 -25.42 -12.60
CA LEU C 37 13.29 -24.00 -12.21
C LEU C 37 14.49 -23.46 -12.99
N SER C 38 14.36 -22.29 -13.58
CA SER C 38 15.45 -21.65 -14.36
C SER C 38 16.30 -20.81 -13.40
N VAL C 39 17.42 -21.40 -12.94
CA VAL C 39 18.37 -20.83 -11.95
C VAL C 39 19.20 -19.74 -12.65
N HIS C 40 19.16 -18.51 -12.12
CA HIS C 40 19.81 -17.31 -12.69
C HIS C 40 21.30 -17.32 -12.37
N CYS C 41 22.15 -17.22 -13.40
CA CYS C 41 23.63 -17.33 -13.26
C CYS C 41 24.19 -16.13 -12.49
N TRP C 42 23.50 -14.98 -12.51
CA TRP C 42 24.10 -13.68 -12.12
C TRP C 42 24.17 -13.53 -10.59
N GLN C 43 23.44 -14.35 -9.84
CA GLN C 43 23.53 -14.40 -8.35
C GLN C 43 24.95 -14.85 -7.95
N GLY C 44 25.63 -15.60 -8.83
CA GLY C 44 26.92 -16.23 -8.54
C GLY C 44 28.07 -15.24 -8.48
N ASP C 45 28.00 -14.15 -9.25
CA ASP C 45 29.14 -13.22 -9.46
C ASP C 45 28.67 -11.76 -9.40
N ASP C 46 27.57 -11.49 -8.67
CA ASP C 46 27.01 -10.13 -8.46
C ASP C 46 26.82 -9.43 -9.82
N ILE C 47 26.30 -10.15 -10.82
CA ILE C 47 25.91 -9.59 -12.14
C ILE C 47 27.11 -8.85 -12.78
N HIS C 48 28.34 -9.26 -12.47
CA HIS C 48 29.56 -8.71 -13.12
C HIS C 48 29.66 -9.20 -14.57
N GLY C 49 29.35 -10.48 -14.81
CA GLY C 49 29.58 -11.12 -16.12
C GLY C 49 31.05 -11.12 -16.46
N PHE C 50 31.40 -11.36 -17.74
CA PHE C 50 32.79 -11.53 -18.21
C PHE C 50 33.12 -10.58 -19.36
N LEU C 51 32.09 -9.96 -19.96
CA LEU C 51 32.21 -9.21 -21.23
C LEU C 51 33.04 -7.94 -20.99
N PHE C 52 32.71 -7.20 -19.94
CA PHE C 52 33.38 -5.93 -19.56
C PHE C 52 33.99 -6.11 -18.18
N PRO C 53 35.20 -6.70 -18.06
CA PRO C 53 35.80 -6.93 -16.75
C PRO C 53 35.78 -5.60 -15.97
N ASN C 54 34.85 -5.51 -15.00
CA ASN C 54 34.49 -4.35 -14.12
C ASN C 54 33.53 -3.34 -14.75
N GLY C 65 31.70 -5.82 3.16
CA GLY C 65 30.24 -5.84 3.34
C GLY C 65 29.61 -7.08 2.74
N ASN C 66 30.17 -7.59 1.64
CA ASN C 66 29.63 -8.76 0.87
C ASN C 66 30.30 -10.06 1.33
N TYR C 67 29.55 -11.16 1.31
CA TYR C 67 30.04 -12.51 1.68
C TYR C 67 31.26 -12.86 0.84
N PRO C 68 32.23 -13.61 1.41
CA PRO C 68 33.41 -14.03 0.66
C PRO C 68 33.08 -15.04 -0.45
N GLY C 69 34.03 -15.24 -1.37
CA GLY C 69 34.05 -16.38 -2.32
C GLY C 69 33.26 -16.12 -3.60
N ILE C 70 33.04 -14.86 -3.96
CA ILE C 70 32.36 -14.50 -5.25
C ILE C 70 33.10 -15.20 -6.40
N ALA C 71 32.38 -15.78 -7.35
CA ALA C 71 32.92 -16.30 -8.63
C ALA C 71 33.50 -15.12 -9.43
N ARG C 72 34.63 -15.32 -10.11
CA ARG C 72 35.33 -14.26 -10.88
C ARG C 72 35.63 -14.74 -12.31
N THR C 73 35.41 -16.01 -12.62
CA THR C 73 35.72 -16.61 -13.94
C THR C 73 34.57 -17.52 -14.35
N PRO C 74 34.44 -17.85 -15.65
CA PRO C 74 33.43 -18.81 -16.11
C PRO C 74 33.51 -20.14 -15.34
N ASP C 75 34.72 -20.67 -15.17
CA ASP C 75 34.97 -21.97 -14.50
C ASP C 75 34.47 -21.89 -13.04
N GLU C 76 34.73 -20.77 -12.36
CA GLU C 76 34.33 -20.58 -10.94
C GLU C 76 32.80 -20.53 -10.86
N LEU C 77 32.15 -19.78 -11.76
CA LEU C 77 30.67 -19.62 -11.79
C LEU C 77 30.02 -20.97 -12.16
N ALA C 78 30.57 -21.66 -13.16
CA ALA C 78 30.10 -22.98 -13.61
C ALA C 78 30.13 -23.95 -12.42
N GLY C 79 31.24 -23.97 -11.68
CA GLY C 79 31.43 -24.83 -10.49
C GLY C 79 30.44 -24.48 -9.39
N ASP C 80 30.16 -23.20 -9.18
CA ASP C 80 29.20 -22.73 -8.15
C ASP C 80 27.79 -23.20 -8.53
N MET C 81 27.38 -23.03 -9.78
CA MET C 81 26.03 -23.44 -10.25
C MET C 81 25.91 -24.97 -10.16
N HIS C 82 26.97 -25.71 -10.50
CA HIS C 82 27.04 -27.19 -10.33
C HIS C 82 26.80 -27.55 -8.85
N GLU C 83 27.47 -26.87 -7.92
CA GLU C 83 27.32 -27.17 -6.47
C GLU C 83 25.85 -26.95 -6.08
N ALA C 84 25.28 -25.80 -6.46
CA ALA C 84 23.89 -25.42 -6.12
C ALA C 84 22.93 -26.49 -6.67
N LEU C 85 23.05 -26.83 -7.94
CA LEU C 85 22.15 -27.80 -8.61
C LEU C 85 22.26 -29.16 -7.89
N SER C 86 23.45 -29.51 -7.38
CA SER C 86 23.71 -30.79 -6.68
C SER C 86 22.94 -30.85 -5.36
N LEU C 87 22.41 -29.71 -4.90
CA LEU C 87 21.67 -29.60 -3.61
C LEU C 87 20.18 -29.30 -3.87
N ILE C 88 19.80 -29.16 -5.14
CA ILE C 88 18.39 -28.94 -5.56
C ILE C 88 17.89 -30.21 -6.23
N PRO C 89 16.89 -30.91 -5.65
CA PRO C 89 16.46 -32.20 -6.16
C PRO C 89 15.78 -32.07 -7.53
N GLY C 90 16.08 -33.00 -8.45
CA GLY C 90 15.42 -33.09 -9.77
C GLY C 90 16.24 -32.43 -10.87
N LYS C 91 15.57 -32.13 -11.98
CA LYS C 91 16.20 -31.63 -13.24
C LYS C 91 15.73 -30.19 -13.47
N HIS C 92 16.66 -29.26 -13.67
CA HIS C 92 16.36 -27.81 -13.76
C HIS C 92 17.09 -27.16 -14.95
N ARG C 93 17.06 -25.84 -15.00
CA ARG C 93 17.61 -25.04 -16.13
C ARG C 93 18.45 -23.92 -15.54
N VAL C 94 19.23 -23.23 -16.37
CA VAL C 94 20.02 -22.04 -15.98
C VAL C 94 19.67 -20.90 -16.95
N GLN C 95 19.51 -19.68 -16.41
CA GLN C 95 19.36 -18.42 -17.19
C GLN C 95 20.74 -17.77 -17.35
N LEU C 96 21.08 -17.38 -18.57
CA LEU C 96 22.30 -16.59 -18.86
C LEU C 96 21.90 -15.13 -19.12
N HIS C 97 22.80 -14.19 -18.84
CA HIS C 97 22.77 -12.80 -19.36
C HIS C 97 23.80 -12.69 -20.49
N ALA C 98 23.58 -11.78 -21.44
CA ALA C 98 24.44 -11.65 -22.64
C ALA C 98 25.86 -11.29 -22.19
N ILE C 99 26.02 -10.66 -21.01
CA ILE C 99 27.36 -10.22 -20.53
C ILE C 99 28.16 -11.43 -20.02
N TYR C 100 27.58 -12.63 -19.99
CA TYR C 100 28.26 -13.88 -19.58
C TYR C 100 28.83 -14.60 -20.81
N ALA C 101 28.87 -13.93 -21.97
CA ALA C 101 29.65 -14.34 -23.16
C ALA C 101 31.07 -14.76 -22.72
N VAL C 102 31.56 -15.88 -23.27
CA VAL C 102 32.95 -16.37 -23.00
C VAL C 102 33.72 -16.39 -24.33
N THR C 103 34.62 -15.42 -24.51
CA THR C 103 35.35 -15.18 -25.78
C THR C 103 36.59 -14.31 -25.48
N ASP C 104 37.68 -14.59 -26.18
CA ASP C 104 38.95 -13.81 -26.07
C ASP C 104 38.92 -12.72 -27.14
N LYS C 105 37.90 -12.73 -28.00
CA LYS C 105 37.66 -11.69 -29.05
C LYS C 105 37.11 -10.42 -28.39
N LYS C 106 37.45 -9.26 -28.96
CA LYS C 106 36.95 -7.94 -28.48
C LYS C 106 35.49 -7.80 -28.94
N ARG C 107 34.56 -7.77 -28.00
CA ARG C 107 33.10 -7.76 -28.27
C ARG C 107 32.47 -6.55 -27.59
N ASP C 108 31.45 -5.96 -28.24
CA ASP C 108 30.46 -5.08 -27.56
C ASP C 108 29.10 -5.81 -27.63
N LEU C 109 28.08 -5.27 -26.98
CA LEU C 109 26.75 -5.91 -26.88
C LEU C 109 26.12 -6.04 -28.28
N ASP C 110 26.50 -5.15 -29.20
CA ASP C 110 25.95 -5.13 -30.59
C ASP C 110 26.87 -5.88 -31.56
N THR C 111 27.89 -6.60 -31.07
CA THR C 111 28.78 -7.42 -31.95
C THR C 111 29.00 -8.81 -31.35
N LEU C 112 28.18 -9.23 -30.37
CA LEU C 112 28.20 -10.61 -29.83
C LEU C 112 27.82 -11.59 -30.95
N GLU C 113 28.35 -12.80 -30.92
CA GLU C 113 28.06 -13.88 -31.90
C GLU C 113 27.66 -15.13 -31.13
N PRO C 114 26.79 -15.99 -31.73
CA PRO C 114 26.27 -17.16 -31.02
C PRO C 114 27.38 -18.02 -30.38
N GLU C 115 28.48 -18.22 -31.12
CA GLU C 115 29.61 -19.12 -30.73
C GLU C 115 30.25 -18.62 -29.44
N ASP C 116 30.07 -17.33 -29.12
CA ASP C 116 30.57 -16.71 -27.87
C ASP C 116 29.92 -17.40 -26.66
N PHE C 117 28.94 -18.28 -26.87
CA PHE C 117 28.18 -18.94 -25.77
C PHE C 117 28.38 -20.45 -25.81
N ASP C 118 29.25 -20.91 -26.71
CA ASP C 118 29.66 -22.34 -26.85
C ASP C 118 30.08 -22.88 -25.48
N TYR C 119 30.82 -22.08 -24.69
CA TYR C 119 31.28 -22.48 -23.34
C TYR C 119 30.10 -22.97 -22.51
N TRP C 120 28.98 -22.23 -22.57
CA TRP C 120 27.78 -22.48 -21.73
C TRP C 120 26.95 -23.64 -22.31
N ILE C 121 26.83 -23.71 -23.62
CA ILE C 121 26.19 -24.87 -24.31
C ILE C 121 26.91 -26.14 -23.84
N ASP C 122 28.24 -26.14 -23.87
CA ASP C 122 29.08 -27.32 -23.53
C ASP C 122 28.86 -27.64 -22.05
N TRP C 123 28.82 -26.62 -21.19
CA TRP C 123 28.60 -26.82 -19.75
C TRP C 123 27.20 -27.41 -19.50
N ALA C 124 26.16 -26.83 -20.10
CA ALA C 124 24.76 -27.27 -19.95
C ALA C 124 24.59 -28.73 -20.42
N LYS C 125 25.25 -29.13 -21.51
CA LYS C 125 25.21 -30.52 -22.02
C LYS C 125 25.81 -31.46 -20.99
N GLN C 126 26.98 -31.08 -20.44
CA GLN C 126 27.72 -31.81 -19.37
C GLN C 126 26.84 -31.97 -18.12
N GLU C 127 26.21 -30.86 -17.73
CA GLU C 127 25.42 -30.73 -16.48
C GLU C 127 24.05 -31.40 -16.66
N GLY C 128 23.58 -31.50 -17.91
CA GLY C 128 22.25 -32.07 -18.25
C GLY C 128 21.12 -31.13 -17.91
N VAL C 129 21.26 -29.85 -18.29
CA VAL C 129 20.21 -28.81 -18.07
C VAL C 129 20.01 -28.01 -19.37
N GLY C 130 18.81 -27.45 -19.54
CA GLY C 130 18.49 -26.48 -20.61
C GLY C 130 18.92 -25.08 -20.21
N LEU C 131 18.99 -24.18 -21.17
CA LEU C 131 19.40 -22.77 -20.93
C LEU C 131 18.31 -21.81 -21.38
N ASP C 132 18.04 -20.80 -20.56
CA ASP C 132 17.22 -19.62 -20.94
C ASP C 132 18.19 -18.45 -21.11
N PHE C 133 17.76 -17.38 -21.77
CA PHE C 133 18.66 -16.24 -22.10
C PHE C 133 18.01 -14.92 -21.68
N ASN C 134 18.85 -13.92 -21.44
CA ASN C 134 18.46 -12.51 -21.18
C ASN C 134 19.42 -11.59 -21.93
N GLY C 135 18.89 -10.72 -22.80
CA GLY C 135 19.65 -9.58 -23.33
C GLY C 135 20.05 -8.69 -22.18
N THR C 136 21.21 -8.03 -22.27
CA THR C 136 21.71 -7.11 -21.22
C THR C 136 21.51 -5.66 -21.69
N PHE C 137 20.51 -4.97 -21.15
CA PHE C 137 20.11 -3.60 -21.56
C PHE C 137 20.37 -2.62 -20.41
N PHE C 138 21.49 -2.80 -19.71
CA PHE C 138 21.87 -1.98 -18.52
C PHE C 138 23.40 -2.02 -18.34
N SER C 139 23.91 -1.15 -17.48
CA SER C 139 25.34 -1.07 -17.09
C SER C 139 26.21 -0.95 -18.34
N HIS C 140 26.00 0.11 -19.12
CA HIS C 140 26.68 0.34 -20.43
C HIS C 140 26.58 1.83 -20.75
N PRO C 141 27.66 2.42 -21.30
CA PRO C 141 27.67 3.85 -21.65
C PRO C 141 26.57 4.22 -22.66
N MET C 142 26.01 3.24 -23.39
CA MET C 142 24.97 3.51 -24.41
C MET C 142 23.58 3.58 -23.75
N VAL C 143 23.48 3.31 -22.45
CA VAL C 143 22.26 3.62 -21.66
C VAL C 143 22.21 5.13 -21.47
N LYS C 144 21.37 5.83 -22.22
CA LYS C 144 21.31 7.32 -22.20
C LYS C 144 20.07 7.76 -21.41
N ASP C 145 20.28 8.42 -20.27
CA ASP C 145 19.21 8.92 -19.37
C ASP C 145 18.25 7.76 -19.06
N ASN C 146 18.82 6.59 -18.76
CA ASN C 146 18.07 5.40 -18.30
C ASN C 146 17.22 4.82 -19.43
N MET C 147 17.50 5.17 -20.69
CA MET C 147 16.73 4.62 -21.84
C MET C 147 17.68 3.96 -22.85
N THR C 148 17.15 2.96 -23.57
CA THR C 148 17.91 2.02 -24.42
C THR C 148 17.16 1.89 -25.75
N VAL C 149 16.40 0.80 -25.89
CA VAL C 149 15.57 0.46 -27.09
C VAL C 149 14.62 1.63 -27.41
N SER C 150 14.05 2.31 -26.40
CA SER C 150 12.98 3.31 -26.59
C SER C 150 13.50 4.73 -26.33
N SER C 151 14.82 4.92 -26.34
CA SER C 151 15.49 6.24 -26.27
C SER C 151 14.98 7.15 -27.38
N PRO C 152 14.81 8.47 -27.12
CA PRO C 152 14.47 9.43 -28.17
C PRO C 152 15.63 9.66 -29.15
N ASP C 153 16.83 9.18 -28.80
CA ASP C 153 18.07 9.26 -29.62
C ASP C 153 18.13 8.05 -30.56
N PRO C 154 18.03 8.26 -31.89
CA PRO C 154 18.01 7.15 -32.84
C PRO C 154 19.30 6.30 -32.85
N LYS C 155 20.45 6.88 -32.52
CA LYS C 155 21.74 6.14 -32.44
C LYS C 155 21.68 5.17 -31.27
N VAL C 156 21.18 5.63 -30.12
CA VAL C 156 21.01 4.78 -28.90
C VAL C 156 20.03 3.64 -29.24
N ARG C 157 18.85 4.00 -29.78
CA ARG C 157 17.81 3.03 -30.21
C ARG C 157 18.45 1.94 -31.07
N ASP C 158 19.15 2.34 -32.14
CA ASP C 158 19.66 1.43 -33.20
C ASP C 158 20.69 0.47 -32.57
N PHE C 159 21.56 0.98 -31.71
CA PHE C 159 22.57 0.17 -30.98
C PHE C 159 21.86 -0.97 -30.22
N TRP C 160 20.82 -0.63 -29.45
CA TRP C 160 20.11 -1.57 -28.55
C TRP C 160 19.21 -2.53 -29.36
N ILE C 161 18.67 -2.07 -30.48
CA ILE C 161 17.90 -2.94 -31.44
C ILE C 161 18.87 -3.98 -31.99
N ARG C 162 20.09 -3.57 -32.36
CA ARG C 162 21.15 -4.52 -32.82
C ARG C 162 21.35 -5.57 -31.72
N HIS C 163 21.47 -5.17 -30.45
CA HIS C 163 21.65 -6.13 -29.34
C HIS C 163 20.43 -7.05 -29.23
N GLY C 164 19.22 -6.50 -29.36
CA GLY C 164 17.96 -7.24 -29.23
C GLY C 164 17.86 -8.33 -30.30
N LYS C 165 18.24 -7.99 -31.54
CA LYS C 165 18.23 -8.94 -32.68
C LYS C 165 19.25 -10.05 -32.37
N ILE C 166 20.43 -9.67 -31.88
CA ILE C 166 21.55 -10.62 -31.58
C ILE C 166 21.14 -11.55 -30.44
N SER C 167 20.34 -11.08 -29.48
CA SER C 167 19.87 -11.91 -28.34
C SER C 167 19.05 -13.08 -28.89
N ARG C 168 18.25 -12.82 -29.94
CA ARG C 168 17.38 -13.85 -30.60
C ARG C 168 18.26 -14.81 -31.41
N GLU C 169 19.30 -14.30 -32.07
CA GLU C 169 20.24 -15.12 -32.89
C GLU C 169 21.01 -16.08 -31.97
N ILE C 170 21.51 -15.55 -30.84
CA ILE C 170 22.21 -16.35 -29.78
C ILE C 170 21.23 -17.42 -29.26
N SER C 171 20.03 -17.00 -28.86
CA SER C 171 18.99 -17.87 -28.26
C SER C 171 18.60 -18.99 -29.23
N ASN C 172 18.39 -18.67 -30.51
CA ASN C 172 18.05 -19.66 -31.56
C ASN C 172 19.15 -20.73 -31.62
N TYR C 173 20.40 -20.29 -31.69
CA TYR C 173 21.62 -21.13 -31.78
C TYR C 173 21.69 -22.08 -30.58
N ILE C 174 21.58 -21.53 -29.36
CA ILE C 174 21.62 -22.33 -28.11
C ILE C 174 20.47 -23.36 -28.14
N GLY C 175 19.27 -22.92 -28.50
CA GLY C 175 18.08 -23.79 -28.60
C GLY C 175 18.35 -24.96 -29.54
N GLU C 176 18.95 -24.69 -30.71
CA GLU C 176 19.29 -25.69 -31.75
C GLU C 176 20.31 -26.69 -31.15
N LYS C 177 21.41 -26.19 -30.60
CA LYS C 177 22.50 -27.04 -30.05
C LYS C 177 22.00 -27.92 -28.89
N LEU C 178 21.11 -27.42 -28.02
CA LEU C 178 20.66 -28.15 -26.79
C LEU C 178 19.41 -28.99 -27.08
N GLY C 179 18.70 -28.71 -28.17
CA GLY C 179 17.41 -29.35 -28.49
C GLY C 179 16.38 -29.05 -27.43
N SER C 180 16.45 -27.87 -26.83
CA SER C 180 15.49 -27.38 -25.80
C SER C 180 15.24 -25.89 -26.03
N GLN C 181 13.96 -25.50 -26.10
CA GLN C 181 13.54 -24.12 -26.44
C GLN C 181 14.18 -23.17 -25.44
N VAL C 182 14.87 -22.14 -25.95
CA VAL C 182 15.45 -21.05 -25.10
C VAL C 182 14.40 -19.95 -24.97
N VAL C 183 13.95 -19.67 -23.74
CA VAL C 183 13.11 -18.46 -23.48
C VAL C 183 14.06 -17.27 -23.38
N ASN C 184 13.87 -16.31 -24.29
CA ASN C 184 14.72 -15.10 -24.46
C ASN C 184 13.97 -13.93 -23.79
N ASN C 185 14.30 -13.65 -22.53
CA ASN C 185 13.60 -12.65 -21.69
C ASN C 185 14.16 -11.24 -21.97
N PHE C 186 13.28 -10.29 -22.27
CA PHE C 186 13.62 -8.86 -22.48
C PHE C 186 13.20 -8.05 -21.26
N TRP C 187 14.19 -7.44 -20.60
CA TRP C 187 13.91 -6.41 -19.57
C TRP C 187 14.70 -5.14 -19.88
N LEU C 188 14.01 -4.00 -19.95
CA LEU C 188 14.57 -2.67 -20.26
C LEU C 188 14.38 -1.76 -19.06
N PRO C 189 15.41 -0.97 -18.69
CA PRO C 189 15.29 -0.01 -17.60
C PRO C 189 14.50 1.25 -17.97
N ASP C 190 14.24 1.43 -19.27
CA ASP C 190 13.69 2.67 -19.90
C ASP C 190 12.61 3.30 -19.00
N GLY C 191 12.80 4.57 -18.65
CA GLY C 191 11.79 5.35 -17.92
C GLY C 191 12.33 6.69 -17.46
N PHE C 192 11.64 7.30 -16.50
CA PHE C 192 12.00 8.63 -15.93
C PHE C 192 12.10 8.53 -14.42
N LYS C 193 13.09 9.22 -13.86
CA LYS C 193 13.23 9.42 -12.40
C LYS C 193 12.03 10.25 -11.90
N ASP C 194 11.66 11.30 -12.62
CA ASP C 194 10.63 12.28 -12.16
C ASP C 194 9.47 12.27 -13.16
N ASN C 195 8.42 13.05 -12.89
CA ASN C 195 7.12 12.99 -13.60
C ASN C 195 7.28 13.40 -15.06
N PRO C 196 6.93 12.53 -16.02
CA PRO C 196 7.01 12.90 -17.43
C PRO C 196 5.82 13.74 -17.91
N ILE C 197 6.06 14.56 -18.94
CA ILE C 197 5.02 15.29 -19.71
C ILE C 197 4.36 14.32 -20.69
N ASP C 198 5.17 13.58 -21.46
CA ASP C 198 4.69 12.71 -22.58
C ASP C 198 4.88 11.25 -22.21
N LYS C 199 3.78 10.56 -21.92
CA LYS C 199 3.76 9.12 -21.56
C LYS C 199 3.52 8.30 -22.83
N LYS C 200 2.88 8.89 -23.84
CA LYS C 200 2.44 8.19 -25.08
C LYS C 200 3.66 7.83 -25.94
N THR C 201 4.48 8.82 -26.30
CA THR C 201 5.56 8.69 -27.33
C THR C 201 6.60 7.66 -26.89
N PRO C 202 7.07 7.62 -25.62
CA PRO C 202 8.04 6.61 -25.22
C PRO C 202 7.53 5.20 -25.55
N ARG C 203 6.24 4.95 -25.33
CA ARG C 203 5.63 3.60 -25.47
C ARG C 203 5.43 3.30 -26.96
N LEU C 204 5.20 4.31 -27.79
CA LEU C 204 5.11 4.12 -29.27
C LEU C 204 6.51 3.81 -29.83
N ARG C 205 7.55 4.45 -29.28
CA ARG C 205 8.97 4.19 -29.64
C ARG C 205 9.29 2.74 -29.27
N LEU C 206 8.87 2.30 -28.08
CA LEU C 206 9.13 0.92 -27.57
C LEU C 206 8.44 -0.09 -28.50
N LEU C 207 7.16 0.14 -28.81
CA LEU C 207 6.36 -0.75 -29.67
C LEU C 207 7.08 -0.94 -31.02
N LYS C 208 7.51 0.16 -31.64
CA LYS C 208 8.17 0.18 -32.97
C LYS C 208 9.48 -0.59 -32.89
N ALA C 209 10.27 -0.36 -31.84
CA ALA C 209 11.61 -0.96 -31.62
C ALA C 209 11.49 -2.47 -31.34
N LEU C 210 10.56 -2.89 -30.49
CA LEU C 210 10.35 -4.33 -30.19
C LEU C 210 9.98 -5.08 -31.47
N ASP C 211 9.09 -4.51 -32.29
CA ASP C 211 8.59 -5.11 -33.56
C ASP C 211 9.77 -5.30 -34.51
N GLU C 212 10.70 -4.34 -34.56
CA GLU C 212 11.91 -4.45 -35.43
C GLU C 212 12.80 -5.57 -34.86
N ILE C 213 12.89 -5.68 -33.53
CA ILE C 213 13.75 -6.71 -32.88
C ILE C 213 13.26 -8.13 -33.24
N ILE C 214 11.95 -8.38 -33.21
CA ILE C 214 11.41 -9.75 -33.40
C ILE C 214 11.02 -9.97 -34.86
N LYS C 215 11.47 -9.09 -35.77
CA LYS C 215 11.06 -9.08 -37.20
C LYS C 215 11.55 -10.35 -37.92
N ASP C 216 12.86 -10.57 -37.95
CA ASP C 216 13.51 -11.73 -38.63
C ASP C 216 12.88 -13.01 -38.09
N PRO C 217 12.28 -13.91 -38.92
CA PRO C 217 11.62 -15.12 -38.41
C PRO C 217 12.61 -16.15 -37.85
N LEU C 218 12.28 -16.73 -36.70
CA LEU C 218 13.08 -17.83 -36.09
C LEU C 218 12.11 -18.88 -35.57
N PRO C 219 12.49 -20.18 -35.63
CA PRO C 219 11.62 -21.25 -35.14
C PRO C 219 11.37 -21.19 -33.62
N GLU C 220 10.09 -21.18 -33.25
CA GLU C 220 9.60 -21.29 -31.86
C GLU C 220 10.25 -22.51 -31.20
N LYS C 221 10.53 -23.57 -31.96
CA LYS C 221 11.16 -24.82 -31.44
C LYS C 221 12.47 -24.49 -30.69
N ASN C 222 13.22 -23.50 -31.18
CA ASN C 222 14.57 -23.16 -30.67
C ASN C 222 14.49 -22.02 -29.65
N THR C 223 13.62 -21.03 -29.86
CA THR C 223 13.50 -19.84 -28.97
C THR C 223 12.13 -19.16 -29.11
N ILE C 224 11.67 -18.54 -28.03
CA ILE C 224 10.49 -17.61 -28.01
C ILE C 224 10.86 -16.48 -27.06
N GLU C 225 10.37 -15.27 -27.35
CA GLU C 225 10.72 -14.07 -26.55
C GLU C 225 9.70 -13.93 -25.41
N SER C 226 10.17 -13.48 -24.25
CA SER C 226 9.30 -13.03 -23.14
C SER C 226 9.62 -11.56 -22.87
N PHE C 227 8.63 -10.83 -22.35
CA PHE C 227 8.72 -9.37 -22.11
C PHE C 227 8.37 -9.09 -20.65
N GLU C 228 9.34 -8.51 -19.94
CA GLU C 228 9.30 -8.27 -18.48
C GLU C 228 9.07 -6.78 -18.19
N GLY C 229 7.94 -6.48 -17.55
CA GLY C 229 7.60 -5.12 -17.11
C GLY C 229 8.06 -4.88 -15.68
N LYS C 230 7.94 -3.63 -15.24
CA LYS C 230 8.37 -3.20 -13.89
C LYS C 230 7.51 -1.98 -13.54
N LEU C 231 7.16 -1.82 -12.26
CA LEU C 231 6.40 -0.63 -11.80
C LEU C 231 7.38 0.54 -11.67
N PHE C 232 8.53 0.30 -11.03
CA PHE C 232 9.54 1.34 -10.72
C PHE C 232 10.87 0.67 -10.35
N GLY C 233 11.96 1.39 -10.61
CA GLY C 233 13.32 1.00 -10.21
C GLY C 233 14.05 2.17 -9.57
N THR C 234 15.17 1.89 -8.90
CA THR C 234 16.05 2.91 -8.27
C THR C 234 16.52 3.90 -9.35
N GLY C 235 16.29 5.20 -9.10
CA GLY C 235 16.68 6.30 -10.01
C GLY C 235 15.78 6.41 -11.23
N ILE C 236 14.76 5.54 -11.33
CA ILE C 236 13.77 5.54 -12.45
C ILE C 236 12.36 5.33 -11.85
N GLU C 237 12.02 6.11 -10.82
CA GLU C 237 10.90 5.78 -9.91
C GLU C 237 9.54 6.18 -10.51
N SER C 238 9.47 7.30 -11.24
CA SER C 238 8.19 7.99 -11.55
C SER C 238 7.49 7.39 -12.78
N TYR C 239 8.23 6.80 -13.71
CA TYR C 239 7.64 6.28 -14.97
C TYR C 239 8.54 5.18 -15.52
N THR C 240 7.91 4.06 -15.90
CA THR C 240 8.54 2.91 -16.59
C THR C 240 7.90 2.78 -17.97
N THR C 241 8.68 2.93 -19.03
CA THR C 241 8.17 2.86 -20.41
C THR C 241 7.49 1.50 -20.58
N GLY C 242 8.21 0.42 -20.29
CA GLY C 242 7.72 -0.97 -20.41
C GLY C 242 6.91 -1.36 -19.19
N SER C 243 5.64 -0.95 -19.14
CA SER C 243 4.71 -1.22 -18.01
C SER C 243 4.18 -2.65 -18.14
N HIS C 244 3.60 -3.19 -17.06
CA HIS C 244 2.96 -4.53 -17.04
C HIS C 244 1.82 -4.57 -18.06
N GLU C 245 0.98 -3.55 -18.10
CA GLU C 245 -0.14 -3.43 -19.08
C GLU C 245 0.44 -3.45 -20.50
N PHE C 246 1.49 -2.66 -20.76
CA PHE C 246 2.08 -2.55 -22.10
C PHE C 246 2.52 -3.94 -22.58
N TYR C 247 3.22 -4.69 -21.72
CA TYR C 247 3.89 -5.97 -22.08
C TYR C 247 2.86 -7.09 -22.14
N GLN C 248 1.84 -7.10 -21.28
CA GLN C 248 0.74 -8.11 -21.39
C GLN C 248 0.02 -7.90 -22.74
N ASN C 249 -0.29 -6.66 -23.09
CA ASN C 249 -0.92 -6.29 -24.39
C ASN C 249 0.00 -6.71 -25.54
N TYR C 250 1.31 -6.41 -25.43
CA TYR C 250 2.32 -6.72 -26.47
C TYR C 250 2.39 -8.23 -26.69
N ALA C 251 2.57 -8.99 -25.62
CA ALA C 251 2.69 -10.47 -25.66
C ALA C 251 1.48 -11.07 -26.38
N ILE C 252 0.27 -10.72 -25.92
CA ILE C 252 -1.00 -11.26 -26.49
C ILE C 252 -1.07 -10.89 -27.98
N SER C 253 -0.77 -9.63 -28.30
CA SER C 253 -0.86 -9.04 -29.67
C SER C 253 0.15 -9.70 -30.63
N ARG C 254 1.41 -9.84 -30.20
CA ARG C 254 2.52 -10.35 -31.04
C ARG C 254 2.72 -11.86 -30.83
N ASN C 255 1.87 -12.50 -30.03
CA ASN C 255 1.94 -13.97 -29.76
C ASN C 255 3.30 -14.33 -29.14
N LYS C 256 3.71 -13.62 -28.09
CA LYS C 256 4.95 -13.93 -27.33
C LYS C 256 4.59 -14.19 -25.88
N LEU C 257 5.58 -14.52 -25.06
CA LEU C 257 5.39 -14.79 -23.61
C LEU C 257 5.41 -13.46 -22.86
N TRP C 258 4.73 -13.43 -21.71
CA TRP C 258 4.69 -12.29 -20.77
C TRP C 258 5.43 -12.70 -19.49
N THR C 259 6.40 -11.89 -19.05
CA THR C 259 7.19 -12.17 -17.83
C THR C 259 6.56 -11.43 -16.65
N ILE C 260 6.16 -12.19 -15.63
CA ILE C 260 5.65 -11.69 -14.33
C ILE C 260 6.74 -11.91 -13.28
N ASP C 261 7.37 -10.84 -12.81
CA ASP C 261 8.38 -10.90 -11.72
C ASP C 261 7.69 -10.45 -10.43
N ALA C 262 7.66 -11.34 -9.42
CA ALA C 262 6.87 -11.21 -8.18
C ALA C 262 7.26 -9.96 -7.40
N GLY C 263 8.40 -9.34 -7.73
CA GLY C 263 8.94 -8.20 -6.97
C GLY C 263 8.67 -6.88 -7.64
N HIS C 264 8.00 -6.88 -8.79
CA HIS C 264 7.94 -5.69 -9.69
C HIS C 264 6.53 -5.07 -9.74
N PHE C 265 5.68 -5.35 -8.75
CA PHE C 265 4.27 -4.88 -8.71
C PHE C 265 4.01 -3.96 -7.50
N HIS C 266 2.77 -3.51 -7.36
CA HIS C 266 2.34 -2.52 -6.34
C HIS C 266 2.39 -3.16 -4.96
N PRO C 267 2.50 -2.33 -3.90
CA PRO C 267 2.25 -2.80 -2.55
C PRO C 267 0.89 -3.54 -2.50
N THR C 268 0.91 -4.74 -1.90
CA THR C 268 -0.26 -5.62 -1.63
C THR C 268 -0.69 -6.34 -2.91
N GLU C 269 -0.04 -6.08 -4.04
CA GLU C 269 -0.45 -6.71 -5.32
C GLU C 269 -0.15 -8.22 -5.26
N ASP C 270 -1.09 -9.05 -5.72
CA ASP C 270 -0.97 -10.53 -5.72
C ASP C 270 -0.81 -11.00 -7.17
N VAL C 271 0.42 -11.27 -7.60
CA VAL C 271 0.73 -11.59 -9.03
C VAL C 271 0.06 -12.91 -9.40
N SER C 272 -0.36 -13.72 -8.41
CA SER C 272 -1.01 -15.04 -8.65
C SER C 272 -2.41 -14.83 -9.22
N ASP C 273 -2.93 -13.61 -9.12
CA ASP C 273 -4.27 -13.22 -9.66
C ASP C 273 -4.21 -13.13 -11.20
N LYS C 274 -3.04 -12.87 -11.79
CA LYS C 274 -2.89 -12.47 -13.22
C LYS C 274 -3.06 -13.69 -14.14
N PHE C 275 -2.64 -14.89 -13.72
CA PHE C 275 -2.51 -16.08 -14.61
C PHE C 275 -3.85 -16.34 -15.32
N SER C 276 -4.93 -16.45 -14.55
CA SER C 276 -6.30 -16.81 -15.01
C SER C 276 -6.93 -15.67 -15.82
N ALA C 277 -6.37 -14.46 -15.76
CA ALA C 277 -6.81 -13.30 -16.55
C ALA C 277 -6.02 -13.21 -17.86
N PHE C 278 -4.89 -13.90 -17.94
CA PHE C 278 -3.98 -13.90 -19.11
C PHE C 278 -4.37 -15.04 -20.06
N PHE C 279 -4.57 -16.26 -19.52
CA PHE C 279 -4.58 -17.53 -20.28
C PHE C 279 -5.88 -17.71 -21.08
N PRO C 280 -6.96 -16.93 -20.86
CA PRO C 280 -8.07 -16.94 -21.81
C PRO C 280 -7.72 -16.24 -23.13
N PHE C 281 -6.56 -15.58 -23.17
CA PHE C 281 -6.16 -14.68 -24.29
C PHE C 281 -4.79 -15.02 -24.85
N GLY C 282 -3.83 -15.40 -24.01
CA GLY C 282 -2.39 -15.37 -24.35
C GLY C 282 -1.77 -16.75 -24.44
N LYS C 283 -0.47 -16.80 -24.74
CA LYS C 283 0.24 -18.02 -25.17
C LYS C 283 0.92 -18.68 -23.95
N GLY C 284 1.74 -17.93 -23.22
CA GLY C 284 2.53 -18.50 -22.12
C GLY C 284 3.10 -17.41 -21.22
N LEU C 285 3.63 -17.83 -20.07
CA LEU C 285 4.17 -16.94 -19.01
C LEU C 285 5.61 -17.34 -18.68
N PHE C 286 6.43 -16.36 -18.31
CA PHE C 286 7.71 -16.57 -17.60
C PHE C 286 7.53 -16.01 -16.19
N MET C 287 7.37 -16.89 -15.19
CA MET C 287 7.18 -16.51 -13.78
C MET C 287 8.55 -16.42 -13.11
N HIS C 288 9.00 -15.19 -12.84
CA HIS C 288 10.23 -14.89 -12.07
C HIS C 288 9.87 -14.79 -10.59
N VAL C 289 10.20 -15.81 -9.79
CA VAL C 289 9.98 -15.75 -8.32
C VAL C 289 11.11 -14.92 -7.70
N SER C 290 10.72 -13.98 -6.86
CA SER C 290 11.57 -12.90 -6.28
C SER C 290 10.83 -12.35 -5.08
N ARG C 291 11.53 -12.06 -3.98
CA ARG C 291 10.90 -11.52 -2.75
C ARG C 291 11.17 -10.02 -2.68
N PRO C 292 10.13 -9.17 -2.85
CA PRO C 292 10.27 -7.75 -2.60
C PRO C 292 10.08 -7.51 -1.10
N VAL C 293 10.95 -6.73 -0.48
CA VAL C 293 10.74 -6.24 0.92
C VAL C 293 10.58 -4.72 0.85
N ARG C 294 9.33 -4.30 0.63
CA ARG C 294 8.83 -2.89 0.65
C ARG C 294 9.23 -2.14 -0.62
N TRP C 295 10.03 -2.77 -1.49
CA TRP C 295 10.38 -2.27 -2.85
C TRP C 295 10.96 -3.46 -3.61
N ASP C 296 11.40 -3.24 -4.86
CA ASP C 296 12.01 -4.30 -5.70
C ASP C 296 13.44 -4.56 -5.20
N SER C 297 13.55 -5.23 -4.06
CA SER C 297 14.80 -5.40 -3.26
C SER C 297 15.54 -6.65 -3.69
N ASP C 298 14.86 -7.53 -4.44
CA ASP C 298 15.42 -8.78 -5.02
C ASP C 298 16.00 -9.67 -3.91
N HIS C 299 15.26 -9.84 -2.81
CA HIS C 299 15.60 -10.79 -1.72
C HIS C 299 15.43 -12.23 -2.18
N VAL C 300 16.16 -13.14 -1.55
CA VAL C 300 16.06 -14.61 -1.80
C VAL C 300 14.61 -15.01 -1.57
N VAL C 301 14.06 -15.80 -2.49
CA VAL C 301 12.70 -16.40 -2.40
C VAL C 301 12.63 -17.26 -1.14
N ILE C 302 11.60 -17.07 -0.33
CA ILE C 302 11.30 -17.91 0.87
C ILE C 302 9.84 -18.34 0.80
N MET C 303 9.48 -19.36 1.58
CA MET C 303 8.09 -19.85 1.70
C MET C 303 7.27 -18.81 2.47
N ASP C 304 6.60 -17.92 1.75
CA ASP C 304 5.71 -16.87 2.31
C ASP C 304 4.40 -16.88 1.51
N ASP C 305 3.43 -16.04 1.92
CA ASP C 305 2.09 -15.94 1.28
C ASP C 305 2.25 -15.84 -0.25
N ALA C 306 3.10 -14.95 -0.74
CA ALA C 306 3.27 -14.65 -2.18
C ALA C 306 3.66 -15.94 -2.92
N LEU C 307 4.72 -16.62 -2.45
CA LEU C 307 5.25 -17.84 -3.11
C LEU C 307 4.19 -18.94 -3.05
N ILE C 308 3.52 -19.08 -1.90
CA ILE C 308 2.45 -20.11 -1.68
C ILE C 308 1.30 -19.84 -2.65
N ARG C 309 0.95 -18.56 -2.85
CA ARG C 309 -0.17 -18.17 -3.75
C ARG C 309 0.24 -18.39 -5.21
N ILE C 310 1.45 -17.99 -5.56
CA ILE C 310 1.99 -18.16 -6.95
C ILE C 310 1.92 -19.64 -7.33
N THR C 311 2.52 -20.51 -6.50
CA THR C 311 2.70 -21.96 -6.78
C THR C 311 1.32 -22.66 -6.79
N ARG C 312 0.46 -22.39 -5.81
CA ARG C 312 -0.84 -23.09 -5.69
C ARG C 312 -1.77 -22.63 -6.82
N SER C 313 -1.69 -21.36 -7.23
CA SER C 313 -2.51 -20.80 -8.33
C SER C 313 -2.12 -21.49 -9.65
N LEU C 314 -0.83 -21.79 -9.84
CA LEU C 314 -0.32 -22.46 -11.07
C LEU C 314 -0.75 -23.93 -11.09
N VAL C 315 -0.66 -24.66 -9.97
CA VAL C 315 -0.99 -26.11 -9.98
C VAL C 315 -2.50 -26.28 -9.88
N ARG C 316 -3.22 -25.45 -9.12
CA ARG C 316 -4.69 -25.62 -8.98
C ARG C 316 -5.38 -25.46 -10.35
N ASP C 317 -4.91 -24.53 -11.18
CA ASP C 317 -5.60 -24.11 -12.42
C ASP C 317 -4.90 -24.73 -13.63
N GLY C 318 -3.89 -25.57 -13.40
CA GLY C 318 -3.25 -26.44 -14.41
C GLY C 318 -2.45 -25.65 -15.44
N TYR C 319 -1.70 -24.63 -15.01
CA TYR C 319 -1.01 -23.67 -15.89
C TYR C 319 0.48 -23.99 -16.02
N LEU C 320 0.97 -25.05 -15.37
CA LEU C 320 2.43 -25.34 -15.26
C LEU C 320 3.02 -25.64 -16.64
N ASP C 321 2.27 -26.28 -17.54
CA ASP C 321 2.79 -26.70 -18.87
C ASP C 321 2.88 -25.48 -19.79
N ARG C 322 2.39 -24.32 -19.36
CA ARG C 322 2.40 -23.06 -20.16
C ARG C 322 3.14 -21.96 -19.40
N THR C 323 3.70 -22.30 -18.22
CA THR C 323 4.39 -21.32 -17.33
C THR C 323 5.81 -21.82 -17.04
N HIS C 324 6.82 -21.12 -17.56
CA HIS C 324 8.24 -21.32 -17.19
C HIS C 324 8.48 -20.60 -15.86
N ILE C 325 9.00 -21.31 -14.86
CA ILE C 325 9.37 -20.71 -13.53
C ILE C 325 10.88 -20.47 -13.51
N GLY C 326 11.27 -19.21 -13.32
CA GLY C 326 12.67 -18.81 -13.16
C GLY C 326 12.88 -18.16 -11.79
N LEU C 327 14.10 -18.22 -11.28
CA LEU C 327 14.52 -17.47 -10.07
C LEU C 327 15.07 -16.12 -10.52
N ASP C 328 14.75 -15.04 -9.81
CA ASP C 328 15.36 -13.71 -10.05
C ASP C 328 15.47 -13.00 -8.69
N PHE C 329 16.67 -13.07 -8.11
CA PHE C 329 17.02 -12.34 -6.88
C PHE C 329 18.53 -12.16 -6.88
N PHE C 330 19.02 -11.31 -5.99
CA PHE C 330 20.46 -11.02 -5.83
C PHE C 330 20.71 -10.64 -4.38
N ASP C 331 21.33 -11.56 -3.62
CA ASP C 331 21.74 -11.32 -2.21
C ASP C 331 23.20 -11.75 -2.06
N ALA C 332 24.10 -10.77 -1.93
CA ALA C 332 25.56 -10.96 -1.76
C ALA C 332 25.94 -10.84 -0.28
N THR C 333 24.96 -10.75 0.63
CA THR C 333 25.21 -10.62 2.10
C THR C 333 25.35 -12.02 2.69
N ILE C 334 24.96 -13.05 1.95
CA ILE C 334 25.00 -14.47 2.41
C ILE C 334 25.80 -15.29 1.39
N ASN C 335 26.13 -16.53 1.74
CA ASN C 335 26.76 -17.50 0.82
C ASN C 335 25.92 -17.56 -0.47
N ARG C 336 26.49 -17.12 -1.59
CA ARG C 336 25.75 -16.92 -2.86
C ARG C 336 25.20 -18.26 -3.36
N VAL C 337 25.91 -19.37 -3.12
CA VAL C 337 25.46 -20.71 -3.59
C VAL C 337 24.28 -21.15 -2.71
N ALA C 338 24.37 -20.92 -1.40
CA ALA C 338 23.28 -21.13 -0.42
C ALA C 338 22.00 -20.40 -0.90
N ALA C 339 22.14 -19.16 -1.36
CA ALA C 339 21.02 -18.29 -1.78
C ALA C 339 20.17 -19.05 -2.82
N TRP C 340 20.83 -19.62 -3.83
CA TRP C 340 20.20 -20.42 -4.92
C TRP C 340 19.37 -21.55 -4.31
N VAL C 341 19.98 -22.35 -3.44
CA VAL C 341 19.36 -23.57 -2.86
C VAL C 341 18.14 -23.18 -2.02
N VAL C 342 18.25 -22.17 -1.15
CA VAL C 342 17.12 -21.68 -0.32
C VAL C 342 15.93 -21.35 -1.23
N GLY C 343 16.15 -20.53 -2.26
CA GLY C 343 15.11 -20.06 -3.18
C GLY C 343 14.48 -21.20 -3.97
N ALA C 344 15.30 -22.10 -4.51
CA ALA C 344 14.83 -23.24 -5.33
C ALA C 344 13.99 -24.18 -4.45
N ARG C 345 14.48 -24.49 -3.25
CA ARG C 345 13.82 -25.44 -2.30
C ARG C 345 12.52 -24.82 -1.78
N ALA C 346 12.51 -23.52 -1.47
CA ALA C 346 11.27 -22.79 -1.08
C ALA C 346 10.21 -23.00 -2.16
N THR C 347 10.59 -22.78 -3.43
CA THR C 347 9.67 -22.85 -4.59
C THR C 347 9.14 -24.28 -4.75
N GLN C 348 10.01 -25.29 -4.63
CA GLN C 348 9.64 -26.72 -4.84
C GLN C 348 8.71 -27.19 -3.72
N LYS C 349 9.04 -26.90 -2.47
CA LYS C 349 8.22 -27.39 -1.33
C LYS C 349 6.84 -26.71 -1.38
N SER C 350 6.77 -25.50 -1.93
CA SER C 350 5.51 -24.72 -2.08
C SER C 350 4.67 -25.31 -3.22
N LEU C 351 5.31 -25.61 -4.35
CA LEU C 351 4.66 -26.35 -5.46
C LEU C 351 4.13 -27.68 -4.90
N LEU C 352 4.97 -28.41 -4.17
CA LEU C 352 4.65 -29.77 -3.68
C LEU C 352 3.46 -29.71 -2.73
N GLN C 353 3.42 -28.73 -1.81
CA GLN C 353 2.31 -28.60 -0.85
C GLN C 353 1.01 -28.41 -1.62
N ALA C 354 1.01 -27.55 -2.64
CA ALA C 354 -0.17 -27.26 -3.47
C ALA C 354 -0.60 -28.53 -4.21
N MET C 355 0.35 -29.39 -4.60
CA MET C 355 0.08 -30.65 -5.33
C MET C 355 -0.46 -31.71 -4.37
N LEU C 356 -0.40 -31.47 -3.05
CA LEU C 356 -0.78 -32.48 -2.03
C LEU C 356 -2.16 -32.16 -1.45
N ALA C 357 -2.91 -31.25 -2.09
CA ALA C 357 -4.31 -30.91 -1.75
C ALA C 357 -5.27 -31.78 -2.56
N PRO C 358 -6.44 -32.15 -1.99
CA PRO C 358 -7.47 -32.85 -2.73
C PRO C 358 -8.21 -31.88 -3.68
N ILE C 359 -7.54 -31.47 -4.76
CA ILE C 359 -7.94 -30.28 -5.56
C ILE C 359 -9.32 -30.52 -6.19
N ASP C 360 -9.58 -31.70 -6.75
CA ASP C 360 -10.89 -31.97 -7.41
C ASP C 360 -12.03 -31.83 -6.39
N GLN C 361 -11.88 -32.37 -5.19
CA GLN C 361 -12.95 -32.33 -4.14
C GLN C 361 -13.13 -30.88 -3.66
N LEU C 362 -12.04 -30.17 -3.42
CA LEU C 362 -12.06 -28.75 -3.00
C LEU C 362 -12.79 -27.92 -4.06
N LYS C 363 -12.49 -28.17 -5.34
CA LYS C 363 -13.13 -27.46 -6.49
C LYS C 363 -14.64 -27.71 -6.45
N LYS C 364 -15.05 -28.96 -6.20
CA LYS C 364 -16.48 -29.36 -6.16
C LYS C 364 -17.21 -28.62 -5.03
N ASP C 365 -16.66 -28.71 -3.82
CA ASP C 365 -17.14 -28.01 -2.59
C ASP C 365 -17.32 -26.52 -2.89
N GLU C 366 -16.33 -25.89 -3.51
CA GLU C 366 -16.36 -24.45 -3.90
C GLU C 366 -17.49 -24.19 -4.90
N LEU C 367 -17.60 -25.00 -5.95
CA LEU C 367 -18.64 -24.85 -6.99
C LEU C 367 -20.03 -24.92 -6.33
N ASN C 368 -20.13 -25.71 -5.26
CA ASN C 368 -21.37 -25.96 -4.49
C ASN C 368 -21.50 -24.91 -3.37
N ALA C 369 -20.60 -23.92 -3.34
CA ALA C 369 -20.66 -22.75 -2.43
C ALA C 369 -20.47 -23.18 -0.97
N ASP C 370 -19.85 -24.33 -0.73
CA ASP C 370 -19.49 -24.79 0.63
C ASP C 370 -18.18 -24.11 1.04
N PHE C 371 -18.26 -22.81 1.35
CA PHE C 371 -17.10 -21.96 1.71
C PHE C 371 -16.62 -22.30 3.12
N THR C 372 -17.50 -22.82 3.98
CA THR C 372 -17.13 -23.33 5.33
C THR C 372 -16.10 -24.45 5.17
N THR C 373 -16.43 -25.51 4.40
CA THR C 373 -15.55 -26.67 4.17
C THR C 373 -14.23 -26.18 3.57
N ARG C 374 -14.29 -25.28 2.58
CA ARG C 374 -13.07 -24.80 1.87
C ARG C 374 -12.14 -24.14 2.89
N LEU C 375 -12.66 -23.26 3.75
CA LEU C 375 -11.83 -22.55 4.78
C LEU C 375 -11.21 -23.57 5.73
N ILE C 376 -12.01 -24.48 6.28
CA ILE C 376 -11.53 -25.47 7.28
C ILE C 376 -10.42 -26.33 6.65
N GLU C 377 -10.68 -26.92 5.48
CA GLU C 377 -9.78 -27.92 4.82
C GLU C 377 -8.47 -27.24 4.41
N THR C 378 -8.53 -26.09 3.73
CA THR C 378 -7.32 -25.37 3.24
C THR C 378 -6.41 -25.06 4.45
N GLU C 379 -7.01 -24.77 5.61
CA GLU C 379 -6.25 -24.38 6.82
C GLU C 379 -5.65 -25.63 7.47
N GLU C 380 -6.39 -26.75 7.47
CA GLU C 380 -5.91 -28.02 8.05
C GLU C 380 -4.74 -28.54 7.22
N LEU C 381 -4.79 -28.34 5.90
CA LEU C 381 -3.75 -28.86 4.96
C LEU C 381 -2.41 -28.20 5.27
N LYS C 382 -2.42 -26.98 5.81
CA LYS C 382 -1.18 -26.20 6.07
C LYS C 382 -0.35 -26.88 7.15
N SER C 383 -0.97 -27.75 7.97
CA SER C 383 -0.30 -28.48 9.08
C SER C 383 -0.34 -30.00 8.85
N PHE C 384 -0.74 -30.46 7.66
CA PHE C 384 -0.56 -31.87 7.21
C PHE C 384 0.93 -32.13 7.00
N PRO C 385 1.39 -33.39 7.00
CA PRO C 385 2.83 -33.69 6.98
C PRO C 385 3.46 -33.58 5.58
N PHE C 386 3.40 -32.40 4.96
CA PHE C 386 3.94 -32.14 3.60
C PHE C 386 5.46 -32.27 3.65
N GLY C 387 6.05 -31.98 4.81
CA GLY C 387 7.49 -32.04 5.07
C GLY C 387 8.07 -33.42 4.82
N ALA C 388 7.38 -34.48 5.25
CA ALA C 388 7.77 -35.89 5.06
C ALA C 388 7.81 -36.23 3.55
N VAL C 389 6.90 -35.66 2.77
CA VAL C 389 6.85 -35.86 1.30
C VAL C 389 8.04 -35.11 0.69
N TRP C 390 8.26 -33.86 1.11
CA TRP C 390 9.39 -33.02 0.62
C TRP C 390 10.72 -33.74 0.92
N ASP C 391 10.86 -34.27 2.14
CA ASP C 391 12.10 -34.98 2.58
C ASP C 391 12.32 -36.19 1.67
N LYS C 392 11.24 -36.92 1.38
CA LYS C 392 11.28 -38.13 0.50
C LYS C 392 11.75 -37.70 -0.90
N PHE C 393 11.21 -36.61 -1.43
CA PHE C 393 11.57 -36.10 -2.79
C PHE C 393 13.08 -35.77 -2.79
N CYS C 394 13.56 -35.09 -1.75
CA CYS C 394 14.98 -34.70 -1.59
C CYS C 394 15.87 -35.95 -1.64
N GLN C 395 15.54 -36.94 -0.80
CA GLN C 395 16.34 -38.19 -0.64
C GLN C 395 16.30 -38.98 -1.96
N ASP C 396 15.12 -39.20 -2.52
CA ASP C 396 14.90 -39.97 -3.78
C ASP C 396 15.75 -39.40 -4.90
N HIS C 397 16.09 -38.10 -4.83
CA HIS C 397 16.80 -37.37 -5.91
C HIS C 397 18.23 -37.05 -5.46
N ASN C 398 18.75 -37.78 -4.47
CA ASN C 398 20.19 -37.75 -4.07
C ASN C 398 20.59 -36.35 -3.61
N THR C 399 19.74 -35.69 -2.82
CA THR C 399 20.06 -34.38 -2.18
C THR C 399 19.86 -34.52 -0.67
N PRO C 400 20.61 -33.75 0.13
CA PRO C 400 20.49 -33.81 1.58
C PRO C 400 19.11 -33.34 2.09
N VAL C 401 18.68 -33.89 3.23
CA VAL C 401 17.34 -33.66 3.83
C VAL C 401 17.46 -32.57 4.89
N GLY C 402 16.53 -31.62 4.88
CA GLY C 402 16.43 -30.57 5.92
C GLY C 402 17.73 -29.82 6.12
N PHE C 403 18.16 -29.68 7.38
CA PHE C 403 19.36 -28.92 7.83
C PHE C 403 20.61 -29.48 7.16
N ASP C 404 20.58 -30.73 6.69
CA ASP C 404 21.80 -31.51 6.35
C ASP C 404 22.62 -30.80 5.26
N TRP C 405 22.00 -30.06 4.35
CA TRP C 405 22.73 -29.48 3.18
C TRP C 405 23.59 -28.30 3.63
N MET C 406 23.43 -27.86 4.88
CA MET C 406 24.33 -26.84 5.49
C MET C 406 25.74 -27.44 5.59
N ASN C 407 25.84 -28.76 5.75
CA ASN C 407 27.13 -29.49 5.80
C ASN C 407 27.85 -29.34 4.46
N ASN C 408 27.11 -29.51 3.35
CA ASN C 408 27.67 -29.40 1.97
C ASN C 408 28.16 -27.97 1.76
N ILE C 409 27.40 -26.96 2.21
CA ILE C 409 27.76 -25.52 2.07
C ILE C 409 29.06 -25.25 2.83
N HIS C 410 29.18 -25.74 4.07
CA HIS C 410 30.38 -25.51 4.91
C HIS C 410 31.59 -26.15 4.23
N GLN C 411 31.42 -27.35 3.68
CA GLN C 411 32.51 -28.09 2.99
C GLN C 411 32.94 -27.29 1.76
N TYR C 412 32.00 -26.76 0.99
CA TYR C 412 32.26 -26.00 -0.26
C TYR C 412 32.93 -24.67 0.08
N GLU C 413 32.54 -24.07 1.20
CA GLU C 413 33.21 -22.84 1.70
C GLU C 413 34.69 -23.17 1.92
N LYS C 414 34.94 -24.20 2.73
CA LYS C 414 36.29 -24.65 3.19
C LYS C 414 37.16 -25.01 1.98
N ASP C 415 36.63 -25.83 1.06
CA ASP C 415 37.39 -26.47 -0.04
C ASP C 415 37.52 -25.52 -1.24
N VAL C 416 36.53 -24.66 -1.47
CA VAL C 416 36.46 -23.85 -2.73
C VAL C 416 36.32 -22.35 -2.41
N GLN C 417 35.20 -21.93 -1.82
CA GLN C 417 34.79 -20.50 -1.76
C GLN C 417 35.79 -19.67 -0.95
N PHE C 418 36.18 -20.12 0.24
CA PHE C 418 36.98 -19.32 1.20
C PHE C 418 38.46 -19.28 0.77
N LYS C 419 38.83 -20.13 -0.19
CA LYS C 419 40.22 -20.21 -0.71
C LYS C 419 40.41 -19.21 -1.85
N ARG C 420 39.32 -18.79 -2.48
CA ARG C 420 39.37 -17.92 -3.68
C ARG C 420 40.01 -16.56 -3.36
N ASP C 421 39.34 -15.78 -2.52
CA ASP C 421 39.63 -14.34 -2.32
C ASP C 421 41.08 -14.18 -1.85
N MET D 1 -11.45 -40.88 10.24
CA MET D 1 -11.07 -40.57 11.66
C MET D 1 -9.61 -40.99 11.88
N VAL D 2 -8.76 -40.09 12.37
CA VAL D 2 -7.33 -40.40 12.68
C VAL D 2 -7.33 -41.37 13.85
N LYS D 3 -6.37 -42.31 13.88
CA LYS D 3 -6.18 -43.26 15.00
C LYS D 3 -5.24 -42.65 16.03
N PRO D 4 -5.67 -42.56 17.31
CA PRO D 4 -4.84 -41.99 18.37
C PRO D 4 -3.41 -42.56 18.47
N GLU D 5 -3.21 -43.84 18.14
CA GLU D 5 -1.88 -44.49 18.24
C GLU D 5 -0.99 -43.99 17.08
N GLU D 6 -1.59 -43.65 15.94
CA GLU D 6 -0.89 -43.08 14.76
C GLU D 6 -0.38 -41.68 15.13
N VAL D 7 -1.23 -40.89 15.78
CA VAL D 7 -0.89 -39.52 16.29
C VAL D 7 0.30 -39.64 17.25
N ASP D 8 0.26 -40.62 18.15
CA ASP D 8 1.30 -40.84 19.19
C ASP D 8 2.61 -41.27 18.51
N LYS D 9 2.53 -42.15 17.51
CA LYS D 9 3.70 -42.65 16.74
C LYS D 9 4.33 -41.47 15.99
N ALA D 10 3.54 -40.71 15.25
CA ALA D 10 4.01 -39.55 14.44
C ALA D 10 4.66 -38.51 15.36
N TYR D 11 4.17 -38.38 16.60
CA TYR D 11 4.68 -37.41 17.60
C TYR D 11 6.08 -37.83 18.09
N GLU D 12 6.28 -39.12 18.39
CA GLU D 12 7.60 -39.64 18.85
C GLU D 12 8.65 -39.42 17.77
N VAL D 13 8.27 -39.57 16.49
CA VAL D 13 9.19 -39.39 15.34
C VAL D 13 9.56 -37.90 15.26
N ALA D 14 8.57 -37.02 15.37
CA ALA D 14 8.72 -35.54 15.29
C ALA D 14 9.56 -35.06 16.47
N LYS D 15 9.27 -35.56 17.68
CA LYS D 15 10.02 -35.23 18.92
C LYS D 15 11.51 -35.50 18.70
N GLN D 16 11.84 -36.61 18.05
CA GLN D 16 13.24 -37.04 17.78
C GLN D 16 13.86 -36.07 16.76
N ARG D 17 13.13 -35.79 15.69
CA ARG D 17 13.55 -34.86 14.60
C ARG D 17 13.92 -33.50 15.23
N TYR D 18 13.07 -32.98 16.12
CA TYR D 18 13.26 -31.66 16.77
C TYR D 18 14.40 -31.74 17.79
N ALA D 19 14.47 -32.83 18.58
CA ALA D 19 15.51 -33.03 19.61
C ALA D 19 16.90 -32.96 18.95
N GLU D 20 17.01 -33.43 17.70
CA GLU D 20 18.30 -33.50 16.97
C GLU D 20 18.76 -32.08 16.60
N ILE D 21 17.88 -31.08 16.67
CA ILE D 21 18.25 -29.65 16.41
C ILE D 21 18.07 -28.85 17.71
N GLY D 22 18.04 -29.53 18.85
CA GLY D 22 18.05 -28.92 20.20
C GLY D 22 16.72 -28.30 20.57
N VAL D 23 15.60 -28.82 20.04
CA VAL D 23 14.22 -28.35 20.36
C VAL D 23 13.51 -29.46 21.14
N ASP D 24 12.83 -29.10 22.22
CA ASP D 24 12.12 -30.02 23.14
C ASP D 24 10.61 -29.87 22.91
N THR D 25 9.98 -30.81 22.19
CA THR D 25 8.57 -30.73 21.75
C THR D 25 7.64 -30.82 22.96
N ASP D 26 8.03 -31.52 24.03
CA ASP D 26 7.19 -31.61 25.26
C ASP D 26 7.09 -30.21 25.89
N ALA D 27 8.22 -29.50 26.02
CA ALA D 27 8.30 -28.16 26.62
C ALA D 27 7.51 -27.16 25.76
N ALA D 28 7.57 -27.30 24.44
CA ALA D 28 6.86 -26.42 23.48
C ALA D 28 5.35 -26.53 23.70
N MET D 29 4.83 -27.76 23.88
CA MET D 29 3.37 -27.97 24.08
C MET D 29 2.98 -27.38 25.43
N LYS D 30 3.84 -27.50 26.44
CA LYS D 30 3.61 -26.95 27.79
C LYS D 30 3.52 -25.41 27.69
N GLU D 31 4.34 -24.80 26.83
CA GLU D 31 4.34 -23.32 26.63
C GLU D 31 3.03 -22.89 25.97
N LEU D 32 2.53 -23.68 25.01
CA LEU D 32 1.28 -23.36 24.29
C LEU D 32 0.09 -23.39 25.26
N GLU D 33 0.08 -24.34 26.19
CA GLU D 33 -0.99 -24.48 27.23
C GLU D 33 -1.21 -23.16 27.96
N LYS D 34 -0.14 -22.38 28.14
CA LYS D 34 -0.12 -21.19 29.04
C LYS D 34 -0.56 -19.95 28.27
N VAL D 35 -0.98 -20.09 27.02
CA VAL D 35 -1.44 -18.95 26.17
C VAL D 35 -2.94 -19.08 25.94
N PRO D 36 -3.76 -18.43 26.78
CA PRO D 36 -5.20 -18.40 26.57
C PRO D 36 -5.57 -17.38 25.48
N LEU D 37 -6.48 -17.78 24.58
CA LEU D 37 -7.03 -16.89 23.53
C LEU D 37 -8.36 -16.34 24.03
N SER D 38 -8.60 -15.04 23.86
CA SER D 38 -9.87 -14.40 24.26
C SER D 38 -10.83 -14.44 23.07
N VAL D 39 -11.72 -15.44 23.07
CA VAL D 39 -12.72 -15.70 21.99
C VAL D 39 -13.83 -14.67 22.10
N HIS D 40 -14.08 -13.92 21.01
CA HIS D 40 -15.06 -12.81 20.97
C HIS D 40 -16.47 -13.37 20.82
N CYS D 41 -17.39 -12.98 21.72
CA CYS D 41 -18.76 -13.50 21.82
C CYS D 41 -19.59 -13.07 20.59
N TRP D 42 -19.26 -11.91 19.98
CA TRP D 42 -20.17 -11.24 19.00
C TRP D 42 -20.13 -11.93 17.62
N GLN D 43 -19.16 -12.80 17.34
CA GLN D 43 -19.13 -13.58 16.07
C GLN D 43 -20.35 -14.52 16.05
N GLY D 44 -20.90 -14.85 17.22
CA GLY D 44 -21.97 -15.85 17.38
C GLY D 44 -23.33 -15.34 16.94
N ASP D 45 -23.56 -14.02 17.00
CA ASP D 45 -24.91 -13.43 16.81
C ASP D 45 -24.79 -12.16 15.97
N ASP D 46 -23.70 -12.01 15.22
CA ASP D 46 -23.51 -10.88 14.28
C ASP D 46 -23.62 -9.56 15.05
N ILE D 47 -23.07 -9.53 16.27
CA ILE D 47 -22.90 -8.30 17.12
C ILE D 47 -24.26 -7.66 17.42
N HIS D 48 -25.34 -8.44 17.42
CA HIS D 48 -26.71 -7.97 17.82
C HIS D 48 -26.75 -7.65 19.32
N GLY D 49 -26.17 -8.51 20.16
CA GLY D 49 -26.32 -8.44 21.62
C GLY D 49 -27.77 -8.64 22.03
N PHE D 50 -28.13 -8.25 23.26
CA PHE D 50 -29.48 -8.52 23.86
C PHE D 50 -30.11 -7.24 24.41
N LEU D 51 -29.43 -6.10 24.35
CA LEU D 51 -29.92 -4.85 24.98
C LEU D 51 -30.93 -4.17 24.07
N PHE D 52 -30.66 -4.12 22.76
CA PHE D 52 -31.54 -3.44 21.77
C PHE D 52 -31.78 -4.36 20.57
N PRO D 53 -33.02 -4.38 20.04
CA PRO D 53 -33.30 -5.01 18.75
C PRO D 53 -32.27 -4.66 17.67
N SER D 64 -30.47 -11.98 4.09
CA SER D 64 -29.22 -11.97 3.27
C SER D 64 -28.56 -13.35 3.29
N GLY D 65 -27.62 -13.60 2.36
CA GLY D 65 -26.90 -14.88 2.17
C GLY D 65 -25.92 -15.16 3.30
N ASN D 66 -26.36 -14.96 4.55
CA ASN D 66 -25.61 -15.35 5.77
C ASN D 66 -26.00 -16.79 6.16
N TYR D 67 -25.08 -17.49 6.80
CA TYR D 67 -25.21 -18.92 7.18
C TYR D 67 -26.37 -19.10 8.14
N PRO D 68 -27.05 -20.27 8.13
CA PRO D 68 -28.10 -20.55 9.12
C PRO D 68 -27.54 -20.76 10.53
N GLY D 69 -28.41 -20.63 11.54
CA GLY D 69 -28.13 -20.99 12.95
C GLY D 69 -27.59 -19.83 13.77
N ILE D 70 -27.85 -18.58 13.38
CA ILE D 70 -27.40 -17.41 14.18
C ILE D 70 -27.97 -17.57 15.59
N ALA D 71 -27.18 -17.28 16.63
CA ALA D 71 -27.63 -17.19 18.04
C ALA D 71 -28.53 -15.97 18.19
N ARG D 72 -29.62 -16.10 18.96
CA ARG D 72 -30.64 -15.03 19.16
C ARG D 72 -30.89 -14.77 20.65
N THR D 73 -30.35 -15.62 21.55
CA THR D 73 -30.55 -15.54 23.02
C THR D 73 -29.25 -15.83 23.76
N PRO D 74 -29.10 -15.44 25.05
CA PRO D 74 -27.94 -15.79 25.93
C PRO D 74 -27.65 -17.29 25.85
N ASP D 75 -28.67 -18.11 26.09
CA ASP D 75 -28.56 -19.59 26.16
C ASP D 75 -28.00 -20.12 24.84
N GLU D 76 -28.52 -19.62 23.72
CA GLU D 76 -28.08 -20.04 22.35
C GLU D 76 -26.61 -19.64 22.14
N LEU D 77 -26.27 -18.39 22.43
CA LEU D 77 -24.87 -17.89 22.27
C LEU D 77 -23.94 -18.70 23.17
N ALA D 78 -24.35 -18.94 24.42
CA ALA D 78 -23.55 -19.68 25.42
C ALA D 78 -23.28 -21.09 24.89
N GLY D 79 -24.33 -21.76 24.38
CA GLY D 79 -24.19 -23.11 23.80
C GLY D 79 -23.23 -23.10 22.63
N ASP D 80 -23.33 -22.09 21.76
CA ASP D 80 -22.49 -21.96 20.55
C ASP D 80 -21.02 -21.79 20.98
N MET D 81 -20.76 -20.98 22.00
CA MET D 81 -19.37 -20.75 22.47
C MET D 81 -18.84 -22.02 23.14
N HIS D 82 -19.68 -22.74 23.87
CA HIS D 82 -19.31 -24.05 24.49
C HIS D 82 -18.89 -25.01 23.38
N GLU D 83 -19.68 -25.10 22.31
CA GLU D 83 -19.40 -26.00 21.16
C GLU D 83 -18.03 -25.63 20.56
N ALA D 84 -17.79 -24.34 20.27
CA ALA D 84 -16.51 -23.87 19.69
C ALA D 84 -15.37 -24.21 20.64
N LEU D 85 -15.52 -23.88 21.93
CA LEU D 85 -14.43 -24.09 22.92
C LEU D 85 -14.13 -25.58 23.06
N SER D 86 -15.11 -26.46 22.83
CA SER D 86 -14.93 -27.94 22.95
C SER D 86 -14.07 -28.46 21.78
N LEU D 87 -13.86 -27.65 20.75
CA LEU D 87 -13.02 -28.05 19.57
C LEU D 87 -11.73 -27.25 19.57
N ILE D 88 -11.54 -26.38 20.57
CA ILE D 88 -10.30 -25.56 20.70
C ILE D 88 -9.51 -26.11 21.89
N PRO D 89 -8.34 -26.75 21.66
CA PRO D 89 -7.62 -27.42 22.73
C PRO D 89 -7.02 -26.43 23.74
N GLY D 90 -7.11 -26.76 25.04
CA GLY D 90 -6.50 -25.98 26.12
C GLY D 90 -7.52 -25.16 26.89
N LYS D 91 -7.07 -24.14 27.63
CA LYS D 91 -7.95 -23.31 28.49
C LYS D 91 -7.90 -21.86 27.98
N HIS D 92 -9.05 -21.23 27.80
CA HIS D 92 -9.13 -19.91 27.11
C HIS D 92 -10.02 -18.93 27.87
N ARG D 93 -10.30 -17.81 27.24
CA ARG D 93 -11.10 -16.70 27.81
C ARG D 93 -12.16 -16.33 26.79
N VAL D 94 -13.13 -15.51 27.21
CA VAL D 94 -14.19 -15.00 26.31
C VAL D 94 -14.25 -13.48 26.48
N GLN D 95 -14.30 -12.74 25.37
CA GLN D 95 -14.56 -11.28 25.37
C GLN D 95 -16.06 -11.05 25.30
N LEU D 96 -16.59 -10.26 26.21
CA LEU D 96 -17.99 -9.78 26.18
C LEU D 96 -18.01 -8.35 25.65
N HIS D 97 -19.14 -7.94 25.08
CA HIS D 97 -19.48 -6.52 24.78
C HIS D 97 -20.58 -6.10 25.75
N ALA D 98 -20.66 -4.82 26.05
CA ALA D 98 -21.63 -4.26 27.02
C ALA D 98 -23.06 -4.65 26.61
N ILE D 99 -23.34 -4.70 25.31
CA ILE D 99 -24.71 -4.98 24.78
C ILE D 99 -25.12 -6.43 25.05
N TYR D 100 -24.23 -7.28 25.58
CA TYR D 100 -24.54 -8.71 25.88
C TYR D 100 -25.00 -8.85 27.34
N ALA D 101 -25.36 -7.74 27.96
CA ALA D 101 -25.97 -7.72 29.32
C ALA D 101 -27.20 -8.64 29.30
N VAL D 102 -27.39 -9.38 30.39
CA VAL D 102 -28.53 -10.32 30.57
C VAL D 102 -29.37 -9.83 31.75
N THR D 103 -30.49 -9.17 31.45
CA THR D 103 -31.41 -8.61 32.48
C THR D 103 -32.77 -8.40 31.83
N ASP D 104 -33.84 -8.51 32.61
CA ASP D 104 -35.22 -8.19 32.16
C ASP D 104 -35.52 -6.73 32.56
N LYS D 105 -34.68 -6.10 33.39
CA LYS D 105 -34.83 -4.68 33.80
C LYS D 105 -34.58 -3.80 32.58
N LYS D 106 -35.33 -2.71 32.38
CA LYS D 106 -35.11 -1.85 31.19
C LYS D 106 -33.79 -1.10 31.37
N ARG D 107 -32.91 -1.20 30.39
CA ARG D 107 -31.54 -0.65 30.50
C ARG D 107 -31.17 0.13 29.24
N ASP D 108 -30.30 1.12 29.43
CA ASP D 108 -29.57 1.81 28.35
C ASP D 108 -28.08 1.68 28.68
N LEU D 109 -27.19 2.08 27.76
CA LEU D 109 -25.74 1.93 27.95
C LEU D 109 -25.28 2.71 29.19
N ASP D 110 -25.96 3.79 29.55
CA ASP D 110 -25.57 4.63 30.72
C ASP D 110 -26.34 4.18 31.98
N THR D 111 -27.05 3.06 31.97
CA THR D 111 -27.81 2.59 33.16
C THR D 111 -27.51 1.12 33.48
N LEU D 112 -26.58 0.49 32.75
CA LEU D 112 -26.17 -0.92 33.01
C LEU D 112 -25.58 -1.04 34.42
N GLU D 113 -25.79 -2.19 35.06
CA GLU D 113 -25.25 -2.49 36.40
C GLU D 113 -24.42 -3.76 36.34
N PRO D 114 -23.38 -3.88 37.20
CA PRO D 114 -22.53 -5.07 37.22
C PRO D 114 -23.35 -6.37 37.21
N GLU D 115 -24.42 -6.43 38.02
CA GLU D 115 -25.25 -7.66 38.22
C GLU D 115 -25.89 -8.10 36.89
N ASP D 116 -25.95 -7.22 35.89
CA ASP D 116 -26.50 -7.52 34.53
C ASP D 116 -25.59 -8.52 33.79
N PHE D 117 -24.42 -8.84 34.35
CA PHE D 117 -23.44 -9.79 33.77
C PHE D 117 -23.27 -11.01 34.69
N ASP D 118 -24.16 -11.18 35.66
CA ASP D 118 -24.14 -12.39 36.53
C ASP D 118 -24.31 -13.63 35.64
N TYR D 119 -25.17 -13.57 34.63
CA TYR D 119 -25.40 -14.70 33.69
C TYR D 119 -24.05 -15.19 33.15
N TRP D 120 -23.22 -14.25 32.67
CA TRP D 120 -21.93 -14.55 32.00
C TRP D 120 -20.89 -14.98 33.03
N ILE D 121 -20.95 -14.42 34.23
CA ILE D 121 -20.02 -14.80 35.34
C ILE D 121 -20.28 -16.27 35.68
N ASP D 122 -21.56 -16.65 35.85
CA ASP D 122 -21.96 -18.03 36.20
C ASP D 122 -21.56 -18.96 35.06
N TRP D 123 -21.80 -18.56 33.82
CA TRP D 123 -21.45 -19.38 32.62
C TRP D 123 -19.94 -19.60 32.57
N ALA D 124 -19.15 -18.54 32.75
CA ALA D 124 -17.68 -18.59 32.65
C ALA D 124 -17.10 -19.51 33.73
N LYS D 125 -17.64 -19.46 34.95
CA LYS D 125 -17.17 -20.31 36.06
C LYS D 125 -17.43 -21.77 35.71
N GLN D 126 -18.61 -22.09 35.18
CA GLN D 126 -19.00 -23.50 34.89
C GLN D 126 -18.25 -23.98 33.64
N GLU D 127 -17.91 -23.07 32.71
CA GLU D 127 -17.19 -23.38 31.45
C GLU D 127 -15.69 -23.45 31.71
N GLY D 128 -15.20 -22.76 32.74
CA GLY D 128 -13.78 -22.74 33.11
C GLY D 128 -12.98 -21.79 32.22
N VAL D 129 -13.54 -20.62 31.90
CA VAL D 129 -12.85 -19.57 31.11
C VAL D 129 -12.85 -18.27 31.92
N GLY D 130 -11.85 -17.42 31.69
CA GLY D 130 -11.85 -16.03 32.17
C GLY D 130 -12.63 -15.15 31.21
N LEU D 131 -12.91 -13.91 31.60
CA LEU D 131 -13.69 -12.95 30.78
C LEU D 131 -12.93 -11.64 30.61
N ASP D 132 -12.97 -11.12 29.37
CA ASP D 132 -12.51 -9.77 29.00
C ASP D 132 -13.75 -8.96 28.60
N PHE D 133 -13.66 -7.64 28.61
CA PHE D 133 -14.85 -6.78 28.44
C PHE D 133 -14.56 -5.67 27.43
N ASN D 134 -15.62 -5.24 26.75
CA ASN D 134 -15.61 -4.16 25.75
C ASN D 134 -16.83 -3.29 26.02
N GLY D 135 -16.62 -2.00 26.31
CA GLY D 135 -17.73 -1.02 26.26
C GLY D 135 -18.27 -0.94 24.86
N THR D 136 -19.58 -0.69 24.69
CA THR D 136 -20.21 -0.59 23.34
C THR D 136 -20.44 0.88 23.00
N PHE D 137 -19.58 1.44 22.16
CA PHE D 137 -19.59 2.87 21.74
C PHE D 137 -20.06 2.99 20.29
N PHE D 138 -21.07 2.21 19.89
CA PHE D 138 -21.57 2.20 18.49
C PHE D 138 -23.00 1.66 18.45
N SER D 139 -23.64 1.79 17.28
CA SER D 139 -25.02 1.32 17.01
C SER D 139 -25.97 1.87 18.07
N HIS D 140 -26.06 3.20 18.15
CA HIS D 140 -26.86 3.88 19.18
C HIS D 140 -27.22 5.27 18.70
N PRO D 141 -28.44 5.76 19.03
CA PRO D 141 -28.87 7.09 18.61
C PRO D 141 -28.03 8.22 19.23
N MET D 142 -27.26 7.93 20.27
CA MET D 142 -26.36 8.92 20.95
C MET D 142 -25.02 8.98 20.22
N VAL D 143 -24.79 8.12 19.21
CA VAL D 143 -23.63 8.27 18.28
C VAL D 143 -23.97 9.43 17.35
N LYS D 144 -23.39 10.61 17.57
CA LYS D 144 -23.72 11.85 16.81
C LYS D 144 -22.63 12.12 15.78
N ASP D 145 -22.98 12.06 14.48
CA ASP D 145 -22.04 12.25 13.35
C ASP D 145 -20.76 11.42 13.61
N ASN D 146 -20.94 10.14 13.96
CA ASN D 146 -19.87 9.12 14.10
C ASN D 146 -18.97 9.44 15.32
N MET D 147 -19.48 10.21 16.28
CA MET D 147 -18.65 10.61 17.45
C MET D 147 -19.41 10.32 18.75
N THR D 148 -18.66 9.99 19.81
CA THR D 148 -19.20 9.51 21.10
C THR D 148 -18.52 10.28 22.24
N VAL D 149 -17.52 9.67 22.85
CA VAL D 149 -16.71 10.22 23.97
C VAL D 149 -16.07 11.56 23.54
N SER D 150 -15.65 11.69 22.27
CA SER D 150 -14.91 12.89 21.82
C SER D 150 -15.79 13.79 20.94
N SER D 151 -17.11 13.63 21.02
CA SER D 151 -18.10 14.52 20.36
C SER D 151 -17.92 15.98 20.80
N PRO D 152 -18.12 16.97 19.91
CA PRO D 152 -18.11 18.37 20.32
C PRO D 152 -19.37 18.74 21.12
N ASP D 153 -20.37 17.85 21.15
CA ASP D 153 -21.64 18.04 21.90
C ASP D 153 -21.45 17.53 23.34
N PRO D 154 -21.48 18.43 24.34
CA PRO D 154 -21.24 18.03 25.73
C PRO D 154 -22.25 16.99 26.22
N LYS D 155 -23.50 17.06 25.78
CA LYS D 155 -24.55 16.09 26.21
C LYS D 155 -24.15 14.70 25.69
N VAL D 156 -23.74 14.60 24.42
CA VAL D 156 -23.32 13.31 23.81
C VAL D 156 -22.09 12.79 24.59
N ARG D 157 -21.09 13.64 24.78
CA ARG D 157 -19.84 13.29 25.51
CA ARG D 157 -19.84 13.29 25.51
C ARG D 157 -20.15 12.73 26.91
N ASP D 158 -21.03 13.39 27.63
CA ASP D 158 -21.37 13.07 29.04
C ASP D 158 -22.04 11.70 29.09
N PHE D 159 -22.93 11.42 28.14
CA PHE D 159 -23.61 10.11 28.02
C PHE D 159 -22.57 8.99 27.90
N TRP D 160 -21.60 9.14 26.99
CA TRP D 160 -20.60 8.07 26.68
C TRP D 160 -19.56 7.98 27.81
N ILE D 161 -19.25 9.09 28.46
CA ILE D 161 -18.36 9.07 29.66
C ILE D 161 -19.05 8.20 30.71
N ARG D 162 -20.36 8.39 30.90
CA ARG D 162 -21.17 7.58 31.84
C ARG D 162 -21.02 6.10 31.47
N HIS D 163 -21.18 5.74 30.20
CA HIS D 163 -21.03 4.33 29.79
C HIS D 163 -19.61 3.86 30.10
N GLY D 164 -18.60 4.66 29.73
CA GLY D 164 -17.18 4.29 29.92
C GLY D 164 -16.89 3.98 31.39
N LYS D 165 -17.38 4.82 32.30
CA LYS D 165 -17.20 4.61 33.75
C LYS D 165 -17.90 3.32 34.17
N ILE D 166 -19.12 3.11 33.67
CA ILE D 166 -19.93 1.89 33.97
C ILE D 166 -19.16 0.66 33.46
N SER D 167 -18.49 0.76 32.30
CA SER D 167 -17.72 -0.37 31.71
C SER D 167 -16.64 -0.82 32.70
N ARG D 168 -16.00 0.12 33.39
CA ARG D 168 -14.96 -0.19 34.40
C ARG D 168 -15.61 -0.85 35.62
N GLU D 169 -16.73 -0.32 36.08
CA GLU D 169 -17.47 -0.82 37.26
C GLU D 169 -17.84 -2.29 37.01
N ILE D 170 -18.48 -2.57 35.86
CA ILE D 170 -18.82 -3.96 35.46
C ILE D 170 -17.55 -4.81 35.46
N SER D 171 -16.49 -4.35 34.77
CA SER D 171 -15.23 -5.11 34.59
C SER D 171 -14.60 -5.42 35.96
N ASN D 172 -14.62 -4.45 36.88
CA ASN D 172 -14.09 -4.62 38.25
C ASN D 172 -14.85 -5.75 38.97
N TYR D 173 -16.18 -5.70 38.92
CA TYR D 173 -17.12 -6.68 39.54
C TYR D 173 -16.89 -8.08 38.96
N ILE D 174 -16.80 -8.20 37.63
CA ILE D 174 -16.55 -9.51 36.97
C ILE D 174 -15.20 -10.07 37.45
N GLY D 175 -14.18 -9.21 37.51
CA GLY D 175 -12.81 -9.61 37.91
C GLY D 175 -12.78 -10.12 39.34
N GLU D 176 -13.47 -9.42 40.25
CA GLU D 176 -13.60 -9.77 41.68
C GLU D 176 -14.22 -11.18 41.81
N LYS D 177 -15.34 -11.40 41.14
CA LYS D 177 -16.11 -12.67 41.19
C LYS D 177 -15.33 -13.83 40.57
N LEU D 178 -14.73 -13.65 39.39
CA LEU D 178 -13.99 -14.73 38.69
C LEU D 178 -12.61 -14.94 39.32
N GLY D 179 -12.06 -13.93 39.99
CA GLY D 179 -10.68 -13.99 40.54
C GLY D 179 -9.66 -14.00 39.42
N SER D 180 -9.98 -13.35 38.30
CA SER D 180 -9.10 -13.24 37.10
C SER D 180 -9.29 -11.87 36.49
N GLN D 181 -8.19 -11.13 36.34
CA GLN D 181 -8.23 -9.72 35.90
C GLN D 181 -8.96 -9.63 34.56
N VAL D 182 -9.92 -8.71 34.47
CA VAL D 182 -10.70 -8.42 33.25
C VAL D 182 -9.98 -7.32 32.47
N VAL D 183 -9.52 -7.58 31.25
CA VAL D 183 -9.03 -6.48 30.36
C VAL D 183 -10.27 -5.80 29.78
N ASN D 184 -10.42 -4.52 30.08
CA ASN D 184 -11.56 -3.67 29.66
C ASN D 184 -11.10 -2.87 28.45
N ASN D 185 -11.45 -3.34 27.24
CA ASN D 185 -10.96 -2.74 25.98
C ASN D 185 -11.89 -1.61 25.55
N PHE D 186 -11.31 -0.47 25.17
CA PHE D 186 -12.03 0.71 24.65
C PHE D 186 -11.76 0.87 23.15
N TRP D 187 -12.83 0.77 22.37
CA TRP D 187 -12.80 1.11 20.93
C TRP D 187 -13.92 2.12 20.63
N LEU D 188 -13.56 3.22 20.00
CA LEU D 188 -14.46 4.34 19.67
C LEU D 188 -14.44 4.55 18.17
N PRO D 189 -15.61 4.74 17.51
CA PRO D 189 -15.68 5.03 16.08
C PRO D 189 -15.24 6.45 15.70
N ASP D 190 -15.15 7.34 16.72
CA ASP D 190 -14.99 8.81 16.56
C ASP D 190 -14.07 9.14 15.38
N GLY D 191 -14.55 10.00 14.48
CA GLY D 191 -13.77 10.47 13.31
C GLY D 191 -14.64 11.15 12.27
N PHE D 192 -14.08 11.40 11.09
CA PHE D 192 -14.78 12.07 9.96
C PHE D 192 -14.73 11.21 8.69
N LYS D 193 -15.81 11.24 7.92
CA LYS D 193 -15.85 10.60 6.59
C LYS D 193 -14.87 11.33 5.65
N ASP D 194 -14.90 12.66 5.64
CA ASP D 194 -14.10 13.50 4.74
C ASP D 194 -13.04 14.31 5.51
N ASN D 195 -12.20 15.05 4.79
CA ASN D 195 -10.98 15.72 5.34
C ASN D 195 -11.39 16.77 6.37
N PRO D 196 -10.85 16.70 7.61
CA PRO D 196 -11.17 17.70 8.62
C PRO D 196 -10.28 18.94 8.54
N ILE D 197 -10.76 20.03 9.15
CA ILE D 197 -10.01 21.30 9.30
C ILE D 197 -9.22 21.20 10.60
N ASP D 198 -9.86 20.68 11.64
CA ASP D 198 -9.26 20.64 13.00
C ASP D 198 -9.01 19.19 13.43
N LYS D 199 -7.75 18.77 13.43
CA LYS D 199 -7.32 17.44 13.90
C LYS D 199 -6.97 17.48 15.38
N LYS D 200 -6.65 18.66 15.89
CA LYS D 200 -6.13 18.79 17.27
C LYS D 200 -7.27 18.67 18.30
N THR D 201 -8.34 19.45 18.14
CA THR D 201 -9.37 19.66 19.19
C THR D 201 -10.09 18.33 19.47
N PRO D 202 -10.44 17.51 18.46
CA PRO D 202 -11.03 16.20 18.74
C PRO D 202 -10.16 15.30 19.62
N ARG D 203 -8.83 15.33 19.46
CA ARG D 203 -7.92 14.46 20.25
C ARG D 203 -7.74 15.07 21.66
N LEU D 204 -7.89 16.38 21.81
CA LEU D 204 -7.88 17.00 23.17
C LEU D 204 -9.21 16.67 23.88
N ARG D 205 -10.33 16.68 23.16
CA ARG D 205 -11.63 16.30 23.76
C ARG D 205 -11.54 14.83 24.19
N LEU D 206 -10.94 13.99 23.36
CA LEU D 206 -10.78 12.54 23.66
C LEU D 206 -9.89 12.36 24.89
N LEU D 207 -8.75 13.05 24.92
CA LEU D 207 -7.78 12.94 26.03
C LEU D 207 -8.51 13.27 27.34
N LYS D 208 -9.28 14.35 27.36
CA LYS D 208 -9.91 14.85 28.62
C LYS D 208 -11.03 13.88 29.02
N ALA D 209 -11.80 13.39 28.06
CA ALA D 209 -12.92 12.47 28.32
C ALA D 209 -12.36 11.13 28.84
N LEU D 210 -11.29 10.60 28.25
CA LEU D 210 -10.68 9.33 28.70
C LEU D 210 -10.16 9.48 30.13
N ASP D 211 -9.46 10.59 30.43
CA ASP D 211 -8.92 10.88 31.78
C ASP D 211 -10.06 10.83 32.79
N GLU D 212 -11.22 11.41 32.46
CA GLU D 212 -12.42 11.44 33.34
C GLU D 212 -12.94 10.00 33.54
N ILE D 213 -12.93 9.18 32.48
CA ILE D 213 -13.44 7.78 32.57
C ILE D 213 -12.57 6.97 33.55
N ILE D 214 -11.24 7.09 33.50
CA ILE D 214 -10.33 6.21 34.30
C ILE D 214 -10.03 6.89 35.64
N LYS D 215 -10.73 7.98 35.94
CA LYS D 215 -10.45 8.85 37.12
C LYS D 215 -10.57 8.06 38.44
N ASP D 216 -11.75 7.51 38.74
CA ASP D 216 -11.99 6.78 40.02
C ASP D 216 -11.17 5.50 40.03
N PRO D 217 -10.35 5.27 41.09
CA PRO D 217 -9.49 4.09 41.15
C PRO D 217 -10.27 2.79 41.39
N LEU D 218 -9.81 1.71 40.73
CA LEU D 218 -10.33 0.34 40.92
C LEU D 218 -9.15 -0.61 41.00
N PRO D 219 -9.26 -1.69 41.82
CA PRO D 219 -8.17 -2.63 42.01
C PRO D 219 -7.67 -3.23 40.69
N GLU D 220 -6.36 -3.13 40.46
CA GLU D 220 -5.69 -3.66 39.24
C GLU D 220 -5.83 -5.18 39.19
N LYS D 221 -5.96 -5.86 40.34
CA LYS D 221 -6.12 -7.33 40.38
C LYS D 221 -7.46 -7.71 39.73
N ASN D 222 -8.43 -6.79 39.72
CA ASN D 222 -9.80 -7.05 39.21
C ASN D 222 -9.90 -6.66 37.74
N THR D 223 -9.32 -5.53 37.36
CA THR D 223 -9.46 -5.00 35.99
C THR D 223 -8.35 -4.01 35.64
N ILE D 224 -8.10 -3.88 34.35
CA ILE D 224 -7.24 -2.83 33.74
C ILE D 224 -7.78 -2.53 32.34
N GLU D 225 -7.63 -1.28 31.90
CA GLU D 225 -8.18 -0.76 30.64
C GLU D 225 -7.13 -0.89 29.54
N SER D 226 -7.57 -1.24 28.33
CA SER D 226 -6.75 -1.21 27.10
C SER D 226 -7.41 -0.24 26.11
N PHE D 227 -6.63 0.39 25.23
CA PHE D 227 -7.13 1.42 24.29
C PHE D 227 -6.80 0.98 22.87
N GLU D 228 -7.84 0.92 22.04
CA GLU D 228 -7.78 0.35 20.69
C GLU D 228 -7.95 1.42 19.62
N GLY D 229 -6.88 1.67 18.86
CA GLY D 229 -6.86 2.63 17.75
C GLY D 229 -7.26 1.96 16.43
N LYS D 230 -7.41 2.77 15.40
CA LYS D 230 -7.84 2.31 14.05
C LYS D 230 -7.35 3.34 13.04
N LEU D 231 -6.97 2.92 11.84
CA LEU D 231 -6.53 3.89 10.81
C LEU D 231 -7.78 4.49 10.14
N PHE D 232 -8.74 3.65 9.77
CA PHE D 232 -9.97 4.11 9.07
C PHE D 232 -11.06 3.04 9.16
N GLY D 233 -12.31 3.47 9.09
CA GLY D 233 -13.48 2.58 9.10
C GLY D 233 -14.48 3.00 8.04
N THR D 234 -15.41 2.11 7.69
CA THR D 234 -16.47 2.37 6.69
C THR D 234 -17.28 3.59 7.10
N GLY D 235 -17.40 4.56 6.20
CA GLY D 235 -18.17 5.79 6.42
C GLY D 235 -17.43 6.77 7.32
N ILE D 236 -16.22 6.43 7.74
CA ILE D 236 -15.37 7.28 8.64
C ILE D 236 -13.93 7.18 8.12
N GLU D 237 -13.73 7.32 6.81
CA GLU D 237 -12.46 6.92 6.16
C GLU D 237 -11.33 7.94 6.36
N SER D 238 -11.61 9.25 6.41
CA SER D 238 -10.56 10.30 6.26
C SER D 238 -9.85 10.64 7.57
N TYR D 239 -10.45 10.41 8.72
CA TYR D 239 -9.80 10.78 10.01
C TYR D 239 -10.41 9.95 11.14
N THR D 240 -9.52 9.36 11.95
CA THR D 240 -9.87 8.63 13.20
C THR D 240 -9.33 9.42 14.40
N THR D 241 -10.22 9.86 15.29
CA THR D 241 -9.81 10.65 16.48
C THR D 241 -8.80 9.83 17.27
N GLY D 242 -9.20 8.62 17.68
CA GLY D 242 -8.34 7.66 18.39
C GLY D 242 -7.42 6.92 17.44
N SER D 243 -6.29 7.53 17.08
CA SER D 243 -5.25 6.93 16.20
C SER D 243 -4.37 5.99 17.02
N HIS D 244 -3.56 5.19 16.34
CA HIS D 244 -2.60 4.27 17.00
C HIS D 244 -1.58 5.09 17.79
N GLU D 245 -1.12 6.22 17.24
CA GLU D 245 -0.12 7.09 17.89
C GLU D 245 -0.74 7.66 19.17
N PHE D 246 -1.95 8.20 19.08
CA PHE D 246 -2.66 8.79 20.24
C PHE D 246 -2.77 7.75 21.36
N TYR D 247 -3.21 6.53 21.02
CA TYR D 247 -3.48 5.48 22.04
C TYR D 247 -2.16 4.87 22.55
N GLN D 248 -1.12 4.66 21.73
CA GLN D 248 0.17 4.18 22.31
C GLN D 248 0.67 5.22 23.33
N ASN D 249 0.63 6.50 22.95
CA ASN D 249 1.04 7.65 23.81
C ASN D 249 0.22 7.65 25.09
N TYR D 250 -1.10 7.51 24.96
CA TYR D 250 -2.05 7.60 26.09
C TYR D 250 -1.79 6.45 27.07
N ALA D 251 -1.62 5.23 26.56
CA ALA D 251 -1.40 4.01 27.35
C ALA D 251 -0.10 4.12 28.14
N ILE D 252 0.99 4.48 27.48
CA ILE D 252 2.30 4.66 28.16
C ILE D 252 2.18 5.73 29.25
N SER D 253 1.57 6.87 28.92
CA SER D 253 1.46 8.07 29.78
C SER D 253 0.54 7.79 30.98
N ARG D 254 -0.58 7.10 30.78
CA ARG D 254 -1.60 6.86 31.83
C ARG D 254 -1.43 5.46 32.45
N ASN D 255 -0.39 4.73 32.06
CA ASN D 255 -0.01 3.40 32.62
C ASN D 255 -1.17 2.41 32.40
N LYS D 256 -1.68 2.34 31.17
CA LYS D 256 -2.75 1.38 30.79
C LYS D 256 -2.22 0.50 29.65
N LEU D 257 -3.03 -0.44 29.18
CA LEU D 257 -2.65 -1.36 28.08
C LEU D 257 -2.94 -0.68 26.75
N TRP D 258 -2.22 -1.10 25.70
CA TRP D 258 -2.44 -0.63 24.32
C TRP D 258 -2.97 -1.82 23.51
N THR D 259 -4.07 -1.63 22.77
CA THR D 259 -4.67 -2.69 21.94
C THR D 259 -4.21 -2.56 20.48
N ILE D 260 -3.58 -3.61 19.96
CA ILE D 260 -3.12 -3.68 18.55
C ILE D 260 -4.04 -4.66 17.82
N ASP D 261 -4.84 -4.15 16.89
CA ASP D 261 -5.74 -5.00 16.06
C ASP D 261 -5.09 -5.14 14.69
N ALA D 262 -4.78 -6.38 14.29
CA ALA D 262 -3.97 -6.69 13.09
C ALA D 262 -4.63 -6.23 11.78
N GLY D 263 -5.91 -5.88 11.77
CA GLY D 263 -6.59 -5.45 10.53
C GLY D 263 -6.79 -3.95 10.47
N HIS D 264 -6.19 -3.19 11.38
CA HIS D 264 -6.53 -1.75 11.55
C HIS D 264 -5.37 -0.85 11.15
N PHE D 265 -4.37 -1.37 10.45
CA PHE D 265 -3.16 -0.60 10.10
C PHE D 265 -3.06 -0.36 8.59
N HIS D 266 -1.96 0.25 8.15
CA HIS D 266 -1.74 0.60 6.73
C HIS D 266 -1.54 -0.66 5.88
N PRO D 267 -1.81 -0.58 4.58
CA PRO D 267 -1.38 -1.62 3.65
C PRO D 267 0.12 -1.88 3.81
N THR D 268 0.49 -3.15 4.04
CA THR D 268 1.87 -3.69 4.16
C THR D 268 2.41 -3.49 5.57
N GLU D 269 1.62 -2.90 6.46
CA GLU D 269 2.12 -2.61 7.83
C GLU D 269 2.22 -3.93 8.61
N ASP D 270 3.38 -4.21 9.18
CA ASP D 270 3.63 -5.43 9.97
C ASP D 270 3.46 -5.08 11.47
N VAL D 271 2.32 -5.41 12.07
CA VAL D 271 1.99 -5.04 13.49
C VAL D 271 2.95 -5.75 14.45
N SER D 272 3.61 -6.84 14.03
CA SER D 272 4.59 -7.59 14.86
C SER D 272 5.84 -6.74 15.12
N ASP D 273 6.05 -5.67 14.37
CA ASP D 273 7.19 -4.73 14.55
C ASP D 273 7.00 -3.86 15.81
N LYS D 274 5.75 -3.69 16.27
CA LYS D 274 5.40 -2.66 17.29
C LYS D 274 5.80 -3.11 18.70
N PHE D 275 5.75 -4.42 18.98
CA PHE D 275 5.87 -4.96 20.36
C PHE D 275 7.17 -4.47 21.01
N SER D 276 8.29 -4.63 20.30
CA SER D 276 9.66 -4.37 20.80
C SER D 276 9.96 -2.88 20.84
N ALA D 277 9.12 -2.05 20.20
CA ALA D 277 9.21 -0.58 20.29
C ALA D 277 8.35 -0.07 21.45
N PHE D 278 7.39 -0.88 21.91
CA PHE D 278 6.43 -0.50 22.97
C PHE D 278 6.98 -0.91 24.34
N PHE D 279 7.52 -2.12 24.46
CA PHE D 279 7.83 -2.73 25.78
C PHE D 279 9.02 -2.06 26.47
N PRO D 280 9.92 -1.28 25.81
CA PRO D 280 10.87 -0.47 26.58
C PRO D 280 10.20 0.65 27.38
N PHE D 281 8.93 0.99 27.11
CA PHE D 281 8.24 2.16 27.71
C PHE D 281 6.92 1.80 28.39
N GLY D 282 6.22 0.76 27.93
CA GLY D 282 4.81 0.52 28.32
C GLY D 282 4.60 -0.74 29.15
N LYS D 283 3.35 -0.98 29.55
CA LYS D 283 2.95 -1.96 30.60
C LYS D 283 2.59 -3.31 29.97
N GLY D 284 1.65 -3.28 29.03
CA GLY D 284 1.11 -4.51 28.43
C GLY D 284 0.33 -4.22 27.18
N LEU D 285 0.07 -5.27 26.40
CA LEU D 285 -0.65 -5.17 25.11
C LEU D 285 -1.86 -6.10 25.14
N PHE D 286 -2.88 -5.73 24.38
CA PHE D 286 -4.00 -6.59 23.97
C PHE D 286 -3.86 -6.77 22.46
N MET D 287 -3.38 -7.93 22.03
CA MET D 287 -3.11 -8.22 20.61
C MET D 287 -4.35 -8.89 20.01
N HIS D 288 -5.11 -8.16 19.21
CA HIS D 288 -6.37 -8.63 18.56
C HIS D 288 -6.02 -9.19 17.18
N VAL D 289 -5.97 -10.51 17.05
CA VAL D 289 -5.68 -11.15 15.72
C VAL D 289 -6.96 -11.07 14.88
N SER D 290 -6.80 -10.61 13.64
CA SER D 290 -7.87 -10.30 12.68
C SER D 290 -7.23 -10.29 11.29
N ARG D 291 -7.93 -10.79 10.27
CA ARG D 291 -7.40 -10.81 8.88
C ARG D 291 -8.06 -9.69 8.09
N PRO D 292 -7.27 -8.67 7.66
CA PRO D 292 -7.76 -7.64 6.75
C PRO D 292 -7.51 -8.12 5.33
N VAL D 293 -8.52 -8.03 4.47
CA VAL D 293 -8.35 -8.31 3.02
C VAL D 293 -8.60 -7.00 2.27
N ARG D 294 -7.52 -6.24 2.10
CA ARG D 294 -7.40 -4.95 1.37
C ARG D 294 -8.10 -3.82 2.13
N TRP D 295 -8.74 -4.12 3.27
CA TRP D 295 -9.32 -3.11 4.19
C TRP D 295 -9.66 -3.80 5.51
N ASP D 296 -10.31 -3.10 6.44
CA ASP D 296 -10.66 -3.69 7.75
C ASP D 296 -11.92 -4.56 7.56
N SER D 297 -11.75 -5.72 6.91
CA SER D 297 -12.83 -6.64 6.47
C SER D 297 -13.19 -7.63 7.57
N ASP D 298 -12.36 -7.77 8.60
CA ASP D 298 -12.64 -8.66 9.76
C ASP D 298 -12.84 -10.11 9.28
N HIS D 299 -11.99 -10.57 8.38
CA HIS D 299 -12.00 -12.00 7.92
C HIS D 299 -11.53 -12.88 9.08
N VAL D 300 -11.94 -14.14 9.07
CA VAL D 300 -11.47 -15.17 10.04
C VAL D 300 -9.93 -15.26 9.92
N VAL D 301 -9.26 -15.32 11.07
CA VAL D 301 -7.80 -15.48 11.17
C VAL D 301 -7.40 -16.83 10.55
N ILE D 302 -6.36 -16.80 9.71
CA ILE D 302 -5.77 -18.01 9.08
C ILE D 302 -4.27 -17.97 9.27
N MET D 303 -3.61 -19.11 9.04
CA MET D 303 -2.13 -19.20 9.13
C MET D 303 -1.53 -18.53 7.89
N ASP D 304 -1.25 -17.23 8.00
CA ASP D 304 -0.64 -16.41 6.92
C ASP D 304 0.58 -15.68 7.48
N ASP D 305 1.28 -14.94 6.62
CA ASP D 305 2.50 -14.19 6.96
C ASP D 305 2.25 -13.40 8.24
N ALA D 306 1.16 -12.63 8.27
CA ALA D 306 0.84 -11.69 9.38
C ALA D 306 0.73 -12.47 10.69
N LEU D 307 -0.10 -13.52 10.73
CA LEU D 307 -0.32 -14.33 11.94
C LEU D 307 1.00 -14.97 12.38
N ILE D 308 1.76 -15.52 11.44
CA ILE D 308 3.05 -16.20 11.74
C ILE D 308 4.03 -15.19 12.35
N ARG D 309 4.06 -13.97 11.83
CA ARG D 309 5.01 -12.93 12.31
C ARG D 309 4.58 -12.44 13.69
N ILE D 310 3.28 -12.23 13.89
CA ILE D 310 2.72 -11.78 15.21
C ILE D 310 3.10 -12.82 16.27
N THR D 311 2.81 -14.10 16.02
CA THR D 311 3.00 -15.19 17.01
C THR D 311 4.50 -15.42 17.24
N ARG D 312 5.33 -15.42 16.19
CA ARG D 312 6.79 -15.71 16.37
C ARG D 312 7.48 -14.52 17.03
N SER D 313 7.00 -13.30 16.82
CA SER D 313 7.55 -12.07 17.45
C SER D 313 7.28 -12.08 18.97
N LEU D 314 6.08 -12.50 19.36
CA LEU D 314 5.69 -12.61 20.79
C LEU D 314 6.51 -13.73 21.46
N VAL D 315 6.66 -14.87 20.79
CA VAL D 315 7.38 -16.04 21.36
C VAL D 315 8.88 -15.74 21.42
N ARG D 316 9.48 -15.36 20.29
CA ARG D 316 10.95 -15.19 20.19
C ARG D 316 11.45 -14.17 21.22
N ASP D 317 10.70 -13.10 21.47
CA ASP D 317 11.16 -11.95 22.28
C ASP D 317 10.53 -12.01 23.68
N GLY D 318 9.83 -13.10 24.00
CA GLY D 318 9.32 -13.43 25.35
C GLY D 318 8.28 -12.43 25.86
N TYR D 319 7.33 -12.04 25.03
CA TYR D 319 6.34 -10.98 25.40
C TYR D 319 4.99 -11.60 25.79
N LEU D 320 4.87 -12.92 25.78
CA LEU D 320 3.55 -13.58 25.98
C LEU D 320 2.98 -13.22 27.36
N ASP D 321 3.80 -13.12 28.39
CA ASP D 321 3.25 -12.89 29.76
C ASP D 321 2.81 -11.44 29.92
N ARG D 322 3.14 -10.54 28.99
CA ARG D 322 2.68 -9.14 29.04
C ARG D 322 1.72 -8.84 27.90
N THR D 323 1.39 -9.84 27.07
CA THR D 323 0.47 -9.66 25.93
C THR D 323 -0.74 -10.58 26.07
N HIS D 324 -1.94 -10.02 26.11
CA HIS D 324 -3.21 -10.77 26.02
C HIS D 324 -3.51 -11.01 24.55
N ILE D 325 -3.84 -12.23 24.16
CA ILE D 325 -4.19 -12.46 22.73
C ILE D 325 -5.70 -12.68 22.60
N GLY D 326 -6.35 -11.82 21.82
CA GLY D 326 -7.79 -11.87 21.54
C GLY D 326 -8.04 -12.14 20.08
N LEU D 327 -9.17 -12.79 19.77
CA LEU D 327 -9.68 -12.94 18.38
C LEU D 327 -10.63 -11.76 18.13
N ASP D 328 -10.52 -11.11 16.98
CA ASP D 328 -11.52 -10.08 16.58
C ASP D 328 -11.76 -10.24 15.08
N PHE D 329 -12.84 -10.92 14.73
CA PHE D 329 -13.26 -11.03 13.31
C PHE D 329 -14.77 -11.24 13.30
N PHE D 330 -15.34 -11.17 12.12
CA PHE D 330 -16.80 -11.27 11.95
C PHE D 330 -17.11 -11.77 10.54
N ASP D 331 -17.32 -13.07 10.40
CA ASP D 331 -17.73 -13.70 9.11
C ASP D 331 -19.03 -14.47 9.35
N ALA D 332 -20.15 -13.96 8.84
CA ALA D 332 -21.49 -14.58 8.99
C ALA D 332 -21.82 -15.40 7.73
N THR D 333 -20.91 -15.45 6.75
CA THR D 333 -21.14 -16.13 5.45
C THR D 333 -20.87 -17.63 5.59
N ILE D 334 -20.25 -18.04 6.68
CA ILE D 334 -19.86 -19.45 6.94
C ILE D 334 -20.43 -19.87 8.30
N ASN D 335 -20.28 -21.14 8.65
CA ASN D 335 -20.69 -21.66 9.97
C ASN D 335 -20.03 -20.79 11.05
N ARG D 336 -20.82 -20.05 11.83
CA ARG D 336 -20.30 -19.07 12.82
C ARG D 336 -19.44 -19.78 13.87
N VAL D 337 -19.81 -21.01 14.27
CA VAL D 337 -19.03 -21.80 15.27
C VAL D 337 -17.69 -22.22 14.63
N ALA D 338 -17.72 -22.70 13.39
CA ALA D 338 -16.52 -23.10 12.62
C ALA D 338 -15.53 -21.93 12.56
N ALA D 339 -16.04 -20.71 12.36
CA ALA D 339 -15.26 -19.45 12.27
C ALA D 339 -14.31 -19.36 13.48
N TRP D 340 -14.87 -19.43 14.69
CA TRP D 340 -14.09 -19.35 15.95
C TRP D 340 -12.96 -20.38 15.92
N VAL D 341 -13.31 -21.64 15.61
CA VAL D 341 -12.37 -22.78 15.69
C VAL D 341 -11.25 -22.61 14.67
N VAL D 342 -11.57 -22.19 13.45
CA VAL D 342 -10.52 -21.98 12.41
C VAL D 342 -9.51 -20.97 12.95
N GLY D 343 -10.00 -19.81 13.40
CA GLY D 343 -9.16 -18.69 13.87
C GLY D 343 -8.32 -19.09 15.06
N ALA D 344 -8.94 -19.74 16.06
CA ALA D 344 -8.25 -20.16 17.30
C ALA D 344 -7.15 -21.17 16.97
N ARG D 345 -7.47 -22.21 16.16
CA ARG D 345 -6.48 -23.26 15.80
C ARG D 345 -5.36 -22.63 14.97
N ALA D 346 -5.70 -21.72 14.05
CA ALA D 346 -4.70 -21.01 13.21
C ALA D 346 -3.69 -20.32 14.13
N THR D 347 -4.18 -19.61 15.14
CA THR D 347 -3.35 -18.84 16.09
C THR D 347 -2.49 -19.79 16.92
N GLN D 348 -3.10 -20.85 17.45
CA GLN D 348 -2.39 -21.83 18.31
C GLN D 348 -1.27 -22.53 17.53
N LYS D 349 -1.53 -22.97 16.31
CA LYS D 349 -0.52 -23.78 15.56
C LYS D 349 0.63 -22.85 15.17
N SER D 350 0.36 -21.57 14.92
CA SER D 350 1.39 -20.56 14.54
C SER D 350 2.27 -20.27 15.75
N LEU D 351 1.64 -20.12 16.93
CA LEU D 351 2.35 -19.99 18.23
C LEU D 351 3.25 -21.20 18.41
N LEU D 352 2.68 -22.40 18.19
CA LEU D 352 3.40 -23.68 18.41
C LEU D 352 4.60 -23.77 17.46
N GLN D 353 4.42 -23.43 16.19
CA GLN D 353 5.54 -23.48 15.21
C GLN D 353 6.69 -22.59 15.72
N ALA D 354 6.36 -21.38 16.18
CA ALA D 354 7.32 -20.40 16.71
C ALA D 354 8.08 -21.02 17.90
N MET D 355 7.35 -21.75 18.75
CA MET D 355 7.88 -22.36 20.00
C MET D 355 8.76 -23.57 19.67
N LEU D 356 8.66 -24.12 18.46
CA LEU D 356 9.42 -25.32 18.06
C LEU D 356 10.69 -24.93 17.29
N ALA D 357 11.20 -23.72 17.50
CA ALA D 357 12.47 -23.25 16.87
C ALA D 357 13.58 -23.29 17.90
N PRO D 358 14.85 -23.56 17.52
CA PRO D 358 15.97 -23.44 18.45
C PRO D 358 16.32 -21.95 18.61
N ILE D 359 15.50 -21.22 19.35
CA ILE D 359 15.51 -19.74 19.37
C ILE D 359 16.83 -19.24 19.94
N ASP D 360 17.34 -19.87 21.01
CA ASP D 360 18.59 -19.41 21.67
C ASP D 360 19.75 -19.55 20.68
N GLN D 361 19.83 -20.67 19.95
CA GLN D 361 20.94 -20.87 18.99
C GLN D 361 20.78 -19.88 17.83
N LEU D 362 19.55 -19.67 17.35
CA LEU D 362 19.29 -18.72 16.24
C LEU D 362 19.71 -17.31 16.67
N LYS D 363 19.39 -16.92 17.91
CA LYS D 363 19.76 -15.58 18.44
C LYS D 363 21.28 -15.44 18.39
N LYS D 364 21.99 -16.46 18.88
CA LYS D 364 23.47 -16.56 18.89
C LYS D 364 24.03 -16.32 17.48
N ASP D 365 23.61 -17.12 16.51
CA ASP D 365 24.02 -17.03 15.08
C ASP D 365 23.79 -15.61 14.55
N GLU D 366 22.62 -15.03 14.86
CA GLU D 366 22.23 -13.67 14.43
C GLU D 366 23.15 -12.62 15.10
N LEU D 367 23.50 -12.80 16.37
CA LEU D 367 24.42 -11.86 17.08
C LEU D 367 25.80 -11.92 16.41
N ASN D 368 26.17 -13.09 15.87
CA ASN D 368 27.46 -13.31 15.16
C ASN D 368 27.31 -12.97 13.66
N ALA D 369 26.17 -12.42 13.27
CA ALA D 369 25.87 -11.95 11.88
C ALA D 369 25.96 -13.12 10.89
N ASP D 370 25.65 -14.33 11.33
CA ASP D 370 25.59 -15.53 10.45
C ASP D 370 24.21 -15.57 9.79
N PHE D 371 23.96 -14.67 8.85
CA PHE D 371 22.65 -14.46 8.20
C PHE D 371 22.38 -15.62 7.24
N THR D 372 23.45 -16.27 6.76
CA THR D 372 23.35 -17.47 5.89
C THR D 372 22.61 -18.56 6.68
N THR D 373 23.16 -18.97 7.82
CA THR D 373 22.56 -20.00 8.70
C THR D 373 21.13 -19.60 9.08
N ARG D 374 20.92 -18.34 9.45
CA ARG D 374 19.58 -17.88 9.90
C ARG D 374 18.57 -18.11 8.78
N LEU D 375 18.90 -17.77 7.53
CA LEU D 375 17.98 -17.90 6.38
C LEU D 375 17.69 -19.38 6.15
N ILE D 376 18.74 -20.19 6.02
CA ILE D 376 18.62 -21.65 5.72
C ILE D 376 17.72 -22.30 6.78
N GLU D 377 18.07 -22.14 8.06
CA GLU D 377 17.40 -22.86 9.17
C GLU D 377 15.94 -22.40 9.29
N THR D 378 15.69 -21.10 9.28
CA THR D 378 14.31 -20.56 9.41
C THR D 378 13.46 -21.15 8.28
N GLU D 379 14.03 -21.29 7.09
CA GLU D 379 13.32 -21.83 5.89
C GLU D 379 13.13 -23.35 6.06
N GLU D 380 14.14 -24.08 6.56
CA GLU D 380 14.01 -25.55 6.76
C GLU D 380 12.91 -25.83 7.78
N LEU D 381 12.84 -25.02 8.85
CA LEU D 381 11.87 -25.22 9.97
C LEU D 381 10.42 -25.17 9.46
N LYS D 382 10.15 -24.42 8.40
CA LYS D 382 8.77 -24.25 7.84
C LYS D 382 8.24 -25.59 7.28
N SER D 383 9.12 -26.54 6.96
CA SER D 383 8.69 -27.88 6.46
C SER D 383 9.11 -28.98 7.44
N PHE D 384 9.50 -28.64 8.67
CA PHE D 384 9.69 -29.62 9.77
C PHE D 384 8.32 -30.13 10.20
N PRO D 385 8.25 -31.31 10.87
CA PRO D 385 6.97 -31.90 11.27
C PRO D 385 6.22 -31.24 12.43
N PHE D 386 6.00 -29.93 12.39
CA PHE D 386 5.26 -29.16 13.42
C PHE D 386 3.81 -29.67 13.51
N GLY D 387 3.24 -30.13 12.40
CA GLY D 387 1.89 -30.71 12.34
C GLY D 387 1.70 -31.87 13.31
N ALA D 388 2.71 -32.74 13.43
CA ALA D 388 2.67 -33.92 14.33
C ALA D 388 2.57 -33.44 15.79
N VAL D 389 3.25 -32.34 16.12
CA VAL D 389 3.22 -31.77 17.50
C VAL D 389 1.85 -31.13 17.72
N TRP D 390 1.35 -30.38 16.74
CA TRP D 390 0.00 -29.75 16.80
C TRP D 390 -1.05 -30.84 17.03
N ASP D 391 -1.01 -31.90 16.21
CA ASP D 391 -1.97 -33.03 16.27
C ASP D 391 -1.95 -33.62 17.68
N LYS D 392 -0.75 -33.82 18.23
CA LYS D 392 -0.56 -34.39 19.59
C LYS D 392 -1.24 -33.46 20.60
N PHE D 393 -1.04 -32.15 20.44
CA PHE D 393 -1.60 -31.12 21.35
C PHE D 393 -3.13 -31.21 21.30
N CYS D 394 -3.72 -31.34 20.11
CA CYS D 394 -5.18 -31.45 19.92
C CYS D 394 -5.69 -32.67 20.67
N GLN D 395 -5.05 -33.82 20.49
CA GLN D 395 -5.48 -35.14 21.04
C GLN D 395 -5.32 -35.15 22.57
N ASP D 396 -4.20 -34.64 23.09
CA ASP D 396 -3.89 -34.60 24.55
C ASP D 396 -4.96 -33.76 25.29
N HIS D 397 -5.53 -32.76 24.62
CA HIS D 397 -6.54 -31.84 25.21
C HIS D 397 -7.95 -32.21 24.73
N ASN D 398 -8.13 -33.47 24.31
CA ASN D 398 -9.46 -34.05 23.96
C ASN D 398 -10.18 -33.17 22.93
N THR D 399 -9.52 -32.85 21.81
CA THR D 399 -10.14 -32.16 20.66
C THR D 399 -9.85 -32.98 19.40
N PRO D 400 -10.74 -32.98 18.38
CA PRO D 400 -10.50 -33.76 17.18
C PRO D 400 -9.25 -33.29 16.40
N VAL D 401 -8.61 -34.21 15.69
CA VAL D 401 -7.34 -33.97 14.93
C VAL D 401 -7.67 -33.68 13.47
N GLY D 402 -6.99 -32.68 12.90
CA GLY D 402 -7.06 -32.31 11.47
C GLY D 402 -8.49 -32.14 11.01
N PHE D 403 -8.87 -32.83 9.93
CA PHE D 403 -10.20 -32.68 9.28
C PHE D 403 -11.32 -33.18 10.19
N ASP D 404 -11.01 -33.97 11.22
CA ASP D 404 -12.01 -34.73 12.02
C ASP D 404 -13.04 -33.80 12.68
N TRP D 405 -12.69 -32.55 12.99
CA TRP D 405 -13.62 -31.64 13.73
C TRP D 405 -14.74 -31.14 12.81
N MET D 406 -14.67 -31.39 11.51
CA MET D 406 -15.79 -31.09 10.58
C MET D 406 -16.98 -32.01 10.89
N ASN D 407 -16.71 -33.22 11.38
CA ASN D 407 -17.74 -34.19 11.82
C ASN D 407 -18.55 -33.54 12.94
N ASN D 408 -17.86 -32.89 13.89
CA ASN D 408 -18.52 -32.23 15.05
C ASN D 408 -19.40 -31.09 14.52
N ILE D 409 -18.89 -30.30 13.57
CA ILE D 409 -19.63 -29.15 12.99
C ILE D 409 -20.89 -29.67 12.27
N HIS D 410 -20.78 -30.76 11.51
CA HIS D 410 -21.93 -31.33 10.76
C HIS D 410 -23.00 -31.80 11.75
N GLN D 411 -22.58 -32.38 12.88
CA GLN D 411 -23.50 -32.89 13.94
C GLN D 411 -24.20 -31.68 14.57
N TYR D 412 -23.46 -30.61 14.87
CA TYR D 412 -24.02 -29.38 15.48
C TYR D 412 -24.97 -28.68 14.51
N GLU D 413 -24.69 -28.76 13.21
CA GLU D 413 -25.55 -28.16 12.15
C GLU D 413 -26.89 -28.90 12.11
N LYS D 414 -26.84 -30.23 12.08
CA LYS D 414 -28.04 -31.10 12.01
C LYS D 414 -28.91 -30.91 13.25
N ASP D 415 -28.27 -30.99 14.42
CA ASP D 415 -28.91 -31.07 15.76
C ASP D 415 -29.35 -29.69 16.26
N VAL D 416 -28.66 -28.61 15.87
CA VAL D 416 -28.94 -27.24 16.40
C VAL D 416 -29.12 -26.23 15.25
N GLN D 417 -28.05 -25.95 14.49
CA GLN D 417 -27.96 -24.73 13.65
C GLN D 417 -29.01 -24.75 12.52
N PHE D 418 -29.22 -25.89 11.85
CA PHE D 418 -30.15 -25.96 10.69
C PHE D 418 -31.61 -25.99 11.13
N LYS D 419 -31.89 -26.16 12.44
CA LYS D 419 -33.28 -26.17 12.98
C LYS D 419 -33.56 -24.88 13.74
N ARG D 420 -32.52 -24.22 14.23
CA ARG D 420 -32.63 -23.13 15.23
C ARG D 420 -33.64 -22.08 14.75
N ASP D 421 -33.56 -21.63 13.49
CA ASP D 421 -34.37 -20.48 13.00
C ASP D 421 -35.87 -20.70 13.24
N ALA D 422 -36.35 -21.95 13.17
CA ALA D 422 -37.79 -22.29 13.27
C ALA D 422 -38.18 -22.44 14.74
N LYS D 423 -37.21 -22.62 15.62
CA LYS D 423 -37.48 -22.80 17.06
C LYS D 423 -37.89 -21.44 17.63
N LEU D 424 -38.98 -21.41 18.39
CA LEU D 424 -39.47 -20.19 19.07
C LEU D 424 -38.38 -19.70 20.03
N VAL D 425 -37.96 -18.44 19.94
CA VAL D 425 -36.99 -17.90 20.94
C VAL D 425 -37.77 -17.71 22.25
N HIS D 426 -37.10 -17.87 23.39
CA HIS D 426 -37.68 -17.59 24.72
C HIS D 426 -36.58 -17.01 25.63
N GLY D 427 -36.88 -16.79 26.91
CA GLY D 427 -35.93 -16.19 27.87
C GLY D 427 -36.41 -14.83 28.34
MN MN E . -17.17 3.14 -11.96
MN MN F . -16.18 2.70 -6.62
MN MN G . 15.06 13.24 7.19
MN MN H . 14.65 9.91 2.97
MN MN I . 12.75 -10.76 -13.28
MN MN J . 13.52 -7.29 -9.15
MN MN K . -10.07 -5.27 17.70
MN MN L . -11.46 -4.88 12.36
#